data_4MGV
# 
_entry.id   4MGV 
# 
_audit_conform.dict_name       mmcif_pdbx.dic 
_audit_conform.dict_version    5.397 
_audit_conform.dict_location   http://mmcif.pdb.org/dictionaries/ascii/mmcif_pdbx.dic 
# 
loop_
_database_2.database_id 
_database_2.database_code 
_database_2.pdbx_database_accession 
_database_2.pdbx_DOI 
PDB   4MGV         pdb_00004mgv 10.2210/pdb4mgv/pdb 
RCSB  RCSB081894   ?            ?                   
WWPDB D_1000081894 ?            ?                   
# 
loop_
_pdbx_audit_revision_history.ordinal 
_pdbx_audit_revision_history.data_content_type 
_pdbx_audit_revision_history.major_revision 
_pdbx_audit_revision_history.minor_revision 
_pdbx_audit_revision_history.revision_date 
1 'Structure model' 1 0 2013-12-04 
2 'Structure model' 1 1 2019-12-25 
3 'Structure model' 1 2 2023-11-08 
4 'Structure model' 1 3 2024-10-16 
# 
_pdbx_audit_revision_details.ordinal             1 
_pdbx_audit_revision_details.revision_ordinal    1 
_pdbx_audit_revision_details.data_content_type   'Structure model' 
_pdbx_audit_revision_details.provider            repository 
_pdbx_audit_revision_details.type                'Initial release' 
_pdbx_audit_revision_details.description         ? 
_pdbx_audit_revision_details.details             ? 
# 
loop_
_pdbx_audit_revision_group.ordinal 
_pdbx_audit_revision_group.revision_ordinal 
_pdbx_audit_revision_group.data_content_type 
_pdbx_audit_revision_group.group 
1 2 'Structure model' 'Database references'    
2 3 'Structure model' 'Data collection'        
3 3 'Structure model' 'Database references'    
4 3 'Structure model' 'Derived calculations'   
5 3 'Structure model' 'Refinement description' 
6 4 'Structure model' 'Structure summary'      
# 
loop_
_pdbx_audit_revision_category.ordinal 
_pdbx_audit_revision_category.revision_ordinal 
_pdbx_audit_revision_category.data_content_type 
_pdbx_audit_revision_category.category 
1 2 'Structure model' citation                      
2 3 'Structure model' chem_comp_atom                
3 3 'Structure model' chem_comp_bond                
4 3 'Structure model' database_2                    
5 3 'Structure model' pdbx_initial_refinement_model 
6 3 'Structure model' struct_site                   
7 4 'Structure model' pdbx_entry_details            
8 4 'Structure model' pdbx_modification_feature     
# 
loop_
_pdbx_audit_revision_item.ordinal 
_pdbx_audit_revision_item.revision_ordinal 
_pdbx_audit_revision_item.data_content_type 
_pdbx_audit_revision_item.item 
1 2 'Structure model' '_citation.journal_abbrev'            
2 2 'Structure model' '_citation.pdbx_database_id_PubMed'   
3 2 'Structure model' '_citation.title'                     
4 3 'Structure model' '_database_2.pdbx_DOI'                
5 3 'Structure model' '_database_2.pdbx_database_accession' 
6 3 'Structure model' '_struct_site.pdbx_auth_asym_id'      
7 3 'Structure model' '_struct_site.pdbx_auth_comp_id'      
8 3 'Structure model' '_struct_site.pdbx_auth_seq_id'       
# 
_pdbx_database_status.status_code                     REL 
_pdbx_database_status.entry_id                        4MGV 
_pdbx_database_status.recvd_initial_deposition_date   2013-08-29 
_pdbx_database_status.deposit_site                    RCSB 
_pdbx_database_status.process_site                    PDBJ 
_pdbx_database_status.methods_development_category    ? 
_pdbx_database_status.status_code_sf                  REL 
_pdbx_database_status.status_code_mr                  ? 
_pdbx_database_status.SG_entry                        ? 
_pdbx_database_status.status_code_cs                  ? 
_pdbx_database_status.pdb_format_compatible           Y 
_pdbx_database_status.status_code_nmr_data            ? 
# 
loop_
_pdbx_database_related.db_name 
_pdbx_database_related.db_id 
_pdbx_database_related.details 
_pdbx_database_related.content_type 
PDB 3IHZ . unspecified 
PDB 4ITZ . unspecified 
PDB 4J4N . unspecified 
PDB 4J4O . unspecified 
# 
loop_
_audit_author.name 
_audit_author.pdbx_ordinal 
'Rajan, S.'       1 
'Harikishore, A.' 2 
'Yoon, H.S.'      3 
# 
_citation.id                        primary 
_citation.title                     'Adamantyl derivative as a potent inhibitor of Plasmodium FK506 binding protein 35.' 
_citation.journal_abbrev            'Acs Med.Chem.Lett.' 
_citation.journal_volume            4 
_citation.page_first                1097 
_citation.page_last                 1101 
_citation.year                      2013 
_citation.journal_id_ASTM           ? 
_citation.country                   US 
_citation.journal_id_ISSN           1948-5875 
_citation.journal_id_CSD            ? 
_citation.book_publisher            ? 
_citation.pdbx_database_id_PubMed   24900611 
_citation.pdbx_database_id_DOI      10.1021/ml400306r 
# 
loop_
_citation_author.citation_id 
_citation_author.name 
_citation_author.ordinal 
_citation_author.identifier_ORCID 
primary 'Harikishore, A.' 1 ? 
primary 'Leow, M.L.'      2 ? 
primary 'Niang, M.'       3 ? 
primary 'Rajan, S.'       4 ? 
primary 'Pasunooti, K.K.' 5 ? 
primary 'Preiser, P.R.'   6 ? 
primary 'Liu, X.'         7 ? 
primary 'Yoon, H.S.'      8 ? 
# 
loop_
_entity.id 
_entity.type 
_entity.src_method 
_entity.pdbx_description 
_entity.formula_weight 
_entity.pdbx_number_of_molecules 
_entity.pdbx_ec 
_entity.pdbx_mutation 
_entity.pdbx_fragment 
_entity.details 
1 polymer     man '70 kDa peptidylprolyl isomerase, putative'         13971.687 1   5.2.1.8 ? 
'FK506 BINDING DOMAIN, UNP RESIDUES 1-126' ? 
2 non-polymer syn "N'-(1-adamantylcarbonyl)pyridine-4-carbohydrazide" 299.368   1   ?       ? ? ? 
3 water       nat water                                               18.015    126 ?       ? ? ? 
# 
_entity_poly.entity_id                      1 
_entity_poly.type                           'polypeptide(L)' 
_entity_poly.nstd_linkage                   no 
_entity_poly.nstd_monomer                   no 
_entity_poly.pdbx_seq_one_letter_code       
;MEQETLEQVHLTEDGGVVKTILRKGEGGEENAPKKGNEVTVHYVGKLESSGKVFDSSRERNVPFKFHLGQGEVIKGWDIC
VASMTKNEKCSVRLDSKYGYGEEGCGESIPGNSVLIFEIELISFRE
;
_entity_poly.pdbx_seq_one_letter_code_can   
;MEQETLEQVHLTEDGGVVKTILRKGEGGEENAPKKGNEVTVHYVGKLESSGKVFDSSRERNVPFKFHLGQGEVIKGWDIC
VASMTKNEKCSVRLDSKYGYGEEGCGESIPGNSVLIFEIELISFRE
;
_entity_poly.pdbx_strand_id                 A 
_entity_poly.pdbx_target_identifier         ? 
# 
loop_
_pdbx_entity_nonpoly.entity_id 
_pdbx_entity_nonpoly.name 
_pdbx_entity_nonpoly.comp_id 
2 "N'-(1-adamantylcarbonyl)pyridine-4-carbohydrazide" D5I 
3 water                                               HOH 
# 
loop_
_entity_poly_seq.entity_id 
_entity_poly_seq.num 
_entity_poly_seq.mon_id 
_entity_poly_seq.hetero 
1 1   MET n 
1 2   GLU n 
1 3   GLN n 
1 4   GLU n 
1 5   THR n 
1 6   LEU n 
1 7   GLU n 
1 8   GLN n 
1 9   VAL n 
1 10  HIS n 
1 11  LEU n 
1 12  THR n 
1 13  GLU n 
1 14  ASP n 
1 15  GLY n 
1 16  GLY n 
1 17  VAL n 
1 18  VAL n 
1 19  LYS n 
1 20  THR n 
1 21  ILE n 
1 22  LEU n 
1 23  ARG n 
1 24  LYS n 
1 25  GLY n 
1 26  GLU n 
1 27  GLY n 
1 28  GLY n 
1 29  GLU n 
1 30  GLU n 
1 31  ASN n 
1 32  ALA n 
1 33  PRO n 
1 34  LYS n 
1 35  LYS n 
1 36  GLY n 
1 37  ASN n 
1 38  GLU n 
1 39  VAL n 
1 40  THR n 
1 41  VAL n 
1 42  HIS n 
1 43  TYR n 
1 44  VAL n 
1 45  GLY n 
1 46  LYS n 
1 47  LEU n 
1 48  GLU n 
1 49  SER n 
1 50  SER n 
1 51  GLY n 
1 52  LYS n 
1 53  VAL n 
1 54  PHE n 
1 55  ASP n 
1 56  SER n 
1 57  SER n 
1 58  ARG n 
1 59  GLU n 
1 60  ARG n 
1 61  ASN n 
1 62  VAL n 
1 63  PRO n 
1 64  PHE n 
1 65  LYS n 
1 66  PHE n 
1 67  HIS n 
1 68  LEU n 
1 69  GLY n 
1 70  GLN n 
1 71  GLY n 
1 72  GLU n 
1 73  VAL n 
1 74  ILE n 
1 75  LYS n 
1 76  GLY n 
1 77  TRP n 
1 78  ASP n 
1 79  ILE n 
1 80  CYS n 
1 81  VAL n 
1 82  ALA n 
1 83  SER n 
1 84  MET n 
1 85  THR n 
1 86  LYS n 
1 87  ASN n 
1 88  GLU n 
1 89  LYS n 
1 90  CYS n 
1 91  SER n 
1 92  VAL n 
1 93  ARG n 
1 94  LEU n 
1 95  ASP n 
1 96  SER n 
1 97  LYS n 
1 98  TYR n 
1 99  GLY n 
1 100 TYR n 
1 101 GLY n 
1 102 GLU n 
1 103 GLU n 
1 104 GLY n 
1 105 CYS n 
1 106 GLY n 
1 107 GLU n 
1 108 SER n 
1 109 ILE n 
1 110 PRO n 
1 111 GLY n 
1 112 ASN n 
1 113 SER n 
1 114 VAL n 
1 115 LEU n 
1 116 ILE n 
1 117 PHE n 
1 118 GLU n 
1 119 ILE n 
1 120 GLU n 
1 121 LEU n 
1 122 ILE n 
1 123 SER n 
1 124 PHE n 
1 125 ARG n 
1 126 GLU n 
# 
_entity_src_gen.entity_id                          1 
_entity_src_gen.pdbx_src_id                        1 
_entity_src_gen.pdbx_alt_source_flag               sample 
_entity_src_gen.pdbx_seq_type                      ? 
_entity_src_gen.pdbx_beg_seq_num                   ? 
_entity_src_gen.pdbx_end_seq_num                   ? 
_entity_src_gen.gene_src_common_name               ? 
_entity_src_gen.gene_src_genus                     ? 
_entity_src_gen.pdbx_gene_src_gene                 PVX_101260 
_entity_src_gen.gene_src_species                   ? 
_entity_src_gen.gene_src_strain                    'Salvador I' 
_entity_src_gen.gene_src_tissue                    ? 
_entity_src_gen.gene_src_tissue_fraction           ? 
_entity_src_gen.gene_src_details                   ? 
_entity_src_gen.pdbx_gene_src_fragment             ? 
_entity_src_gen.pdbx_gene_src_scientific_name      'Plasmodium vivax' 
_entity_src_gen.pdbx_gene_src_ncbi_taxonomy_id     126793 
_entity_src_gen.pdbx_gene_src_variant              ? 
_entity_src_gen.pdbx_gene_src_cell_line            ? 
_entity_src_gen.pdbx_gene_src_atcc                 ? 
_entity_src_gen.pdbx_gene_src_organ                ? 
_entity_src_gen.pdbx_gene_src_organelle            ? 
_entity_src_gen.pdbx_gene_src_cell                 ? 
_entity_src_gen.pdbx_gene_src_cellular_location    ? 
_entity_src_gen.host_org_common_name               ? 
_entity_src_gen.pdbx_host_org_scientific_name      'Escherichia coli' 
_entity_src_gen.pdbx_host_org_ncbi_taxonomy_id     562 
_entity_src_gen.host_org_genus                     ? 
_entity_src_gen.pdbx_host_org_gene                 ? 
_entity_src_gen.pdbx_host_org_organ                ? 
_entity_src_gen.host_org_species                   ? 
_entity_src_gen.pdbx_host_org_tissue               ? 
_entity_src_gen.pdbx_host_org_tissue_fraction      ? 
_entity_src_gen.pdbx_host_org_strain               'BL21(DE3)' 
_entity_src_gen.pdbx_host_org_variant              ? 
_entity_src_gen.pdbx_host_org_cell_line            ? 
_entity_src_gen.pdbx_host_org_atcc                 ? 
_entity_src_gen.pdbx_host_org_culture_collection   ? 
_entity_src_gen.pdbx_host_org_cell                 ? 
_entity_src_gen.pdbx_host_org_organelle            ? 
_entity_src_gen.pdbx_host_org_cellular_location    ? 
_entity_src_gen.pdbx_host_org_vector_type          PLASMID 
_entity_src_gen.pdbx_host_org_vector               ? 
_entity_src_gen.host_org_details                   ? 
_entity_src_gen.expression_system_id               ? 
_entity_src_gen.plasmid_name                       pETSUMO 
_entity_src_gen.plasmid_details                    ? 
_entity_src_gen.pdbx_description                   ? 
# 
loop_
_chem_comp.id 
_chem_comp.type 
_chem_comp.mon_nstd_flag 
_chem_comp.name 
_chem_comp.pdbx_synonyms 
_chem_comp.formula 
_chem_comp.formula_weight 
ALA 'L-peptide linking' y ALANINE                                             ? 'C3 H7 N O2'     89.093  
ARG 'L-peptide linking' y ARGININE                                            ? 'C6 H15 N4 O2 1' 175.209 
ASN 'L-peptide linking' y ASPARAGINE                                          ? 'C4 H8 N2 O3'    132.118 
ASP 'L-peptide linking' y 'ASPARTIC ACID'                                     ? 'C4 H7 N O4'     133.103 
CYS 'L-peptide linking' y CYSTEINE                                            ? 'C3 H7 N O2 S'   121.158 
D5I non-polymer         . "N'-(1-adamantylcarbonyl)pyridine-4-carbohydrazide" ? 'C17 H21 N3 O2'  299.368 
GLN 'L-peptide linking' y GLUTAMINE                                           ? 'C5 H10 N2 O3'   146.144 
GLU 'L-peptide linking' y 'GLUTAMIC ACID'                                     ? 'C5 H9 N O4'     147.129 
GLY 'peptide linking'   y GLYCINE                                             ? 'C2 H5 N O2'     75.067  
HIS 'L-peptide linking' y HISTIDINE                                           ? 'C6 H10 N3 O2 1' 156.162 
HOH non-polymer         . WATER                                               ? 'H2 O'           18.015  
ILE 'L-peptide linking' y ISOLEUCINE                                          ? 'C6 H13 N O2'    131.173 
LEU 'L-peptide linking' y LEUCINE                                             ? 'C6 H13 N O2'    131.173 
LYS 'L-peptide linking' y LYSINE                                              ? 'C6 H15 N2 O2 1' 147.195 
MET 'L-peptide linking' y METHIONINE                                          ? 'C5 H11 N O2 S'  149.211 
PHE 'L-peptide linking' y PHENYLALANINE                                       ? 'C9 H11 N O2'    165.189 
PRO 'L-peptide linking' y PROLINE                                             ? 'C5 H9 N O2'     115.130 
SER 'L-peptide linking' y SERINE                                              ? 'C3 H7 N O3'     105.093 
THR 'L-peptide linking' y THREONINE                                           ? 'C4 H9 N O3'     119.119 
TRP 'L-peptide linking' y TRYPTOPHAN                                          ? 'C11 H12 N2 O2'  204.225 
TYR 'L-peptide linking' y TYROSINE                                            ? 'C9 H11 N O3'    181.189 
VAL 'L-peptide linking' y VALINE                                              ? 'C5 H11 N O2'    117.146 
# 
loop_
_pdbx_poly_seq_scheme.asym_id 
_pdbx_poly_seq_scheme.entity_id 
_pdbx_poly_seq_scheme.seq_id 
_pdbx_poly_seq_scheme.mon_id 
_pdbx_poly_seq_scheme.ndb_seq_num 
_pdbx_poly_seq_scheme.pdb_seq_num 
_pdbx_poly_seq_scheme.auth_seq_num 
_pdbx_poly_seq_scheme.pdb_mon_id 
_pdbx_poly_seq_scheme.auth_mon_id 
_pdbx_poly_seq_scheme.pdb_strand_id 
_pdbx_poly_seq_scheme.pdb_ins_code 
_pdbx_poly_seq_scheme.hetero 
A 1 1   MET 1   1   ?   ?   ?   A . n 
A 1 2   GLU 2   2   ?   ?   ?   A . n 
A 1 3   GLN 3   3   ?   ?   ?   A . n 
A 1 4   GLU 4   4   ?   ?   ?   A . n 
A 1 5   THR 5   5   5   THR THR A . n 
A 1 6   LEU 6   6   6   LEU LEU A . n 
A 1 7   GLU 7   7   7   GLU GLU A . n 
A 1 8   GLN 8   8   8   GLN GLN A . n 
A 1 9   VAL 9   9   9   VAL VAL A . n 
A 1 10  HIS 10  10  10  HIS HIS A . n 
A 1 11  LEU 11  11  11  LEU LEU A . n 
A 1 12  THR 12  12  12  THR THR A . n 
A 1 13  GLU 13  13  13  GLU GLU A . n 
A 1 14  ASP 14  14  14  ASP ASP A . n 
A 1 15  GLY 15  15  15  GLY GLY A . n 
A 1 16  GLY 16  16  16  GLY GLY A . n 
A 1 17  VAL 17  17  17  VAL VAL A . n 
A 1 18  VAL 18  18  18  VAL VAL A . n 
A 1 19  LYS 19  19  19  LYS LYS A . n 
A 1 20  THR 20  20  20  THR THR A . n 
A 1 21  ILE 21  21  21  ILE ILE A . n 
A 1 22  LEU 22  22  22  LEU LEU A . n 
A 1 23  ARG 23  23  23  ARG ARG A . n 
A 1 24  LYS 24  24  24  LYS LYS A . n 
A 1 25  GLY 25  25  25  GLY GLY A . n 
A 1 26  GLU 26  26  26  GLU GLU A . n 
A 1 27  GLY 27  27  27  GLY GLY A . n 
A 1 28  GLY 28  28  28  GLY GLY A . n 
A 1 29  GLU 29  29  29  GLU GLU A . n 
A 1 30  GLU 30  30  30  GLU GLU A . n 
A 1 31  ASN 31  31  31  ASN ASN A . n 
A 1 32  ALA 32  32  32  ALA ALA A . n 
A 1 33  PRO 33  33  33  PRO PRO A . n 
A 1 34  LYS 34  34  34  LYS LYS A . n 
A 1 35  LYS 35  35  35  LYS LYS A . n 
A 1 36  GLY 36  36  36  GLY GLY A . n 
A 1 37  ASN 37  37  37  ASN ASN A . n 
A 1 38  GLU 38  38  38  GLU GLU A . n 
A 1 39  VAL 39  39  39  VAL VAL A . n 
A 1 40  THR 40  40  40  THR THR A . n 
A 1 41  VAL 41  41  41  VAL VAL A . n 
A 1 42  HIS 42  42  42  HIS HIS A . n 
A 1 43  TYR 43  43  43  TYR TYR A . n 
A 1 44  VAL 44  44  44  VAL VAL A . n 
A 1 45  GLY 45  45  45  GLY GLY A . n 
A 1 46  LYS 46  46  46  LYS LYS A . n 
A 1 47  LEU 47  47  47  LEU LEU A . n 
A 1 48  GLU 48  48  48  GLU GLU A . n 
A 1 49  SER 49  49  49  SER SER A . n 
A 1 50  SER 50  50  50  SER SER A . n 
A 1 51  GLY 51  51  51  GLY GLY A . n 
A 1 52  LYS 52  52  52  LYS LYS A . n 
A 1 53  VAL 53  53  53  VAL VAL A . n 
A 1 54  PHE 54  54  54  PHE PHE A . n 
A 1 55  ASP 55  55  55  ASP ASP A . n 
A 1 56  SER 56  56  56  SER SER A . n 
A 1 57  SER 57  57  57  SER SER A . n 
A 1 58  ARG 58  58  58  ARG ARG A . n 
A 1 59  GLU 59  59  59  GLU GLU A . n 
A 1 60  ARG 60  60  60  ARG ARG A . n 
A 1 61  ASN 61  61  61  ASN ASN A . n 
A 1 62  VAL 62  62  62  VAL VAL A . n 
A 1 63  PRO 63  63  63  PRO PRO A . n 
A 1 64  PHE 64  64  64  PHE PHE A . n 
A 1 65  LYS 65  65  65  LYS LYS A . n 
A 1 66  PHE 66  66  66  PHE PHE A . n 
A 1 67  HIS 67  67  67  HIS HIS A . n 
A 1 68  LEU 68  68  68  LEU LEU A . n 
A 1 69  GLY 69  69  69  GLY GLY A . n 
A 1 70  GLN 70  70  70  GLN GLN A . n 
A 1 71  GLY 71  71  71  GLY GLY A . n 
A 1 72  GLU 72  72  72  GLU GLU A . n 
A 1 73  VAL 73  73  73  VAL VAL A . n 
A 1 74  ILE 74  74  74  ILE ILE A . n 
A 1 75  LYS 75  75  75  LYS LYS A . n 
A 1 76  GLY 76  76  76  GLY GLY A . n 
A 1 77  TRP 77  77  77  TRP TRP A . n 
A 1 78  ASP 78  78  78  ASP ASP A . n 
A 1 79  ILE 79  79  79  ILE ILE A . n 
A 1 80  CYS 80  80  80  CYS CYS A . n 
A 1 81  VAL 81  81  81  VAL VAL A . n 
A 1 82  ALA 82  82  82  ALA ALA A . n 
A 1 83  SER 83  83  83  SER SER A . n 
A 1 84  MET 84  84  84  MET MET A . n 
A 1 85  THR 85  85  85  THR THR A . n 
A 1 86  LYS 86  86  86  LYS LYS A . n 
A 1 87  ASN 87  87  87  ASN ASN A . n 
A 1 88  GLU 88  88  88  GLU GLU A . n 
A 1 89  LYS 89  89  89  LYS LYS A . n 
A 1 90  CYS 90  90  90  CYS CYS A . n 
A 1 91  SER 91  91  91  SER SER A . n 
A 1 92  VAL 92  92  92  VAL VAL A . n 
A 1 93  ARG 93  93  93  ARG ARG A . n 
A 1 94  LEU 94  94  94  LEU LEU A . n 
A 1 95  ASP 95  95  95  ASP ASP A . n 
A 1 96  SER 96  96  96  SER SER A . n 
A 1 97  LYS 97  97  97  LYS LYS A . n 
A 1 98  TYR 98  98  98  TYR TYR A . n 
A 1 99  GLY 99  99  99  GLY GLY A . n 
A 1 100 TYR 100 100 100 TYR TYR A . n 
A 1 101 GLY 101 101 101 GLY GLY A . n 
A 1 102 GLU 102 102 102 GLU GLU A . n 
A 1 103 GLU 103 103 103 GLU GLU A . n 
A 1 104 GLY 104 104 104 GLY GLY A . n 
A 1 105 CYS 105 105 105 CYS CYS A . n 
A 1 106 GLY 106 106 106 GLY GLY A . n 
A 1 107 GLU 107 107 107 GLU GLU A . n 
A 1 108 SER 108 108 108 SER SER A . n 
A 1 109 ILE 109 109 109 ILE ILE A . n 
A 1 110 PRO 110 110 110 PRO PRO A . n 
A 1 111 GLY 111 111 111 GLY GLY A . n 
A 1 112 ASN 112 112 112 ASN ASN A . n 
A 1 113 SER 113 113 113 SER SER A . n 
A 1 114 VAL 114 114 114 VAL VAL A . n 
A 1 115 LEU 115 115 115 LEU LEU A . n 
A 1 116 ILE 116 116 116 ILE ILE A . n 
A 1 117 PHE 117 117 117 PHE PHE A . n 
A 1 118 GLU 118 118 118 GLU GLU A . n 
A 1 119 ILE 119 119 119 ILE ILE A . n 
A 1 120 GLU 120 120 120 GLU GLU A . n 
A 1 121 LEU 121 121 121 LEU LEU A . n 
A 1 122 ILE 122 122 122 ILE ILE A . n 
A 1 123 SER 123 123 123 SER SER A . n 
A 1 124 PHE 124 124 124 PHE PHE A . n 
A 1 125 ARG 125 125 125 ARG ARG A . n 
A 1 126 GLU 126 126 126 GLU GLU A . n 
# 
loop_
_pdbx_nonpoly_scheme.asym_id 
_pdbx_nonpoly_scheme.entity_id 
_pdbx_nonpoly_scheme.mon_id 
_pdbx_nonpoly_scheme.ndb_seq_num 
_pdbx_nonpoly_scheme.pdb_seq_num 
_pdbx_nonpoly_scheme.auth_seq_num 
_pdbx_nonpoly_scheme.pdb_mon_id 
_pdbx_nonpoly_scheme.auth_mon_id 
_pdbx_nonpoly_scheme.pdb_strand_id 
_pdbx_nonpoly_scheme.pdb_ins_code 
B 2 D5I 1   201 1   D5I D5  A . 
C 3 HOH 1   301 1   HOH HOH A . 
C 3 HOH 2   302 2   HOH HOH A . 
C 3 HOH 3   303 3   HOH HOH A . 
C 3 HOH 4   304 5   HOH HOH A . 
C 3 HOH 5   305 6   HOH HOH A . 
C 3 HOH 6   306 7   HOH HOH A . 
C 3 HOH 7   307 8   HOH HOH A . 
C 3 HOH 8   308 9   HOH HOH A . 
C 3 HOH 9   309 10  HOH HOH A . 
C 3 HOH 10  310 11  HOH HOH A . 
C 3 HOH 11  311 12  HOH HOH A . 
C 3 HOH 12  312 13  HOH HOH A . 
C 3 HOH 13  313 14  HOH HOH A . 
C 3 HOH 14  314 15  HOH HOH A . 
C 3 HOH 15  315 16  HOH HOH A . 
C 3 HOH 16  316 17  HOH HOH A . 
C 3 HOH 17  317 19  HOH HOH A . 
C 3 HOH 18  318 22  HOH HOH A . 
C 3 HOH 19  319 23  HOH HOH A . 
C 3 HOH 20  320 24  HOH HOH A . 
C 3 HOH 21  321 25  HOH HOH A . 
C 3 HOH 22  322 26  HOH HOH A . 
C 3 HOH 23  323 27  HOH HOH A . 
C 3 HOH 24  324 28  HOH HOH A . 
C 3 HOH 25  325 31  HOH HOH A . 
C 3 HOH 26  326 32  HOH HOH A . 
C 3 HOH 27  327 34  HOH HOH A . 
C 3 HOH 28  328 35  HOH HOH A . 
C 3 HOH 29  329 36  HOH HOH A . 
C 3 HOH 30  330 37  HOH HOH A . 
C 3 HOH 31  331 38  HOH HOH A . 
C 3 HOH 32  332 39  HOH HOH A . 
C 3 HOH 33  333 40  HOH HOH A . 
C 3 HOH 34  334 42  HOH HOH A . 
C 3 HOH 35  335 43  HOH HOH A . 
C 3 HOH 36  336 44  HOH HOH A . 
C 3 HOH 37  337 45  HOH HOH A . 
C 3 HOH 38  338 49  HOH HOH A . 
C 3 HOH 39  339 53  HOH HOH A . 
C 3 HOH 40  340 55  HOH HOH A . 
C 3 HOH 41  341 56  HOH HOH A . 
C 3 HOH 42  342 57  HOH HOH A . 
C 3 HOH 43  343 60  HOH HOH A . 
C 3 HOH 44  344 61  HOH HOH A . 
C 3 HOH 45  345 62  HOH HOH A . 
C 3 HOH 46  346 63  HOH HOH A . 
C 3 HOH 47  347 64  HOH HOH A . 
C 3 HOH 48  348 65  HOH HOH A . 
C 3 HOH 49  349 66  HOH HOH A . 
C 3 HOH 50  350 67  HOH HOH A . 
C 3 HOH 51  351 68  HOH HOH A . 
C 3 HOH 52  352 69  HOH HOH A . 
C 3 HOH 53  353 73  HOH HOH A . 
C 3 HOH 54  354 74  HOH HOH A . 
C 3 HOH 55  355 76  HOH HOH A . 
C 3 HOH 56  356 78  HOH HOH A . 
C 3 HOH 57  357 79  HOH HOH A . 
C 3 HOH 58  358 82  HOH HOH A . 
C 3 HOH 59  359 83  HOH HOH A . 
C 3 HOH 60  360 85  HOH HOH A . 
C 3 HOH 61  361 87  HOH HOH A . 
C 3 HOH 62  362 90  HOH HOH A . 
C 3 HOH 63  363 92  HOH HOH A . 
C 3 HOH 64  364 95  HOH HOH A . 
C 3 HOH 65  365 100 HOH HOH A . 
C 3 HOH 66  366 106 HOH HOH A . 
C 3 HOH 67  367 109 HOH HOH A . 
C 3 HOH 68  368 114 HOH HOH A . 
C 3 HOH 69  369 117 HOH HOH A . 
C 3 HOH 70  370 119 HOH HOH A . 
C 3 HOH 71  371 122 HOH HOH A . 
C 3 HOH 72  372 140 HOH HOH A . 
C 3 HOH 73  373 141 HOH HOH A . 
C 3 HOH 74  374 142 HOH HOH A . 
C 3 HOH 75  375 143 HOH HOH A . 
C 3 HOH 76  376 144 HOH HOH A . 
C 3 HOH 77  377 145 HOH HOH A . 
C 3 HOH 78  378 147 HOH HOH A . 
C 3 HOH 79  379 148 HOH HOH A . 
C 3 HOH 80  380 149 HOH HOH A . 
C 3 HOH 81  381 150 HOH HOH A . 
C 3 HOH 82  382 151 HOH HOH A . 
C 3 HOH 83  383 152 HOH HOH A . 
C 3 HOH 84  384 153 HOH HOH A . 
C 3 HOH 85  385 154 HOH HOH A . 
C 3 HOH 86  386 155 HOH HOH A . 
C 3 HOH 87  387 157 HOH HOH A . 
C 3 HOH 88  388 158 HOH HOH A . 
C 3 HOH 89  389 159 HOH HOH A . 
C 3 HOH 90  390 160 HOH HOH A . 
C 3 HOH 91  391 161 HOH HOH A . 
C 3 HOH 92  392 162 HOH HOH A . 
C 3 HOH 93  393 163 HOH HOH A . 
C 3 HOH 94  394 164 HOH HOH A . 
C 3 HOH 95  395 165 HOH HOH A . 
C 3 HOH 96  396 166 HOH HOH A . 
C 3 HOH 97  397 167 HOH HOH A . 
C 3 HOH 98  398 168 HOH HOH A . 
C 3 HOH 99  399 169 HOH HOH A . 
C 3 HOH 100 400 170 HOH HOH A . 
C 3 HOH 101 401 171 HOH HOH A . 
C 3 HOH 102 402 172 HOH HOH A . 
C 3 HOH 103 403 174 HOH HOH A . 
C 3 HOH 104 404 176 HOH HOH A . 
C 3 HOH 105 405 177 HOH HOH A . 
C 3 HOH 106 406 178 HOH HOH A . 
C 3 HOH 107 407 179 HOH HOH A . 
C 3 HOH 108 408 180 HOH HOH A . 
C 3 HOH 109 409 181 HOH HOH A . 
C 3 HOH 110 410 182 HOH HOH A . 
C 3 HOH 111 411 183 HOH HOH A . 
C 3 HOH 112 412 184 HOH HOH A . 
C 3 HOH 113 413 185 HOH HOH A . 
C 3 HOH 114 414 186 HOH HOH A . 
C 3 HOH 115 415 187 HOH HOH A . 
C 3 HOH 116 416 188 HOH HOH A . 
C 3 HOH 117 417 189 HOH HOH A . 
C 3 HOH 118 418 190 HOH HOH A . 
C 3 HOH 119 419 191 HOH HOH A . 
C 3 HOH 120 420 192 HOH HOH A . 
C 3 HOH 121 421 193 HOH HOH A . 
C 3 HOH 122 422 194 HOH HOH A . 
C 3 HOH 123 423 195 HOH HOH A . 
C 3 HOH 124 424 196 HOH HOH A . 
C 3 HOH 125 425 197 HOH HOH A . 
C 3 HOH 126 426 198 HOH HOH A . 
# 
loop_
_software.name 
_software.classification 
_software.version 
_software.citation_id 
_software.pdbx_ordinal 
PHASER phasing          .        ? 1 
REFMAC refinement       5.5.0109 ? 2 
MOSFLM 'data reduction' .        ? 3 
SCALA  'data scaling'   .        ? 4 
# 
_cell.entry_id           4MGV 
_cell.length_a           51.450 
_cell.length_b           46.010 
_cell.length_c           55.100 
_cell.angle_alpha        90.00 
_cell.angle_beta         117.37 
_cell.angle_gamma        90.00 
_cell.Z_PDB              4 
_cell.pdbx_unique_axis   ? 
_cell.length_a_esd       ? 
_cell.length_b_esd       ? 
_cell.length_c_esd       ? 
_cell.angle_alpha_esd    ? 
_cell.angle_beta_esd     ? 
_cell.angle_gamma_esd    ? 
# 
_symmetry.entry_id                         4MGV 
_symmetry.space_group_name_H-M             'I 1 2 1' 
_symmetry.pdbx_full_space_group_name_H-M   ? 
_symmetry.cell_setting                     ? 
_symmetry.Int_Tables_number                5 
_symmetry.space_group_name_Hall            ? 
# 
_exptl.entry_id          4MGV 
_exptl.method            'X-RAY DIFFRACTION' 
_exptl.crystals_number   1 
# 
_exptl_crystal.id                    1 
_exptl_crystal.density_meas          ? 
_exptl_crystal.density_Matthews      2.07 
_exptl_crystal.density_percent_sol   40.65 
_exptl_crystal.description           ? 
_exptl_crystal.F_000                 ? 
_exptl_crystal.preparation           ? 
# 
_exptl_crystal_grow.crystal_id      1 
_exptl_crystal_grow.method          'VAPOR DIFFUSION, HANGING DROP' 
_exptl_crystal_grow.temp            291 
_exptl_crystal_grow.temp_details    ? 
_exptl_crystal_grow.pH              9.0 
_exptl_crystal_grow.pdbx_details    
'3.0M AMMONIUM SULPHATE, 0.1M BICINE, pH 9.0, 30mM Glycl-Glycl-Glycine, VAPOR DIFFUSION, HANGING DROP, temperature 291K' 
_exptl_crystal_grow.pdbx_pH_range   . 
# 
_diffrn.id                     1 
_diffrn.ambient_temp           100 
_diffrn.ambient_temp_details   ? 
_diffrn.crystal_id             1 
# 
_diffrn_detector.diffrn_id              1 
_diffrn_detector.detector               'IMAGE PLATE' 
_diffrn_detector.type                   'RIGAKU RAXIS IV++' 
_diffrn_detector.pdbx_collection_date   2011-11-10 
_diffrn_detector.details                MIRRORS 
# 
_diffrn_radiation.diffrn_id                        1 
_diffrn_radiation.wavelength_id                    1 
_diffrn_radiation.pdbx_monochromatic_or_laue_m_l   M 
_diffrn_radiation.monochromator                    ? 
_diffrn_radiation.pdbx_diffrn_protocol             'SINGLE WAVELENGTH' 
_diffrn_radiation.pdbx_scattering_type             x-ray 
# 
_diffrn_radiation_wavelength.id           1 
_diffrn_radiation_wavelength.wavelength   1.5418 
_diffrn_radiation_wavelength.wt           1.0 
# 
_diffrn_source.diffrn_id                   1 
_diffrn_source.source                      'ROTATING ANODE' 
_diffrn_source.type                        'RIGAKU MICROMAX-007 HF' 
_diffrn_source.pdbx_synchrotron_site       ? 
_diffrn_source.pdbx_synchrotron_beamline   ? 
_diffrn_source.pdbx_wavelength             ? 
_diffrn_source.pdbx_wavelength_list        1.5418 
# 
_reflns.entry_id                     4MGV 
_reflns.observed_criterion_sigma_I   ? 
_reflns.observed_criterion_sigma_F   ? 
_reflns.d_resolution_low             33.52 
_reflns.d_resolution_high            1.72 
_reflns.number_obs                   12119 
_reflns.number_all                   ? 
_reflns.percent_possible_obs         99.0 
_reflns.pdbx_Rmerge_I_obs            0.034 
_reflns.pdbx_Rsym_value              ? 
_reflns.pdbx_netI_over_sigmaI        18.3 
_reflns.B_iso_Wilson_estimate        ? 
_reflns.pdbx_redundancy              3.5 
_reflns.R_free_details               ? 
_reflns.limit_h_max                  ? 
_reflns.limit_h_min                  ? 
_reflns.limit_k_max                  ? 
_reflns.limit_k_min                  ? 
_reflns.limit_l_max                  ? 
_reflns.limit_l_min                  ? 
_reflns.observed_criterion_F_max     ? 
_reflns.observed_criterion_F_min     ? 
_reflns.pdbx_chi_squared             ? 
_reflns.pdbx_scaling_rejects         ? 
_reflns.pdbx_ordinal                 1 
_reflns.pdbx_diffrn_id               1 
# 
_reflns_shell.d_res_high                  1.72 
_reflns_shell.d_res_low                   1.81 
_reflns_shell.percent_possible_all        94.1 
_reflns_shell.Rmerge_I_obs                0.162 
_reflns_shell.pdbx_Rsym_value             ? 
_reflns_shell.meanI_over_sigI_obs         5.0 
_reflns_shell.pdbx_redundancy             2.9 
_reflns_shell.percent_possible_obs        ? 
_reflns_shell.number_unique_all           1662 
_reflns_shell.number_measured_all         ? 
_reflns_shell.number_measured_obs         ? 
_reflns_shell.number_unique_obs           ? 
_reflns_shell.pdbx_chi_squared            ? 
_reflns_shell.pdbx_rejects                ? 
_reflns_shell.pdbx_netI_over_sigmaI_obs   ? 
_reflns_shell.number_possible             ? 
_reflns_shell.Rmerge_F_all                ? 
_reflns_shell.Rmerge_F_obs                ? 
_reflns_shell.Rmerge_I_all                ? 
_reflns_shell.meanI_over_sigI_all         ? 
_reflns_shell.pdbx_Rrim_I_all             ? 
_reflns_shell.pdbx_Rpim_I_all             ? 
_reflns_shell.pdbx_ordinal                1 
_reflns_shell.pdbx_diffrn_id              1 
# 
_refine.entry_id                                 4MGV 
_refine.ls_number_reflns_obs                     11028 
_refine.ls_number_reflns_all                     ? 
_refine.pdbx_ls_sigma_I                          ? 
_refine.pdbx_ls_sigma_F                          . 
_refine.pdbx_data_cutoff_high_absF               ? 
_refine.pdbx_data_cutoff_low_absF                ? 
_refine.pdbx_data_cutoff_high_rms_absF           ? 
_refine.ls_d_res_low                             20.00 
_refine.ls_d_res_high                            1.72 
_refine.ls_percent_reflns_obs                    98.86 
_refine.ls_R_factor_obs                          0.20318 
_refine.ls_R_factor_all                          ? 
_refine.ls_R_factor_R_work                       0.19997 
_refine.ls_R_factor_R_free                       0.23529 
_refine.ls_R_factor_R_free_error                 ? 
_refine.ls_R_factor_R_free_error_details         ? 
_refine.ls_percent_reflns_R_free                 8.8 
_refine.ls_number_reflns_R_free                  1070 
_refine.ls_number_parameters                     ? 
_refine.ls_number_restraints                     ? 
_refine.occupancy_min                            ? 
_refine.occupancy_max                            ? 
_refine.correlation_coeff_Fo_to_Fc               0.962 
_refine.correlation_coeff_Fo_to_Fc_free          0.957 
_refine.B_iso_mean                               30.681 
_refine.aniso_B[1][1]                            -0.44 
_refine.aniso_B[2][2]                            1.68 
_refine.aniso_B[3][3]                            -0.83 
_refine.aniso_B[1][2]                            0.00 
_refine.aniso_B[1][3]                            0.45 
_refine.aniso_B[2][3]                            0.00 
_refine.solvent_model_details                    MASK 
_refine.solvent_model_param_ksol                 ? 
_refine.solvent_model_param_bsol                 ? 
_refine.pdbx_solvent_vdw_probe_radii             1.40 
_refine.pdbx_solvent_ion_probe_radii             0.80 
_refine.pdbx_solvent_shrinkage_radii             0.80 
_refine.pdbx_ls_cross_valid_method               THROUGHOUT 
_refine.details                                  ? 
_refine.pdbx_starting_model                      3IHZ 
_refine.pdbx_method_to_determine_struct          'MOLECULAR REPLACEMENT' 
_refine.pdbx_isotropic_thermal_model             ? 
_refine.pdbx_stereochemistry_target_values       'MAXIMUM LIKELIHOOD' 
_refine.pdbx_stereochem_target_val_spec_case     ? 
_refine.pdbx_R_Free_selection_details            RANDOM 
_refine.pdbx_overall_ESU_R                       0.144 
_refine.pdbx_overall_ESU_R_Free                  0.132 
_refine.overall_SU_ML                            0.094 
_refine.pdbx_overall_phase_error                 ? 
_refine.overall_SU_B                             2.889 
_refine.overall_SU_R_Cruickshank_DPI             ? 
_refine.ls_redundancy_reflns_obs                 ? 
_refine.B_iso_min                                ? 
_refine.B_iso_max                                ? 
_refine.overall_SU_R_free                        ? 
_refine.ls_wR_factor_R_free                      ? 
_refine.ls_wR_factor_R_work                      ? 
_refine.overall_FOM_free_R_set                   ? 
_refine.overall_FOM_work_R_set                   ? 
_refine.pdbx_diffrn_id                           1 
_refine.pdbx_refine_id                           'X-RAY DIFFRACTION' 
_refine.pdbx_TLS_residual_ADP_flag               ? 
_refine.pdbx_overall_SU_R_free_Cruickshank_DPI   ? 
_refine.pdbx_overall_SU_R_Blow_DPI               ? 
_refine.pdbx_overall_SU_R_free_Blow_DPI          ? 
# 
_refine_hist.pdbx_refine_id                   'X-RAY DIFFRACTION' 
_refine_hist.cycle_id                         LAST 
_refine_hist.pdbx_number_atoms_protein        943 
_refine_hist.pdbx_number_atoms_nucleic_acid   0 
_refine_hist.pdbx_number_atoms_ligand         22 
_refine_hist.number_atoms_solvent             126 
_refine_hist.number_atoms_total               1091 
_refine_hist.d_res_high                       1.72 
_refine_hist.d_res_low                        20.00 
# 
loop_
_refine_ls_restr.type 
_refine_ls_restr.dev_ideal 
_refine_ls_restr.dev_ideal_target 
_refine_ls_restr.weight 
_refine_ls_restr.number 
_refine_ls_restr.pdbx_restraint_function 
_refine_ls_restr.pdbx_refine_id 
r_bond_refined_d       0.016  0.022  ? 984  ? 'X-RAY DIFFRACTION' 
r_angle_refined_deg    1.557  1.994  ? 1322 ? 'X-RAY DIFFRACTION' 
r_dihedral_angle_1_deg 6.587  5.000  ? 121  ? 'X-RAY DIFFRACTION' 
r_dihedral_angle_2_deg 33.640 25.000 ? 44   ? 'X-RAY DIFFRACTION' 
r_dihedral_angle_3_deg 13.896 15.000 ? 180  ? 'X-RAY DIFFRACTION' 
r_dihedral_angle_4_deg 22.237 15.000 ? 5    ? 'X-RAY DIFFRACTION' 
r_chiral_restr         0.095  0.200  ? 142  ? 'X-RAY DIFFRACTION' 
r_gen_planes_refined   0.006  0.020  ? 733  ? 'X-RAY DIFFRACTION' 
r_mcbond_it            0.975  1.500  ? 596  ? 'X-RAY DIFFRACTION' 
r_mcangle_it           1.768  2.000  ? 957  ? 'X-RAY DIFFRACTION' 
r_scbond_it            2.546  3.000  ? 388  ? 'X-RAY DIFFRACTION' 
r_scangle_it           4.090  4.500  ? 365  ? 'X-RAY DIFFRACTION' 
# 
_refine_ls_shell.pdbx_refine_id                   'X-RAY DIFFRACTION' 
_refine_ls_shell.pdbx_total_number_of_bins_used   20 
_refine_ls_shell.d_res_high                       1.720 
_refine_ls_shell.d_res_low                        1.764 
_refine_ls_shell.number_reflns_R_work             712 
_refine_ls_shell.R_factor_R_work                  0.324 
_refine_ls_shell.percent_reflns_obs               89.00 
_refine_ls_shell.R_factor_R_free                  0.415 
_refine_ls_shell.R_factor_R_free_error            ? 
_refine_ls_shell.percent_reflns_R_free            ? 
_refine_ls_shell.number_reflns_R_free             73 
_refine_ls_shell.number_reflns_all                ? 
_refine_ls_shell.R_factor_all                     ? 
_refine_ls_shell.number_reflns_obs                ? 
_refine_ls_shell.redundancy_reflns_obs            ? 
# 
_struct.entry_id                  4MGV 
_struct.title                     
'Crystal structure of FK506 binding domain of plasmodium VIVAX FKBP35 In complex with inhibitor D5' 
_struct.pdbx_model_details        ? 
_struct.pdbx_CASP_flag            ? 
_struct.pdbx_model_type_details   ? 
# 
_struct_keywords.entry_id        4MGV 
_struct_keywords.pdbx_keywords   ISOMERASE 
_struct_keywords.text            'INHIBITOR, D5, FKBP, FKBP35, ISOMERASE, FK506' 
# 
loop_
_struct_asym.id 
_struct_asym.pdbx_blank_PDB_chainid_flag 
_struct_asym.pdbx_modified 
_struct_asym.entity_id 
_struct_asym.details 
A N N 1 ? 
B N N 2 ? 
C N N 3 ? 
# 
_struct_ref.id                         1 
_struct_ref.db_name                    UNP 
_struct_ref.db_code                    A5K8X6_PLAVS 
_struct_ref.pdbx_db_accession          A5K8X6 
_struct_ref.entity_id                  1 
_struct_ref.pdbx_seq_one_letter_code   
;MEQETLEQVHLTEDGGVVKTILRKGEGGEENAPKKGNEVTVHYVGKLESSGKVFDSSRERNVPFKFHLGQGEVIKGWDIC
VASMTKNEKCSVRLDSKYGYGEEGCGESIPGNSVLIFEIELISFRE
;
_struct_ref.pdbx_align_begin           1 
_struct_ref.pdbx_db_isoform            ? 
# 
_struct_ref_seq.align_id                      1 
_struct_ref_seq.ref_id                        1 
_struct_ref_seq.pdbx_PDB_id_code              4MGV 
_struct_ref_seq.pdbx_strand_id                A 
_struct_ref_seq.seq_align_beg                 1 
_struct_ref_seq.pdbx_seq_align_beg_ins_code   ? 
_struct_ref_seq.seq_align_end                 126 
_struct_ref_seq.pdbx_seq_align_end_ins_code   ? 
_struct_ref_seq.pdbx_db_accession             A5K8X6 
_struct_ref_seq.db_align_beg                  1 
_struct_ref_seq.pdbx_db_align_beg_ins_code    ? 
_struct_ref_seq.db_align_end                  126 
_struct_ref_seq.pdbx_db_align_end_ins_code    ? 
_struct_ref_seq.pdbx_auth_seq_align_beg       1 
_struct_ref_seq.pdbx_auth_seq_align_end       126 
# 
_pdbx_struct_assembly.id                   1 
_pdbx_struct_assembly.details              author_and_software_defined_assembly 
_pdbx_struct_assembly.method_details       PISA 
_pdbx_struct_assembly.oligomeric_details   dimeric 
_pdbx_struct_assembly.oligomeric_count     2 
# 
loop_
_pdbx_struct_assembly_prop.biol_id 
_pdbx_struct_assembly_prop.type 
_pdbx_struct_assembly_prop.value 
_pdbx_struct_assembly_prop.details 
1 'ABSA (A^2)' 1680  ? 
1 MORE         -7    ? 
1 'SSA (A^2)'  12180 ? 
# 
_pdbx_struct_assembly_gen.assembly_id       1 
_pdbx_struct_assembly_gen.oper_expression   1,2 
_pdbx_struct_assembly_gen.asym_id_list      A,B,C 
# 
loop_
_pdbx_struct_oper_list.id 
_pdbx_struct_oper_list.type 
_pdbx_struct_oper_list.name 
_pdbx_struct_oper_list.symmetry_operation 
_pdbx_struct_oper_list.matrix[1][1] 
_pdbx_struct_oper_list.matrix[1][2] 
_pdbx_struct_oper_list.matrix[1][3] 
_pdbx_struct_oper_list.vector[1] 
_pdbx_struct_oper_list.matrix[2][1] 
_pdbx_struct_oper_list.matrix[2][2] 
_pdbx_struct_oper_list.matrix[2][3] 
_pdbx_struct_oper_list.vector[2] 
_pdbx_struct_oper_list.matrix[3][1] 
_pdbx_struct_oper_list.matrix[3][2] 
_pdbx_struct_oper_list.matrix[3][3] 
_pdbx_struct_oper_list.vector[3] 
1 'identity operation'         1_555 x,y,z     1.0000000000  0.0000000000  0.0000000000 0.0000000000   0.0000000000  1.0000000000  0.0000000000  0.0000000000   0.0000000000 0.0000000000  1.0000000000 0.0000000000  
2 'crystal symmetry operation' 2_556 -x,y,-z+1 -0.6037896812 -0.4875475133 0.6306627016 -12.4544634382 -0.4875475133 -0.4000595986 -0.7760475114 -20.5134361649 0.6306627016 -0.7760475114 0.0038492798 -8.0339107562 
# 
_struct_biol.id        1 
_struct_biol.details   ? 
# 
loop_
_struct_conf.conf_type_id 
_struct_conf.id 
_struct_conf.pdbx_PDB_helix_id 
_struct_conf.beg_label_comp_id 
_struct_conf.beg_label_asym_id 
_struct_conf.beg_label_seq_id 
_struct_conf.pdbx_beg_PDB_ins_code 
_struct_conf.end_label_comp_id 
_struct_conf.end_label_asym_id 
_struct_conf.end_label_seq_id 
_struct_conf.pdbx_end_PDB_ins_code 
_struct_conf.beg_auth_comp_id 
_struct_conf.beg_auth_asym_id 
_struct_conf.beg_auth_seq_id 
_struct_conf.end_auth_comp_id 
_struct_conf.end_auth_asym_id 
_struct_conf.end_auth_seq_id 
_struct_conf.pdbx_PDB_helix_class 
_struct_conf.details 
_struct_conf.pdbx_PDB_helix_length 
HELX_P HELX_P1 1 GLY A 28 ? ALA A 32 ? GLY A 28 ALA A 32 5 ? 5  
HELX_P HELX_P2 2 SER A 57 ? ASN A 61 ? SER A 57 ASN A 61 1 ? 5  
HELX_P HELX_P3 3 ILE A 74 ? SER A 83 ? ILE A 74 SER A 83 1 ? 10 
HELX_P HELX_P4 4 SER A 96 ? GLY A 99 ? SER A 96 GLY A 99 5 ? 4  
# 
_struct_conf_type.id          HELX_P 
_struct_conf_type.criteria    ? 
_struct_conf_type.reference   ? 
# 
_struct_conn.id                            disulf1 
_struct_conn.conn_type_id                  disulf 
_struct_conn.pdbx_leaving_atom_flag        ? 
_struct_conn.pdbx_PDB_id                   ? 
_struct_conn.ptnr1_label_asym_id           A 
_struct_conn.ptnr1_label_comp_id           CYS 
_struct_conn.ptnr1_label_seq_id            105 
_struct_conn.ptnr1_label_atom_id           SG 
_struct_conn.pdbx_ptnr1_label_alt_id       ? 
_struct_conn.pdbx_ptnr1_PDB_ins_code       ? 
_struct_conn.pdbx_ptnr1_standard_comp_id   ? 
_struct_conn.ptnr1_symmetry                1_555 
_struct_conn.ptnr2_label_asym_id           A 
_struct_conn.ptnr2_label_comp_id           CYS 
_struct_conn.ptnr2_label_seq_id            105 
_struct_conn.ptnr2_label_atom_id           SG 
_struct_conn.pdbx_ptnr2_label_alt_id       ? 
_struct_conn.pdbx_ptnr2_PDB_ins_code       ? 
_struct_conn.ptnr1_auth_asym_id            A 
_struct_conn.ptnr1_auth_comp_id            CYS 
_struct_conn.ptnr1_auth_seq_id             105 
_struct_conn.ptnr2_auth_asym_id            A 
_struct_conn.ptnr2_auth_comp_id            CYS 
_struct_conn.ptnr2_auth_seq_id             105 
_struct_conn.ptnr2_symmetry                2_556 
_struct_conn.pdbx_ptnr3_label_atom_id      ? 
_struct_conn.pdbx_ptnr3_label_seq_id       ? 
_struct_conn.pdbx_ptnr3_label_comp_id      ? 
_struct_conn.pdbx_ptnr3_label_asym_id      ? 
_struct_conn.pdbx_ptnr3_label_alt_id       ? 
_struct_conn.pdbx_ptnr3_PDB_ins_code       ? 
_struct_conn.details                       ? 
_struct_conn.pdbx_dist_value               2.006 
_struct_conn.pdbx_value_order              ? 
_struct_conn.pdbx_role                     ? 
# 
_struct_conn_type.id          disulf 
_struct_conn_type.criteria    ? 
_struct_conn_type.reference   ? 
# 
_pdbx_modification_feature.ordinal                            1 
_pdbx_modification_feature.label_comp_id                      CYS 
_pdbx_modification_feature.label_asym_id                      A 
_pdbx_modification_feature.label_seq_id                       105 
_pdbx_modification_feature.label_alt_id                       ? 
_pdbx_modification_feature.modified_residue_label_comp_id     CYS 
_pdbx_modification_feature.modified_residue_label_asym_id     A 
_pdbx_modification_feature.modified_residue_label_seq_id      105 
_pdbx_modification_feature.modified_residue_label_alt_id      ? 
_pdbx_modification_feature.auth_comp_id                       CYS 
_pdbx_modification_feature.auth_asym_id                       A 
_pdbx_modification_feature.auth_seq_id                        105 
_pdbx_modification_feature.PDB_ins_code                       ? 
_pdbx_modification_feature.symmetry                           1_555 
_pdbx_modification_feature.modified_residue_auth_comp_id      CYS 
_pdbx_modification_feature.modified_residue_auth_asym_id      A 
_pdbx_modification_feature.modified_residue_auth_seq_id       105 
_pdbx_modification_feature.modified_residue_PDB_ins_code      ? 
_pdbx_modification_feature.modified_residue_symmetry          2_556 
_pdbx_modification_feature.comp_id_linking_atom               SG 
_pdbx_modification_feature.modified_residue_id_linking_atom   SG 
_pdbx_modification_feature.modified_residue_id                . 
_pdbx_modification_feature.ref_pcm_id                         . 
_pdbx_modification_feature.ref_comp_id                        . 
_pdbx_modification_feature.type                               None 
_pdbx_modification_feature.category                           'Disulfide bridge' 
# 
loop_
_struct_sheet.id 
_struct_sheet.type 
_struct_sheet.number_strands 
_struct_sheet.details 
A ? 6 ? 
B ? 6 ? 
# 
loop_
_struct_sheet_order.sheet_id 
_struct_sheet_order.range_id_1 
_struct_sheet_order.range_id_2 
_struct_sheet_order.offset 
_struct_sheet_order.sense 
A 1 2 ? anti-parallel 
A 2 3 ? anti-parallel 
A 3 4 ? anti-parallel 
A 4 5 ? anti-parallel 
A 5 6 ? anti-parallel 
B 1 2 ? anti-parallel 
B 2 3 ? anti-parallel 
B 3 4 ? anti-parallel 
B 4 5 ? anti-parallel 
B 5 6 ? anti-parallel 
# 
loop_
_struct_sheet_range.sheet_id 
_struct_sheet_range.id 
_struct_sheet_range.beg_label_comp_id 
_struct_sheet_range.beg_label_asym_id 
_struct_sheet_range.beg_label_seq_id 
_struct_sheet_range.pdbx_beg_PDB_ins_code 
_struct_sheet_range.end_label_comp_id 
_struct_sheet_range.end_label_asym_id 
_struct_sheet_range.end_label_seq_id 
_struct_sheet_range.pdbx_end_PDB_ins_code 
_struct_sheet_range.beg_auth_comp_id 
_struct_sheet_range.beg_auth_asym_id 
_struct_sheet_range.beg_auth_seq_id 
_struct_sheet_range.end_auth_comp_id 
_struct_sheet_range.end_auth_asym_id 
_struct_sheet_range.end_auth_seq_id 
A 1 GLN A 8   ? HIS A 10  ? GLN A 8   HIS A 10  
A 2 VAL A 17  ? ARG A 23  ? VAL A 17  ARG A 23  
A 3 LYS A 89  ? LEU A 94  ? LYS A 89  LEU A 94  
A 4 LEU A 115 ? ARG A 125 ? LEU A 115 ARG A 125 
A 5 GLU A 38  ? LEU A 47  ? GLU A 38  LEU A 47  
A 6 VAL A 53  ? SER A 56  ? VAL A 53  SER A 56  
B 1 GLN A 8   ? HIS A 10  ? GLN A 8   HIS A 10  
B 2 VAL A 17  ? ARG A 23  ? VAL A 17  ARG A 23  
B 3 LYS A 89  ? LEU A 94  ? LYS A 89  LEU A 94  
B 4 LEU A 115 ? ARG A 125 ? LEU A 115 ARG A 125 
B 5 GLU A 38  ? LEU A 47  ? GLU A 38  LEU A 47  
B 6 PHE A 64  ? HIS A 67  ? PHE A 64  HIS A 67  
# 
loop_
_pdbx_struct_sheet_hbond.sheet_id 
_pdbx_struct_sheet_hbond.range_id_1 
_pdbx_struct_sheet_hbond.range_id_2 
_pdbx_struct_sheet_hbond.range_1_label_atom_id 
_pdbx_struct_sheet_hbond.range_1_label_comp_id 
_pdbx_struct_sheet_hbond.range_1_label_asym_id 
_pdbx_struct_sheet_hbond.range_1_label_seq_id 
_pdbx_struct_sheet_hbond.range_1_PDB_ins_code 
_pdbx_struct_sheet_hbond.range_1_auth_atom_id 
_pdbx_struct_sheet_hbond.range_1_auth_comp_id 
_pdbx_struct_sheet_hbond.range_1_auth_asym_id 
_pdbx_struct_sheet_hbond.range_1_auth_seq_id 
_pdbx_struct_sheet_hbond.range_2_label_atom_id 
_pdbx_struct_sheet_hbond.range_2_label_comp_id 
_pdbx_struct_sheet_hbond.range_2_label_asym_id 
_pdbx_struct_sheet_hbond.range_2_label_seq_id 
_pdbx_struct_sheet_hbond.range_2_PDB_ins_code 
_pdbx_struct_sheet_hbond.range_2_auth_atom_id 
_pdbx_struct_sheet_hbond.range_2_auth_comp_id 
_pdbx_struct_sheet_hbond.range_2_auth_asym_id 
_pdbx_struct_sheet_hbond.range_2_auth_seq_id 
A 1 2 N VAL A 9   ? N VAL A 9   O LYS A 19  ? O LYS A 19  
A 2 3 N LEU A 22  ? N LEU A 22  O LYS A 89  ? O LYS A 89  
A 3 4 N LEU A 94  ? N LEU A 94  O LEU A 115 ? O LEU A 115 
A 4 5 O SER A 123 ? O SER A 123 N THR A 40  ? N THR A 40  
A 5 6 N GLY A 45  ? N GLY A 45  O ASP A 55  ? O ASP A 55  
B 1 2 N VAL A 9   ? N VAL A 9   O LYS A 19  ? O LYS A 19  
B 2 3 N LEU A 22  ? N LEU A 22  O LYS A 89  ? O LYS A 89  
B 3 4 N LEU A 94  ? N LEU A 94  O LEU A 115 ? O LEU A 115 
B 4 5 O SER A 123 ? O SER A 123 N THR A 40  ? N THR A 40  
B 5 6 N VAL A 39  ? N VAL A 39  O PHE A 66  ? O PHE A 66  
# 
_struct_site.id                   AC1 
_struct_site.pdbx_evidence_code   Software 
_struct_site.pdbx_auth_asym_id    A 
_struct_site.pdbx_auth_comp_id    D5I 
_struct_site.pdbx_auth_seq_id     201 
_struct_site.pdbx_auth_ins_code   ? 
_struct_site.pdbx_num_residues    10 
_struct_site.details              'BINDING SITE FOR RESIDUE D5I A 201' 
# 
loop_
_struct_site_gen.id 
_struct_site_gen.site_id 
_struct_site_gen.pdbx_num_res 
_struct_site_gen.label_comp_id 
_struct_site_gen.label_asym_id 
_struct_site_gen.label_seq_id 
_struct_site_gen.pdbx_auth_ins_code 
_struct_site_gen.auth_comp_id 
_struct_site_gen.auth_asym_id 
_struct_site_gen.auth_seq_id 
_struct_site_gen.label_atom_id 
_struct_site_gen.label_alt_id 
_struct_site_gen.symmetry 
_struct_site_gen.details 
1  AC1 10 TYR A 43  ? TYR A 43  . ? 1_555 ? 
2  AC1 10 ASP A 55  ? ASP A 55  . ? 1_555 ? 
3  AC1 10 PHE A 64  ? PHE A 64  . ? 1_555 ? 
4  AC1 10 VAL A 73  ? VAL A 73  . ? 1_555 ? 
5  AC1 10 ILE A 74  ? ILE A 74  . ? 1_555 ? 
6  AC1 10 TRP A 77  ? TRP A 77  . ? 1_555 ? 
7  AC1 10 TYR A 100 ? TYR A 100 . ? 2_556 ? 
8  AC1 10 TYR A 100 ? TYR A 100 . ? 1_555 ? 
9  AC1 10 CYS A 105 ? CYS A 105 . ? 2_556 ? 
10 AC1 10 HOH C .   ? HOH A 380 . ? 1_555 ? 
# 
_pdbx_entry_details.entry_id                   4MGV 
_pdbx_entry_details.compound_details           ? 
_pdbx_entry_details.source_details             ? 
_pdbx_entry_details.nonpolymer_details         ? 
_pdbx_entry_details.sequence_details           ? 
_pdbx_entry_details.has_ligand_of_interest     ? 
_pdbx_entry_details.has_protein_modification   Y 
# 
_pdbx_validate_torsion.id              1 
_pdbx_validate_torsion.PDB_model_num   1 
_pdbx_validate_torsion.auth_comp_id    ASN 
_pdbx_validate_torsion.auth_asym_id    A 
_pdbx_validate_torsion.auth_seq_id     87 
_pdbx_validate_torsion.PDB_ins_code    ? 
_pdbx_validate_torsion.label_alt_id    ? 
_pdbx_validate_torsion.phi             77.89 
_pdbx_validate_torsion.psi             -4.21 
# 
loop_
_pdbx_struct_special_symmetry.id 
_pdbx_struct_special_symmetry.PDB_model_num 
_pdbx_struct_special_symmetry.auth_asym_id 
_pdbx_struct_special_symmetry.auth_comp_id 
_pdbx_struct_special_symmetry.auth_seq_id 
_pdbx_struct_special_symmetry.PDB_ins_code 
_pdbx_struct_special_symmetry.label_asym_id 
_pdbx_struct_special_symmetry.label_comp_id 
_pdbx_struct_special_symmetry.label_seq_id 
1 1 A HOH 317 ? C HOH . 
2 1 A HOH 359 ? C HOH . 
3 1 A HOH 368 ? C HOH . 
4 1 A HOH 373 ? C HOH . 
5 1 A HOH 400 ? C HOH . 
# 
loop_
_pdbx_unobs_or_zero_occ_residues.id 
_pdbx_unobs_or_zero_occ_residues.PDB_model_num 
_pdbx_unobs_or_zero_occ_residues.polymer_flag 
_pdbx_unobs_or_zero_occ_residues.occupancy_flag 
_pdbx_unobs_or_zero_occ_residues.auth_asym_id 
_pdbx_unobs_or_zero_occ_residues.auth_comp_id 
_pdbx_unobs_or_zero_occ_residues.auth_seq_id 
_pdbx_unobs_or_zero_occ_residues.PDB_ins_code 
_pdbx_unobs_or_zero_occ_residues.label_asym_id 
_pdbx_unobs_or_zero_occ_residues.label_comp_id 
_pdbx_unobs_or_zero_occ_residues.label_seq_id 
1 1 Y 1 A MET 1 ? A MET 1 
2 1 Y 1 A GLU 2 ? A GLU 2 
3 1 Y 1 A GLN 3 ? A GLN 3 
4 1 Y 1 A GLU 4 ? A GLU 4 
# 
loop_
_chem_comp_atom.comp_id 
_chem_comp_atom.atom_id 
_chem_comp_atom.type_symbol 
_chem_comp_atom.pdbx_aromatic_flag 
_chem_comp_atom.pdbx_stereo_config 
_chem_comp_atom.pdbx_ordinal 
ALA N    N N N 1   
ALA CA   C N S 2   
ALA C    C N N 3   
ALA O    O N N 4   
ALA CB   C N N 5   
ALA OXT  O N N 6   
ALA H    H N N 7   
ALA H2   H N N 8   
ALA HA   H N N 9   
ALA HB1  H N N 10  
ALA HB2  H N N 11  
ALA HB3  H N N 12  
ALA HXT  H N N 13  
ARG N    N N N 14  
ARG CA   C N S 15  
ARG C    C N N 16  
ARG O    O N N 17  
ARG CB   C N N 18  
ARG CG   C N N 19  
ARG CD   C N N 20  
ARG NE   N N N 21  
ARG CZ   C N N 22  
ARG NH1  N N N 23  
ARG NH2  N N N 24  
ARG OXT  O N N 25  
ARG H    H N N 26  
ARG H2   H N N 27  
ARG HA   H N N 28  
ARG HB2  H N N 29  
ARG HB3  H N N 30  
ARG HG2  H N N 31  
ARG HG3  H N N 32  
ARG HD2  H N N 33  
ARG HD3  H N N 34  
ARG HE   H N N 35  
ARG HH11 H N N 36  
ARG HH12 H N N 37  
ARG HH21 H N N 38  
ARG HH22 H N N 39  
ARG HXT  H N N 40  
ASN N    N N N 41  
ASN CA   C N S 42  
ASN C    C N N 43  
ASN O    O N N 44  
ASN CB   C N N 45  
ASN CG   C N N 46  
ASN OD1  O N N 47  
ASN ND2  N N N 48  
ASN OXT  O N N 49  
ASN H    H N N 50  
ASN H2   H N N 51  
ASN HA   H N N 52  
ASN HB2  H N N 53  
ASN HB3  H N N 54  
ASN HD21 H N N 55  
ASN HD22 H N N 56  
ASN HXT  H N N 57  
ASP N    N N N 58  
ASP CA   C N S 59  
ASP C    C N N 60  
ASP O    O N N 61  
ASP CB   C N N 62  
ASP CG   C N N 63  
ASP OD1  O N N 64  
ASP OD2  O N N 65  
ASP OXT  O N N 66  
ASP H    H N N 67  
ASP H2   H N N 68  
ASP HA   H N N 69  
ASP HB2  H N N 70  
ASP HB3  H N N 71  
ASP HD2  H N N 72  
ASP HXT  H N N 73  
CYS N    N N N 74  
CYS CA   C N R 75  
CYS C    C N N 76  
CYS O    O N N 77  
CYS CB   C N N 78  
CYS SG   S N N 79  
CYS OXT  O N N 80  
CYS H    H N N 81  
CYS H2   H N N 82  
CYS HA   H N N 83  
CYS HB2  H N N 84  
CYS HB3  H N N 85  
CYS HG   H N N 86  
CYS HXT  H N N 87  
D5I O1   O N N 88  
D5I C2   C N N 89  
D5I C3   C N N 90  
D5I C4   C N N 91  
D5I C5   C N N 92  
D5I C12  C N N 93  
D5I C10  C N N 94  
D5I C11  C N N 95  
D5I C6   C N N 96  
D5I C7   C N N 97  
D5I C9   C N N 98  
D5I C8   C N N 99  
D5I N13  N N N 100 
D5I N14  N N N 101 
D5I C15  C N N 102 
D5I O16  O N N 103 
D5I C17  C Y N 104 
D5I C18  C Y N 105 
D5I C19  C Y N 106 
D5I N20  N Y N 107 
D5I C21  C Y N 108 
D5I C22  C Y N 109 
D5I H1   H N N 110 
D5I H2   H N N 111 
D5I H3   H N N 112 
D5I H4   H N N 113 
D5I H5   H N N 114 
D5I H6   H N N 115 
D5I H7   H N N 116 
D5I H8   H N N 117 
D5I H9   H N N 118 
D5I H10  H N N 119 
D5I H11  H N N 120 
D5I H12  H N N 121 
D5I H13  H N N 122 
D5I H14  H N N 123 
D5I H15  H N N 124 
D5I H16  H N N 125 
D5I H17  H N N 126 
D5I H18  H N N 127 
D5I H19  H N N 128 
D5I H20  H N N 129 
D5I H21  H N N 130 
GLN N    N N N 131 
GLN CA   C N S 132 
GLN C    C N N 133 
GLN O    O N N 134 
GLN CB   C N N 135 
GLN CG   C N N 136 
GLN CD   C N N 137 
GLN OE1  O N N 138 
GLN NE2  N N N 139 
GLN OXT  O N N 140 
GLN H    H N N 141 
GLN H2   H N N 142 
GLN HA   H N N 143 
GLN HB2  H N N 144 
GLN HB3  H N N 145 
GLN HG2  H N N 146 
GLN HG3  H N N 147 
GLN HE21 H N N 148 
GLN HE22 H N N 149 
GLN HXT  H N N 150 
GLU N    N N N 151 
GLU CA   C N S 152 
GLU C    C N N 153 
GLU O    O N N 154 
GLU CB   C N N 155 
GLU CG   C N N 156 
GLU CD   C N N 157 
GLU OE1  O N N 158 
GLU OE2  O N N 159 
GLU OXT  O N N 160 
GLU H    H N N 161 
GLU H2   H N N 162 
GLU HA   H N N 163 
GLU HB2  H N N 164 
GLU HB3  H N N 165 
GLU HG2  H N N 166 
GLU HG3  H N N 167 
GLU HE2  H N N 168 
GLU HXT  H N N 169 
GLY N    N N N 170 
GLY CA   C N N 171 
GLY C    C N N 172 
GLY O    O N N 173 
GLY OXT  O N N 174 
GLY H    H N N 175 
GLY H2   H N N 176 
GLY HA2  H N N 177 
GLY HA3  H N N 178 
GLY HXT  H N N 179 
HIS N    N N N 180 
HIS CA   C N S 181 
HIS C    C N N 182 
HIS O    O N N 183 
HIS CB   C N N 184 
HIS CG   C Y N 185 
HIS ND1  N Y N 186 
HIS CD2  C Y N 187 
HIS CE1  C Y N 188 
HIS NE2  N Y N 189 
HIS OXT  O N N 190 
HIS H    H N N 191 
HIS H2   H N N 192 
HIS HA   H N N 193 
HIS HB2  H N N 194 
HIS HB3  H N N 195 
HIS HD1  H N N 196 
HIS HD2  H N N 197 
HIS HE1  H N N 198 
HIS HE2  H N N 199 
HIS HXT  H N N 200 
HOH O    O N N 201 
HOH H1   H N N 202 
HOH H2   H N N 203 
ILE N    N N N 204 
ILE CA   C N S 205 
ILE C    C N N 206 
ILE O    O N N 207 
ILE CB   C N S 208 
ILE CG1  C N N 209 
ILE CG2  C N N 210 
ILE CD1  C N N 211 
ILE OXT  O N N 212 
ILE H    H N N 213 
ILE H2   H N N 214 
ILE HA   H N N 215 
ILE HB   H N N 216 
ILE HG12 H N N 217 
ILE HG13 H N N 218 
ILE HG21 H N N 219 
ILE HG22 H N N 220 
ILE HG23 H N N 221 
ILE HD11 H N N 222 
ILE HD12 H N N 223 
ILE HD13 H N N 224 
ILE HXT  H N N 225 
LEU N    N N N 226 
LEU CA   C N S 227 
LEU C    C N N 228 
LEU O    O N N 229 
LEU CB   C N N 230 
LEU CG   C N N 231 
LEU CD1  C N N 232 
LEU CD2  C N N 233 
LEU OXT  O N N 234 
LEU H    H N N 235 
LEU H2   H N N 236 
LEU HA   H N N 237 
LEU HB2  H N N 238 
LEU HB3  H N N 239 
LEU HG   H N N 240 
LEU HD11 H N N 241 
LEU HD12 H N N 242 
LEU HD13 H N N 243 
LEU HD21 H N N 244 
LEU HD22 H N N 245 
LEU HD23 H N N 246 
LEU HXT  H N N 247 
LYS N    N N N 248 
LYS CA   C N S 249 
LYS C    C N N 250 
LYS O    O N N 251 
LYS CB   C N N 252 
LYS CG   C N N 253 
LYS CD   C N N 254 
LYS CE   C N N 255 
LYS NZ   N N N 256 
LYS OXT  O N N 257 
LYS H    H N N 258 
LYS H2   H N N 259 
LYS HA   H N N 260 
LYS HB2  H N N 261 
LYS HB3  H N N 262 
LYS HG2  H N N 263 
LYS HG3  H N N 264 
LYS HD2  H N N 265 
LYS HD3  H N N 266 
LYS HE2  H N N 267 
LYS HE3  H N N 268 
LYS HZ1  H N N 269 
LYS HZ2  H N N 270 
LYS HZ3  H N N 271 
LYS HXT  H N N 272 
MET N    N N N 273 
MET CA   C N S 274 
MET C    C N N 275 
MET O    O N N 276 
MET CB   C N N 277 
MET CG   C N N 278 
MET SD   S N N 279 
MET CE   C N N 280 
MET OXT  O N N 281 
MET H    H N N 282 
MET H2   H N N 283 
MET HA   H N N 284 
MET HB2  H N N 285 
MET HB3  H N N 286 
MET HG2  H N N 287 
MET HG3  H N N 288 
MET HE1  H N N 289 
MET HE2  H N N 290 
MET HE3  H N N 291 
MET HXT  H N N 292 
PHE N    N N N 293 
PHE CA   C N S 294 
PHE C    C N N 295 
PHE O    O N N 296 
PHE CB   C N N 297 
PHE CG   C Y N 298 
PHE CD1  C Y N 299 
PHE CD2  C Y N 300 
PHE CE1  C Y N 301 
PHE CE2  C Y N 302 
PHE CZ   C Y N 303 
PHE OXT  O N N 304 
PHE H    H N N 305 
PHE H2   H N N 306 
PHE HA   H N N 307 
PHE HB2  H N N 308 
PHE HB3  H N N 309 
PHE HD1  H N N 310 
PHE HD2  H N N 311 
PHE HE1  H N N 312 
PHE HE2  H N N 313 
PHE HZ   H N N 314 
PHE HXT  H N N 315 
PRO N    N N N 316 
PRO CA   C N S 317 
PRO C    C N N 318 
PRO O    O N N 319 
PRO CB   C N N 320 
PRO CG   C N N 321 
PRO CD   C N N 322 
PRO OXT  O N N 323 
PRO H    H N N 324 
PRO HA   H N N 325 
PRO HB2  H N N 326 
PRO HB3  H N N 327 
PRO HG2  H N N 328 
PRO HG3  H N N 329 
PRO HD2  H N N 330 
PRO HD3  H N N 331 
PRO HXT  H N N 332 
SER N    N N N 333 
SER CA   C N S 334 
SER C    C N N 335 
SER O    O N N 336 
SER CB   C N N 337 
SER OG   O N N 338 
SER OXT  O N N 339 
SER H    H N N 340 
SER H2   H N N 341 
SER HA   H N N 342 
SER HB2  H N N 343 
SER HB3  H N N 344 
SER HG   H N N 345 
SER HXT  H N N 346 
THR N    N N N 347 
THR CA   C N S 348 
THR C    C N N 349 
THR O    O N N 350 
THR CB   C N R 351 
THR OG1  O N N 352 
THR CG2  C N N 353 
THR OXT  O N N 354 
THR H    H N N 355 
THR H2   H N N 356 
THR HA   H N N 357 
THR HB   H N N 358 
THR HG1  H N N 359 
THR HG21 H N N 360 
THR HG22 H N N 361 
THR HG23 H N N 362 
THR HXT  H N N 363 
TRP N    N N N 364 
TRP CA   C N S 365 
TRP C    C N N 366 
TRP O    O N N 367 
TRP CB   C N N 368 
TRP CG   C Y N 369 
TRP CD1  C Y N 370 
TRP CD2  C Y N 371 
TRP NE1  N Y N 372 
TRP CE2  C Y N 373 
TRP CE3  C Y N 374 
TRP CZ2  C Y N 375 
TRP CZ3  C Y N 376 
TRP CH2  C Y N 377 
TRP OXT  O N N 378 
TRP H    H N N 379 
TRP H2   H N N 380 
TRP HA   H N N 381 
TRP HB2  H N N 382 
TRP HB3  H N N 383 
TRP HD1  H N N 384 
TRP HE1  H N N 385 
TRP HE3  H N N 386 
TRP HZ2  H N N 387 
TRP HZ3  H N N 388 
TRP HH2  H N N 389 
TRP HXT  H N N 390 
TYR N    N N N 391 
TYR CA   C N S 392 
TYR C    C N N 393 
TYR O    O N N 394 
TYR CB   C N N 395 
TYR CG   C Y N 396 
TYR CD1  C Y N 397 
TYR CD2  C Y N 398 
TYR CE1  C Y N 399 
TYR CE2  C Y N 400 
TYR CZ   C Y N 401 
TYR OH   O N N 402 
TYR OXT  O N N 403 
TYR H    H N N 404 
TYR H2   H N N 405 
TYR HA   H N N 406 
TYR HB2  H N N 407 
TYR HB3  H N N 408 
TYR HD1  H N N 409 
TYR HD2  H N N 410 
TYR HE1  H N N 411 
TYR HE2  H N N 412 
TYR HH   H N N 413 
TYR HXT  H N N 414 
VAL N    N N N 415 
VAL CA   C N S 416 
VAL C    C N N 417 
VAL O    O N N 418 
VAL CB   C N N 419 
VAL CG1  C N N 420 
VAL CG2  C N N 421 
VAL OXT  O N N 422 
VAL H    H N N 423 
VAL H2   H N N 424 
VAL HA   H N N 425 
VAL HB   H N N 426 
VAL HG11 H N N 427 
VAL HG12 H N N 428 
VAL HG13 H N N 429 
VAL HG21 H N N 430 
VAL HG22 H N N 431 
VAL HG23 H N N 432 
VAL HXT  H N N 433 
# 
loop_
_chem_comp_bond.comp_id 
_chem_comp_bond.atom_id_1 
_chem_comp_bond.atom_id_2 
_chem_comp_bond.value_order 
_chem_comp_bond.pdbx_aromatic_flag 
_chem_comp_bond.pdbx_stereo_config 
_chem_comp_bond.pdbx_ordinal 
ALA N   CA   sing N N 1   
ALA N   H    sing N N 2   
ALA N   H2   sing N N 3   
ALA CA  C    sing N N 4   
ALA CA  CB   sing N N 5   
ALA CA  HA   sing N N 6   
ALA C   O    doub N N 7   
ALA C   OXT  sing N N 8   
ALA CB  HB1  sing N N 9   
ALA CB  HB2  sing N N 10  
ALA CB  HB3  sing N N 11  
ALA OXT HXT  sing N N 12  
ARG N   CA   sing N N 13  
ARG N   H    sing N N 14  
ARG N   H2   sing N N 15  
ARG CA  C    sing N N 16  
ARG CA  CB   sing N N 17  
ARG CA  HA   sing N N 18  
ARG C   O    doub N N 19  
ARG C   OXT  sing N N 20  
ARG CB  CG   sing N N 21  
ARG CB  HB2  sing N N 22  
ARG CB  HB3  sing N N 23  
ARG CG  CD   sing N N 24  
ARG CG  HG2  sing N N 25  
ARG CG  HG3  sing N N 26  
ARG CD  NE   sing N N 27  
ARG CD  HD2  sing N N 28  
ARG CD  HD3  sing N N 29  
ARG NE  CZ   sing N N 30  
ARG NE  HE   sing N N 31  
ARG CZ  NH1  sing N N 32  
ARG CZ  NH2  doub N N 33  
ARG NH1 HH11 sing N N 34  
ARG NH1 HH12 sing N N 35  
ARG NH2 HH21 sing N N 36  
ARG NH2 HH22 sing N N 37  
ARG OXT HXT  sing N N 38  
ASN N   CA   sing N N 39  
ASN N   H    sing N N 40  
ASN N   H2   sing N N 41  
ASN CA  C    sing N N 42  
ASN CA  CB   sing N N 43  
ASN CA  HA   sing N N 44  
ASN C   O    doub N N 45  
ASN C   OXT  sing N N 46  
ASN CB  CG   sing N N 47  
ASN CB  HB2  sing N N 48  
ASN CB  HB3  sing N N 49  
ASN CG  OD1  doub N N 50  
ASN CG  ND2  sing N N 51  
ASN ND2 HD21 sing N N 52  
ASN ND2 HD22 sing N N 53  
ASN OXT HXT  sing N N 54  
ASP N   CA   sing N N 55  
ASP N   H    sing N N 56  
ASP N   H2   sing N N 57  
ASP CA  C    sing N N 58  
ASP CA  CB   sing N N 59  
ASP CA  HA   sing N N 60  
ASP C   O    doub N N 61  
ASP C   OXT  sing N N 62  
ASP CB  CG   sing N N 63  
ASP CB  HB2  sing N N 64  
ASP CB  HB3  sing N N 65  
ASP CG  OD1  doub N N 66  
ASP CG  OD2  sing N N 67  
ASP OD2 HD2  sing N N 68  
ASP OXT HXT  sing N N 69  
CYS N   CA   sing N N 70  
CYS N   H    sing N N 71  
CYS N   H2   sing N N 72  
CYS CA  C    sing N N 73  
CYS CA  CB   sing N N 74  
CYS CA  HA   sing N N 75  
CYS C   O    doub N N 76  
CYS C   OXT  sing N N 77  
CYS CB  SG   sing N N 78  
CYS CB  HB2  sing N N 79  
CYS CB  HB3  sing N N 80  
CYS SG  HG   sing N N 81  
CYS OXT HXT  sing N N 82  
D5I O1  C2   doub N N 83  
D5I C11 C10  sing N N 84  
D5I C11 C3   sing N N 85  
D5I C2  C3   sing N N 86  
D5I C2  N13  sing N N 87  
D5I C9  C10  sing N N 88  
D5I C9  C7   sing N N 89  
D5I C10 C12  sing N N 90  
D5I C8  C3   sing N N 91  
D5I C8  C7   sing N N 92  
D5I C3  C4   sing N N 93  
D5I C22 C21  doub Y N 94  
D5I C22 C17  sing Y N 95  
D5I C7  C6   sing N N 96  
D5I N13 N14  sing N N 97  
D5I N14 C15  sing N N 98  
D5I C21 N20  sing Y N 99  
D5I C15 C17  sing N N 100 
D5I C15 O16  doub N N 101 
D5I C12 C5   sing N N 102 
D5I C17 C18  doub Y N 103 
D5I C4  C5   sing N N 104 
D5I N20 C19  doub Y N 105 
D5I C6  C5   sing N N 106 
D5I C18 C19  sing Y N 107 
D5I C4  H1   sing N N 108 
D5I C4  H2   sing N N 109 
D5I C5  H3   sing N N 110 
D5I C12 H4   sing N N 111 
D5I C12 H5   sing N N 112 
D5I C10 H6   sing N N 113 
D5I C11 H7   sing N N 114 
D5I C11 H8   sing N N 115 
D5I C6  H9   sing N N 116 
D5I C6  H10  sing N N 117 
D5I C7  H11  sing N N 118 
D5I C9  H12  sing N N 119 
D5I C9  H13  sing N N 120 
D5I C8  H14  sing N N 121 
D5I C8  H15  sing N N 122 
D5I N13 H16  sing N N 123 
D5I N14 H17  sing N N 124 
D5I C18 H18  sing N N 125 
D5I C19 H19  sing N N 126 
D5I C21 H20  sing N N 127 
D5I C22 H21  sing N N 128 
GLN N   CA   sing N N 129 
GLN N   H    sing N N 130 
GLN N   H2   sing N N 131 
GLN CA  C    sing N N 132 
GLN CA  CB   sing N N 133 
GLN CA  HA   sing N N 134 
GLN C   O    doub N N 135 
GLN C   OXT  sing N N 136 
GLN CB  CG   sing N N 137 
GLN CB  HB2  sing N N 138 
GLN CB  HB3  sing N N 139 
GLN CG  CD   sing N N 140 
GLN CG  HG2  sing N N 141 
GLN CG  HG3  sing N N 142 
GLN CD  OE1  doub N N 143 
GLN CD  NE2  sing N N 144 
GLN NE2 HE21 sing N N 145 
GLN NE2 HE22 sing N N 146 
GLN OXT HXT  sing N N 147 
GLU N   CA   sing N N 148 
GLU N   H    sing N N 149 
GLU N   H2   sing N N 150 
GLU CA  C    sing N N 151 
GLU CA  CB   sing N N 152 
GLU CA  HA   sing N N 153 
GLU C   O    doub N N 154 
GLU C   OXT  sing N N 155 
GLU CB  CG   sing N N 156 
GLU CB  HB2  sing N N 157 
GLU CB  HB3  sing N N 158 
GLU CG  CD   sing N N 159 
GLU CG  HG2  sing N N 160 
GLU CG  HG3  sing N N 161 
GLU CD  OE1  doub N N 162 
GLU CD  OE2  sing N N 163 
GLU OE2 HE2  sing N N 164 
GLU OXT HXT  sing N N 165 
GLY N   CA   sing N N 166 
GLY N   H    sing N N 167 
GLY N   H2   sing N N 168 
GLY CA  C    sing N N 169 
GLY CA  HA2  sing N N 170 
GLY CA  HA3  sing N N 171 
GLY C   O    doub N N 172 
GLY C   OXT  sing N N 173 
GLY OXT HXT  sing N N 174 
HIS N   CA   sing N N 175 
HIS N   H    sing N N 176 
HIS N   H2   sing N N 177 
HIS CA  C    sing N N 178 
HIS CA  CB   sing N N 179 
HIS CA  HA   sing N N 180 
HIS C   O    doub N N 181 
HIS C   OXT  sing N N 182 
HIS CB  CG   sing N N 183 
HIS CB  HB2  sing N N 184 
HIS CB  HB3  sing N N 185 
HIS CG  ND1  sing Y N 186 
HIS CG  CD2  doub Y N 187 
HIS ND1 CE1  doub Y N 188 
HIS ND1 HD1  sing N N 189 
HIS CD2 NE2  sing Y N 190 
HIS CD2 HD2  sing N N 191 
HIS CE1 NE2  sing Y N 192 
HIS CE1 HE1  sing N N 193 
HIS NE2 HE2  sing N N 194 
HIS OXT HXT  sing N N 195 
HOH O   H1   sing N N 196 
HOH O   H2   sing N N 197 
ILE N   CA   sing N N 198 
ILE N   H    sing N N 199 
ILE N   H2   sing N N 200 
ILE CA  C    sing N N 201 
ILE CA  CB   sing N N 202 
ILE CA  HA   sing N N 203 
ILE C   O    doub N N 204 
ILE C   OXT  sing N N 205 
ILE CB  CG1  sing N N 206 
ILE CB  CG2  sing N N 207 
ILE CB  HB   sing N N 208 
ILE CG1 CD1  sing N N 209 
ILE CG1 HG12 sing N N 210 
ILE CG1 HG13 sing N N 211 
ILE CG2 HG21 sing N N 212 
ILE CG2 HG22 sing N N 213 
ILE CG2 HG23 sing N N 214 
ILE CD1 HD11 sing N N 215 
ILE CD1 HD12 sing N N 216 
ILE CD1 HD13 sing N N 217 
ILE OXT HXT  sing N N 218 
LEU N   CA   sing N N 219 
LEU N   H    sing N N 220 
LEU N   H2   sing N N 221 
LEU CA  C    sing N N 222 
LEU CA  CB   sing N N 223 
LEU CA  HA   sing N N 224 
LEU C   O    doub N N 225 
LEU C   OXT  sing N N 226 
LEU CB  CG   sing N N 227 
LEU CB  HB2  sing N N 228 
LEU CB  HB3  sing N N 229 
LEU CG  CD1  sing N N 230 
LEU CG  CD2  sing N N 231 
LEU CG  HG   sing N N 232 
LEU CD1 HD11 sing N N 233 
LEU CD1 HD12 sing N N 234 
LEU CD1 HD13 sing N N 235 
LEU CD2 HD21 sing N N 236 
LEU CD2 HD22 sing N N 237 
LEU CD2 HD23 sing N N 238 
LEU OXT HXT  sing N N 239 
LYS N   CA   sing N N 240 
LYS N   H    sing N N 241 
LYS N   H2   sing N N 242 
LYS CA  C    sing N N 243 
LYS CA  CB   sing N N 244 
LYS CA  HA   sing N N 245 
LYS C   O    doub N N 246 
LYS C   OXT  sing N N 247 
LYS CB  CG   sing N N 248 
LYS CB  HB2  sing N N 249 
LYS CB  HB3  sing N N 250 
LYS CG  CD   sing N N 251 
LYS CG  HG2  sing N N 252 
LYS CG  HG3  sing N N 253 
LYS CD  CE   sing N N 254 
LYS CD  HD2  sing N N 255 
LYS CD  HD3  sing N N 256 
LYS CE  NZ   sing N N 257 
LYS CE  HE2  sing N N 258 
LYS CE  HE3  sing N N 259 
LYS NZ  HZ1  sing N N 260 
LYS NZ  HZ2  sing N N 261 
LYS NZ  HZ3  sing N N 262 
LYS OXT HXT  sing N N 263 
MET N   CA   sing N N 264 
MET N   H    sing N N 265 
MET N   H2   sing N N 266 
MET CA  C    sing N N 267 
MET CA  CB   sing N N 268 
MET CA  HA   sing N N 269 
MET C   O    doub N N 270 
MET C   OXT  sing N N 271 
MET CB  CG   sing N N 272 
MET CB  HB2  sing N N 273 
MET CB  HB3  sing N N 274 
MET CG  SD   sing N N 275 
MET CG  HG2  sing N N 276 
MET CG  HG3  sing N N 277 
MET SD  CE   sing N N 278 
MET CE  HE1  sing N N 279 
MET CE  HE2  sing N N 280 
MET CE  HE3  sing N N 281 
MET OXT HXT  sing N N 282 
PHE N   CA   sing N N 283 
PHE N   H    sing N N 284 
PHE N   H2   sing N N 285 
PHE CA  C    sing N N 286 
PHE CA  CB   sing N N 287 
PHE CA  HA   sing N N 288 
PHE C   O    doub N N 289 
PHE C   OXT  sing N N 290 
PHE CB  CG   sing N N 291 
PHE CB  HB2  sing N N 292 
PHE CB  HB3  sing N N 293 
PHE CG  CD1  doub Y N 294 
PHE CG  CD2  sing Y N 295 
PHE CD1 CE1  sing Y N 296 
PHE CD1 HD1  sing N N 297 
PHE CD2 CE2  doub Y N 298 
PHE CD2 HD2  sing N N 299 
PHE CE1 CZ   doub Y N 300 
PHE CE1 HE1  sing N N 301 
PHE CE2 CZ   sing Y N 302 
PHE CE2 HE2  sing N N 303 
PHE CZ  HZ   sing N N 304 
PHE OXT HXT  sing N N 305 
PRO N   CA   sing N N 306 
PRO N   CD   sing N N 307 
PRO N   H    sing N N 308 
PRO CA  C    sing N N 309 
PRO CA  CB   sing N N 310 
PRO CA  HA   sing N N 311 
PRO C   O    doub N N 312 
PRO C   OXT  sing N N 313 
PRO CB  CG   sing N N 314 
PRO CB  HB2  sing N N 315 
PRO CB  HB3  sing N N 316 
PRO CG  CD   sing N N 317 
PRO CG  HG2  sing N N 318 
PRO CG  HG3  sing N N 319 
PRO CD  HD2  sing N N 320 
PRO CD  HD3  sing N N 321 
PRO OXT HXT  sing N N 322 
SER N   CA   sing N N 323 
SER N   H    sing N N 324 
SER N   H2   sing N N 325 
SER CA  C    sing N N 326 
SER CA  CB   sing N N 327 
SER CA  HA   sing N N 328 
SER C   O    doub N N 329 
SER C   OXT  sing N N 330 
SER CB  OG   sing N N 331 
SER CB  HB2  sing N N 332 
SER CB  HB3  sing N N 333 
SER OG  HG   sing N N 334 
SER OXT HXT  sing N N 335 
THR N   CA   sing N N 336 
THR N   H    sing N N 337 
THR N   H2   sing N N 338 
THR CA  C    sing N N 339 
THR CA  CB   sing N N 340 
THR CA  HA   sing N N 341 
THR C   O    doub N N 342 
THR C   OXT  sing N N 343 
THR CB  OG1  sing N N 344 
THR CB  CG2  sing N N 345 
THR CB  HB   sing N N 346 
THR OG1 HG1  sing N N 347 
THR CG2 HG21 sing N N 348 
THR CG2 HG22 sing N N 349 
THR CG2 HG23 sing N N 350 
THR OXT HXT  sing N N 351 
TRP N   CA   sing N N 352 
TRP N   H    sing N N 353 
TRP N   H2   sing N N 354 
TRP CA  C    sing N N 355 
TRP CA  CB   sing N N 356 
TRP CA  HA   sing N N 357 
TRP C   O    doub N N 358 
TRP C   OXT  sing N N 359 
TRP CB  CG   sing N N 360 
TRP CB  HB2  sing N N 361 
TRP CB  HB3  sing N N 362 
TRP CG  CD1  doub Y N 363 
TRP CG  CD2  sing Y N 364 
TRP CD1 NE1  sing Y N 365 
TRP CD1 HD1  sing N N 366 
TRP CD2 CE2  doub Y N 367 
TRP CD2 CE3  sing Y N 368 
TRP NE1 CE2  sing Y N 369 
TRP NE1 HE1  sing N N 370 
TRP CE2 CZ2  sing Y N 371 
TRP CE3 CZ3  doub Y N 372 
TRP CE3 HE3  sing N N 373 
TRP CZ2 CH2  doub Y N 374 
TRP CZ2 HZ2  sing N N 375 
TRP CZ3 CH2  sing Y N 376 
TRP CZ3 HZ3  sing N N 377 
TRP CH2 HH2  sing N N 378 
TRP OXT HXT  sing N N 379 
TYR N   CA   sing N N 380 
TYR N   H    sing N N 381 
TYR N   H2   sing N N 382 
TYR CA  C    sing N N 383 
TYR CA  CB   sing N N 384 
TYR CA  HA   sing N N 385 
TYR C   O    doub N N 386 
TYR C   OXT  sing N N 387 
TYR CB  CG   sing N N 388 
TYR CB  HB2  sing N N 389 
TYR CB  HB3  sing N N 390 
TYR CG  CD1  doub Y N 391 
TYR CG  CD2  sing Y N 392 
TYR CD1 CE1  sing Y N 393 
TYR CD1 HD1  sing N N 394 
TYR CD2 CE2  doub Y N 395 
TYR CD2 HD2  sing N N 396 
TYR CE1 CZ   doub Y N 397 
TYR CE1 HE1  sing N N 398 
TYR CE2 CZ   sing Y N 399 
TYR CE2 HE2  sing N N 400 
TYR CZ  OH   sing N N 401 
TYR OH  HH   sing N N 402 
TYR OXT HXT  sing N N 403 
VAL N   CA   sing N N 404 
VAL N   H    sing N N 405 
VAL N   H2   sing N N 406 
VAL CA  C    sing N N 407 
VAL CA  CB   sing N N 408 
VAL CA  HA   sing N N 409 
VAL C   O    doub N N 410 
VAL C   OXT  sing N N 411 
VAL CB  CG1  sing N N 412 
VAL CB  CG2  sing N N 413 
VAL CB  HB   sing N N 414 
VAL CG1 HG11 sing N N 415 
VAL CG1 HG12 sing N N 416 
VAL CG1 HG13 sing N N 417 
VAL CG2 HG21 sing N N 418 
VAL CG2 HG22 sing N N 419 
VAL CG2 HG23 sing N N 420 
VAL OXT HXT  sing N N 421 
# 
_pdbx_initial_refinement_model.id               1 
_pdbx_initial_refinement_model.entity_id_list   ? 
_pdbx_initial_refinement_model.type             'experimental model' 
_pdbx_initial_refinement_model.source_name      PDB 
_pdbx_initial_refinement_model.accession_code   3IHZ 
_pdbx_initial_refinement_model.details          ? 
# 
_atom_sites.entry_id                    4MGV 
_atom_sites.fract_transf_matrix[1][1]   -0.01387453 
_atom_sites.fract_transf_matrix[1][2]   0.00801060 
_atom_sites.fract_transf_matrix[1][3]   0.01490937 
_atom_sites.fract_transf_matrix[2][1]   -0.00967359 
_atom_sites.fract_transf_matrix[2][2]   0.01190361 
_atom_sites.fract_transf_matrix[2][3]   -0.01539781 
_atom_sites.fract_transf_matrix[3][1]   -0.01743352 
_atom_sites.fract_transf_matrix[3][2]   -0.01021625 
_atom_sites.fract_transf_matrix[3][3]   0.00305462 
_atom_sites.fract_transf_vector[1]      0.055610 
_atom_sites.fract_transf_vector[2]      0.014350 
_atom_sites.fract_transf_vector[3]      0.298909 
# 
loop_
_atom_type.symbol 
C 
N 
O 
S 
# 
loop_
_atom_site.group_PDB 
_atom_site.id 
_atom_site.type_symbol 
_atom_site.label_atom_id 
_atom_site.label_alt_id 
_atom_site.label_comp_id 
_atom_site.label_asym_id 
_atom_site.label_entity_id 
_atom_site.label_seq_id 
_atom_site.pdbx_PDB_ins_code 
_atom_site.Cartn_x 
_atom_site.Cartn_y 
_atom_site.Cartn_z 
_atom_site.occupancy 
_atom_site.B_iso_or_equiv 
_atom_site.pdbx_formal_charge 
_atom_site.auth_seq_id 
_atom_site.auth_comp_id 
_atom_site.auth_asym_id 
_atom_site.auth_atom_id 
_atom_site.pdbx_PDB_model_num 
ATOM   1    N N   . THR A 1 5   ? 4.955   18.820  7.718   1.00 45.40 ? 5   THR A N   1 
ATOM   2    C CA  . THR A 1 5   ? 5.937   18.331  8.749   1.00 45.23 ? 5   THR A CA  1 
ATOM   3    C C   . THR A 1 5   ? 6.300   16.833  8.617   1.00 44.34 ? 5   THR A C   1 
ATOM   4    O O   . THR A 1 5   ? 7.454   16.459  8.874   1.00 44.89 ? 5   THR A O   1 
ATOM   5    C CB  . THR A 1 5   ? 5.530   18.735  10.227  1.00 45.71 ? 5   THR A CB  1 
ATOM   6    O OG1 . THR A 1 5   ? 6.610   18.456  11.126  1.00 47.30 ? 5   THR A OG1 1 
ATOM   7    C CG2 . THR A 1 5   ? 4.269   18.011  10.723  1.00 45.52 ? 5   THR A CG2 1 
ATOM   8    N N   . LEU A 1 6   ? 5.345   15.988  8.207   1.00 42.76 ? 6   LEU A N   1 
ATOM   9    C CA  . LEU A 1 6   ? 5.644   14.565  7.944   1.00 40.63 ? 6   LEU A CA  1 
ATOM   10   C C   . LEU A 1 6   ? 6.297   14.417  6.570   1.00 39.17 ? 6   LEU A C   1 
ATOM   11   O O   . LEU A 1 6   ? 5.859   15.043  5.597   1.00 38.68 ? 6   LEU A O   1 
ATOM   12   C CB  . LEU A 1 6   ? 4.402   13.673  8.066   1.00 40.30 ? 6   LEU A CB  1 
ATOM   13   C CG  . LEU A 1 6   ? 3.883   13.396  9.474   1.00 40.83 ? 6   LEU A CG  1 
ATOM   14   C CD1 . LEU A 1 6   ? 2.808   12.335  9.407   1.00 40.76 ? 6   LEU A CD1 1 
ATOM   15   C CD2 . LEU A 1 6   ? 4.996   12.971  10.442  1.00 41.26 ? 6   LEU A CD2 1 
ATOM   16   N N   . GLU A 1 7   ? 7.366   13.623  6.519   1.00 38.00 ? 7   GLU A N   1 
ATOM   17   C CA  . GLU A 1 7   ? 8.125   13.412  5.289   1.00 37.38 ? 7   GLU A CA  1 
ATOM   18   C C   . GLU A 1 7   ? 7.283   12.643  4.279   1.00 35.30 ? 7   GLU A C   1 
ATOM   19   O O   . GLU A 1 7   ? 6.562   11.717  4.653   1.00 35.44 ? 7   GLU A O   1 
ATOM   20   C CB  . GLU A 1 7   ? 9.362   12.568  5.554   1.00 37.70 ? 7   GLU A CB  1 
ATOM   21   C CG  . GLU A 1 7   ? 10.584  13.272  6.052   1.00 41.04 ? 7   GLU A CG  1 
ATOM   22   C CD  . GLU A 1 7   ? 11.749  12.285  6.249   1.00 43.13 ? 7   GLU A CD  1 
ATOM   23   O OE1 . GLU A 1 7   ? 11.530  11.046  6.123   1.00 44.33 ? 7   GLU A OE1 1 
ATOM   24   O OE2 . GLU A 1 7   ? 12.888  12.743  6.506   1.00 44.12 ? 7   GLU A OE2 1 
ATOM   25   N N   . GLN A 1 8   ? 7.397   13.024  3.004   1.00 33.68 ? 8   GLN A N   1 
ATOM   26   C CA  . GLN A 1 8   ? 6.803   12.247  1.900   1.00 31.31 ? 8   GLN A CA  1 
ATOM   27   C C   . GLN A 1 8   ? 7.946   11.662  1.084   1.00 30.18 ? 8   GLN A C   1 
ATOM   28   O O   . GLN A 1 8   ? 8.812   12.393  0.579   1.00 30.22 ? 8   GLN A O   1 
ATOM   29   C CB  . GLN A 1 8   ? 5.920   13.101  1.015   1.00 31.14 ? 8   GLN A CB  1 
ATOM   30   C CG  . GLN A 1 8   ? 4.738   13.792  1.691   1.00 34.56 ? 8   GLN A CG  1 
ATOM   31   C CD  . GLN A 1 8   ? 4.305   15.032  0.919   1.00 41.38 ? 8   GLN A CD  1 
ATOM   32   O OE1 . GLN A 1 8   ? 5.110   15.953  0.670   1.00 43.22 ? 8   GLN A OE1 1 
ATOM   33   N NE2 . GLN A 1 8   ? 3.030   15.070  0.537   1.00 40.04 ? 8   GLN A NE2 1 
ATOM   34   N N   . VAL A 1 9   ? 7.949   10.342  0.958   1.00 27.32 ? 9   VAL A N   1 
ATOM   35   C CA  . VAL A 1 9   ? 9.008   9.623   0.262   1.00 25.81 ? 9   VAL A CA  1 
ATOM   36   C C   . VAL A 1 9   ? 8.513   9.157   -1.087  1.00 24.15 ? 9   VAL A C   1 
ATOM   37   O O   . VAL A 1 9   ? 7.537   8.396   -1.169  1.00 23.93 ? 9   VAL A O   1 
ATOM   38   C CB  . VAL A 1 9   ? 9.478   8.412   1.052   1.00 25.63 ? 9   VAL A CB  1 
ATOM   39   C CG1 . VAL A 1 9   ? 10.702  7.842   0.391   1.00 26.40 ? 9   VAL A CG1 1 
ATOM   40   C CG2 . VAL A 1 9   ? 9.777   8.833   2.489   1.00 27.31 ? 9   VAL A CG2 1 
ATOM   41   N N   . HIS A 1 10  ? 9.167   9.642   -2.136  1.00 23.49 ? 10  HIS A N   1 
ATOM   42   C CA  . HIS A 1 10  ? 8.834   9.277   -3.513  1.00 22.31 ? 10  HIS A CA  1 
ATOM   43   C C   . HIS A 1 10  ? 9.556   8.026   -3.903  1.00 22.93 ? 10  HIS A C   1 
ATOM   44   O O   . HIS A 1 10  ? 10.782  8.056   -4.096  1.00 22.66 ? 10  HIS A O   1 
ATOM   45   C CB  . HIS A 1 10  ? 9.236   10.405  -4.457  1.00 22.47 ? 10  HIS A CB  1 
ATOM   46   C CG  . HIS A 1 10  ? 8.254   11.532  -4.503  1.00 20.87 ? 10  HIS A CG  1 
ATOM   47   N ND1 . HIS A 1 10  ? 7.710   12.103  -3.365  1.00 23.75 ? 10  HIS A ND1 1 
ATOM   48   C CD2 . HIS A 1 10  ? 7.710   12.200  -5.548  1.00 20.27 ? 10  HIS A CD2 1 
ATOM   49   C CE1 . HIS A 1 10  ? 6.865   13.055  -3.715  1.00 22.44 ? 10  HIS A CE1 1 
ATOM   50   N NE2 . HIS A 1 10  ? 6.866   13.148  -5.033  1.00 25.95 ? 10  HIS A NE2 1 
ATOM   51   N N   . LEU A 1 11  ? 8.815   6.915   -4.020  1.00 22.69 ? 11  LEU A N   1 
ATOM   52   C CA  . LEU A 1 11  ? 9.400   5.593   -4.193  1.00 23.76 ? 11  LEU A CA  1 
ATOM   53   C C   . LEU A 1 11  ? 9.602   5.262   -5.666  1.00 24.73 ? 11  LEU A C   1 
ATOM   54   O O   . LEU A 1 11  ? 10.185  4.229   -5.986  1.00 26.00 ? 11  LEU A O   1 
ATOM   55   C CB  . LEU A 1 11  ? 8.534   4.521   -3.526  1.00 24.39 ? 11  LEU A CB  1 
ATOM   56   C CG  . LEU A 1 11  ? 8.481   4.533   -1.985  1.00 23.62 ? 11  LEU A CG  1 
ATOM   57   C CD1 . LEU A 1 11  ? 7.348   3.647   -1.456  1.00 23.08 ? 11  LEU A CD1 1 
ATOM   58   C CD2 . LEU A 1 11  ? 9.822   4.167   -1.301  1.00 23.57 ? 11  LEU A CD2 1 
ATOM   59   N N   . THR A 1 12  ? 9.080   6.122   -6.532  1.00 25.66 ? 12  THR A N   1 
ATOM   60   C CA  . THR A 1 12  ? 9.360   6.080   -7.983  1.00 28.13 ? 12  THR A CA  1 
ATOM   61   C C   . THR A 1 12  ? 9.737   7.484   -8.414  1.00 29.76 ? 12  THR A C   1 
ATOM   62   O O   . THR A 1 12  ? 9.487   8.434   -7.686  1.00 31.43 ? 12  THR A O   1 
ATOM   63   C CB  . THR A 1 12  ? 8.143   5.606   -8.803  1.00 27.52 ? 12  THR A CB  1 
ATOM   64   O OG1 . THR A 1 12  ? 7.028   6.510   -8.619  1.00 26.58 ? 12  THR A OG1 1 
ATOM   65   C CG2 . THR A 1 12  ? 7.763   4.185   -8.402  1.00 26.98 ? 12  THR A CG2 1 
ATOM   66   N N   . GLU A 1 13  ? 10.324  7.635   -9.600  1.00 31.44 ? 13  GLU A N   1 
ATOM   67   C CA  . GLU A 1 13  ? 10.765  8.960   -10.051 1.00 31.42 ? 13  GLU A CA  1 
ATOM   68   C C   . GLU A 1 13  ? 9.675   9.766   -10.758 1.00 31.13 ? 13  GLU A C   1 
ATOM   69   O O   . GLU A 1 13  ? 9.858   10.955  -11.057 1.00 31.76 ? 13  GLU A O   1 
ATOM   70   C CB  . GLU A 1 13  ? 11.979  8.832   -10.974 1.00 32.65 ? 13  GLU A CB  1 
ATOM   71   C CG  . GLU A 1 13  ? 13.191  8.155   -10.323 1.00 36.27 ? 13  GLU A CG  1 
ATOM   72   C CD  . GLU A 1 13  ? 14.492  8.453   -11.058 1.00 40.31 ? 13  GLU A CD  1 
ATOM   73   O OE1 . GLU A 1 13  ? 14.493  8.516   -12.313 1.00 43.13 ? 13  GLU A OE1 1 
ATOM   74   O OE2 . GLU A 1 13  ? 15.518  8.629   -10.372 1.00 42.84 ? 13  GLU A OE2 1 
ATOM   75   N N   . ASP A 1 14  ? 8.541   9.128   -11.040 1.00 29.01 ? 14  ASP A N   1 
ATOM   76   C CA  . ASP A 1 14  ? 7.454   9.824   -11.708 1.00 28.48 ? 14  ASP A CA  1 
ATOM   77   C C   . ASP A 1 14  ? 6.402   10.417  -10.771 1.00 27.59 ? 14  ASP A C   1 
ATOM   78   O O   . ASP A 1 14  ? 5.365   10.872  -11.227 1.00 27.74 ? 14  ASP A O   1 
ATOM   79   C CB  . ASP A 1 14  ? 6.777   8.896   -12.724 1.00 28.73 ? 14  ASP A CB  1 
ATOM   80   C CG  . ASP A 1 14  ? 6.360   7.555   -12.109 1.00 30.65 ? 14  ASP A CG  1 
ATOM   81   O OD1 . ASP A 1 14  ? 6.201   7.468   -10.864 1.00 28.01 ? 14  ASP A OD1 1 
ATOM   82   O OD2 . ASP A 1 14  ? 6.209   6.587   -12.875 1.00 30.31 ? 14  ASP A OD2 1 
ATOM   83   N N   . GLY A 1 15  ? 6.641   10.378  -9.460  1.00 27.01 ? 15  GLY A N   1 
ATOM   84   C CA  . GLY A 1 15  ? 5.689   11.001  -8.536  1.00 24.55 ? 15  GLY A CA  1 
ATOM   85   C C   . GLY A 1 15  ? 4.481   10.090  -8.332  1.00 23.30 ? 15  GLY A C   1 
ATOM   86   O O   . GLY A 1 15  ? 3.511   10.473  -7.684  1.00 24.79 ? 15  GLY A O   1 
ATOM   87   N N   . GLY A 1 16  ? 4.565   8.871   -8.851  1.00 23.04 ? 16  GLY A N   1 
ATOM   88   C CA  . GLY A 1 16  ? 3.378   7.977   -8.918  1.00 22.09 ? 16  GLY A CA  1 
ATOM   89   C C   . GLY A 1 16  ? 3.078   7.133   -7.673  1.00 20.95 ? 16  GLY A C   1 
ATOM   90   O O   . GLY A 1 16  ? 1.964   6.619   -7.528  1.00 20.37 ? 16  GLY A O   1 
ATOM   91   N N   . VAL A 1 17  ? 4.081   6.968   -6.816  1.00 21.25 ? 17  VAL A N   1 
ATOM   92   C CA  . VAL A 1 17  ? 3.978   6.214   -5.561  1.00 19.12 ? 17  VAL A CA  1 
ATOM   93   C C   . VAL A 1 17  ? 4.651   7.074   -4.479  1.00 20.30 ? 17  VAL A C   1 
ATOM   94   O O   . VAL A 1 17  ? 5.889   7.081   -4.362  1.00 20.95 ? 17  VAL A O   1 
ATOM   95   C CB  . VAL A 1 17  ? 4.709   4.837   -5.644  1.00 19.87 ? 17  VAL A CB  1 
ATOM   96   C CG1 . VAL A 1 17  ? 4.509   3.999   -4.346  1.00 19.25 ? 17  VAL A CG1 1 
ATOM   97   C CG2 . VAL A 1 17  ? 4.291   4.051   -6.902  1.00 20.60 ? 17  VAL A CG2 1 
ATOM   98   N N   . VAL A 1 18  ? 3.839   7.784   -3.705  1.00 20.05 ? 18  VAL A N   1 
ATOM   99   C CA  . VAL A 1 18  ? 4.380   8.716   -2.709  1.00 21.74 ? 18  VAL A CA  1 
ATOM   100  C C   . VAL A 1 18  ? 3.899   8.253   -1.345  1.00 21.26 ? 18  VAL A C   1 
ATOM   101  O O   . VAL A 1 18  ? 2.693   8.200   -1.120  1.00 21.46 ? 18  VAL A O   1 
ATOM   102  C CB  . VAL A 1 18  ? 3.884   10.126  -3.005  1.00 20.35 ? 18  VAL A CB  1 
ATOM   103  C CG1 . VAL A 1 18  ? 4.294   11.115  -1.907  1.00 24.46 ? 18  VAL A CG1 1 
ATOM   104  C CG2 . VAL A 1 18  ? 4.351   10.590  -4.431  1.00 22.05 ? 18  VAL A CG2 1 
ATOM   105  N N   . LYS A 1 19  ? 4.841   7.891   -0.474  1.00 22.22 ? 19  LYS A N   1 
ATOM   106  C CA  . LYS A 1 19  ? 4.555   7.292   0.836   1.00 22.23 ? 19  LYS A CA  1 
ATOM   107  C C   . LYS A 1 19  ? 4.803   8.289   1.988   1.00 24.26 ? 19  LYS A C   1 
ATOM   108  O O   . LYS A 1 19  ? 5.873   8.922   2.075   1.00 24.06 ? 19  LYS A O   1 
ATOM   109  C CB  . LYS A 1 19  ? 5.390   6.015   1.039   1.00 22.63 ? 19  LYS A CB  1 
ATOM   110  C CG  . LYS A 1 19  ? 5.005   5.281   2.330   1.00 20.84 ? 19  LYS A CG  1 
ATOM   111  C CD  . LYS A 1 19  ? 5.908   4.193   2.787   1.00 19.85 ? 19  LYS A CD  1 
ATOM   112  C CE  . LYS A 1 19  ? 7.337   4.674   3.111   1.00 22.79 ? 19  LYS A CE  1 
ATOM   113  N NZ  . LYS A 1 19  ? 8.063   3.512   3.605   1.00 24.44 ? 19  LYS A NZ  1 
ATOM   114  N N   . THR A 1 20  ? 3.844   8.409   2.896   1.00 24.54 ? 20  THR A N   1 
ATOM   115  C CA  . THR A 1 20  ? 4.056   9.243   4.077   1.00 26.13 ? 20  THR A CA  1 
ATOM   116  C C   . THR A 1 20  ? 3.960   8.372   5.278   1.00 26.28 ? 20  THR A C   1 
ATOM   117  O O   . THR A 1 20  ? 2.935   7.719   5.444   1.00 25.07 ? 20  THR A O   1 
ATOM   118  C CB  . THR A 1 20  ? 2.963   10.278  4.161   1.00 26.55 ? 20  THR A CB  1 
ATOM   119  O OG1 . THR A 1 20  ? 2.986   11.046  2.966   1.00 27.13 ? 20  THR A OG1 1 
ATOM   120  C CG2 . THR A 1 20  ? 3.151   11.160  5.419   1.00 27.31 ? 20  THR A CG2 1 
ATOM   121  N N   . ILE A 1 21  ? 5.018   8.320   6.082   1.00 26.42 ? 21  ILE A N   1 
ATOM   122  C CA  . ILE A 1 21  ? 5.065   7.398   7.226   1.00 27.70 ? 21  ILE A CA  1 
ATOM   123  C C   . ILE A 1 21  ? 4.315   8.059   8.357   1.00 28.11 ? 21  ILE A C   1 
ATOM   124  O O   . ILE A 1 21  ? 4.642   9.191   8.712   1.00 28.85 ? 21  ILE A O   1 
ATOM   125  C CB  . ILE A 1 21  ? 6.519   7.048   7.666   1.00 27.70 ? 21  ILE A CB  1 
ATOM   126  C CG1 . ILE A 1 21  ? 7.132   6.060   6.656   1.00 28.60 ? 21  ILE A CG1 1 
ATOM   127  C CG2 . ILE A 1 21  ? 6.513   6.416   9.045   1.00 29.45 ? 21  ILE A CG2 1 
ATOM   128  C CD1 . ILE A 1 21  ? 8.541   5.532   7.023   1.00 28.43 ? 21  ILE A CD1 1 
ATOM   129  N N   . LEU A 1 22  ? 3.271   7.397   8.858   1.00 28.31 ? 22  LEU A N   1 
ATOM   130  C CA  . LEU A 1 22  ? 2.441   7.984   9.907   1.00 29.22 ? 22  LEU A CA  1 
ATOM   131  C C   . LEU A 1 22  ? 2.933   7.437   11.239  1.00 30.55 ? 22  LEU A C   1 
ATOM   132  O O   . LEU A 1 22  ? 2.771   8.068   12.297  1.00 31.11 ? 22  LEU A O   1 
ATOM   133  C CB  . LEU A 1 22  ? 0.948   7.652   9.693   1.00 29.26 ? 22  LEU A CB  1 
ATOM   134  C CG  . LEU A 1 22  ? 0.204   8.017   8.404   1.00 28.46 ? 22  LEU A CG  1 
ATOM   135  C CD1 . LEU A 1 22  ? -1.219  7.431   8.401   1.00 26.29 ? 22  LEU A CD1 1 
ATOM   136  C CD2 . LEU A 1 22  ? 0.106   9.502   8.155   1.00 29.77 ? 22  LEU A CD2 1 
ATOM   137  N N   . ARG A 1 23  ? 3.524   6.252   11.188  1.00 31.19 ? 23  ARG A N   1 
ATOM   138  C CA  . ARG A 1 23  ? 4.115   5.627   12.347  1.00 32.38 ? 23  ARG A CA  1 
ATOM   139  C C   . ARG A 1 23  ? 5.301   4.783   11.907  1.00 33.14 ? 23  ARG A C   1 
ATOM   140  O O   . ARG A 1 23  ? 5.152   3.826   11.134  1.00 32.98 ? 23  ARG A O   1 
ATOM   141  C CB  . ARG A 1 23  ? 3.110   4.747   13.096  1.00 31.82 ? 23  ARG A CB  1 
ATOM   142  C CG  . ARG A 1 23  ? 3.767   3.988   14.234  1.00 34.20 ? 23  ARG A CG  1 
ATOM   143  C CD  . ARG A 1 23  ? 2.776   3.184   15.003  1.00 35.04 ? 23  ARG A CD  1 
ATOM   144  N NE  . ARG A 1 23  ? 2.501   1.889   14.383  1.00 35.81 ? 23  ARG A NE  1 
ATOM   145  C CZ  . ARG A 1 23  ? 1.284   1.413   14.156  1.00 35.63 ? 23  ARG A CZ  1 
ATOM   146  N NH1 . ARG A 1 23  ? 0.215   2.121   14.492  1.00 35.98 ? 23  ARG A NH1 1 
ATOM   147  N NH2 . ARG A 1 23  ? 1.137   0.209   13.628  1.00 36.20 ? 23  ARG A NH2 1 
ATOM   148  N N   . LYS A 1 24  ? 6.479   5.110   12.433  1.00 33.93 ? 24  LYS A N   1 
ATOM   149  C CA  . LYS A 1 24  ? 7.687   4.387   12.073  1.00 34.14 ? 24  LYS A CA  1 
ATOM   150  C C   . LYS A 1 24  ? 7.685   2.949   12.574  1.00 34.36 ? 24  LYS A C   1 
ATOM   151  O O   . LYS A 1 24  ? 7.264   2.648   13.705  1.00 34.20 ? 24  LYS A O   1 
ATOM   152  C CB  . LYS A 1 24  ? 8.928   5.133   12.576  1.00 34.70 ? 24  LYS A CB  1 
ATOM   153  C CG  . LYS A 1 24  ? 10.229  4.718   11.876  1.00 36.68 ? 24  LYS A CG  1 
ATOM   154  C CD  . LYS A 1 24  ? 10.252  5.222   10.441  1.00 40.23 ? 24  LYS A CD  1 
ATOM   155  C CE  . LYS A 1 24  ? 11.566  4.906   9.754   1.00 43.18 ? 24  LYS A CE  1 
ATOM   156  N NZ  . LYS A 1 24  ? 11.737  5.821   8.569   1.00 44.55 ? 24  LYS A NZ  1 
ATOM   157  N N   . GLY A 1 25  ? 8.159   2.053   11.719  1.00 33.82 ? 25  GLY A N   1 
ATOM   158  C CA  . GLY A 1 25  ? 8.266   0.664   12.082  1.00 36.00 ? 25  GLY A CA  1 
ATOM   159  C C   . GLY A 1 25  ? 9.508   0.424   12.909  1.00 37.17 ? 25  GLY A C   1 
ATOM   160  O O   . GLY A 1 25  ? 10.189  1.365   13.334  1.00 37.87 ? 25  GLY A O   1 
ATOM   161  N N   . GLU A 1 26  ? 9.815   -0.843  13.126  1.00 39.01 ? 26  GLU A N   1 
ATOM   162  C CA  . GLU A 1 26  ? 11.000  -1.206  13.878  1.00 40.55 ? 26  GLU A CA  1 
ATOM   163  C C   . GLU A 1 26  ? 12.198  -1.353  12.945  1.00 41.15 ? 26  GLU A C   1 
ATOM   164  O O   . GLU A 1 26  ? 12.063  -1.840  11.822  1.00 40.90 ? 26  GLU A O   1 
ATOM   165  C CB  . GLU A 1 26  ? 10.719  -2.471  14.693  1.00 41.32 ? 26  GLU A CB  1 
ATOM   166  C CG  . GLU A 1 26  ? 9.597   -2.278  15.771  1.00 43.37 ? 26  GLU A CG  1 
ATOM   167  C CD  . GLU A 1 26  ? 9.800   -1.023  16.650  1.00 48.61 ? 26  GLU A CD  1 
ATOM   168  O OE1 . GLU A 1 26  ? 10.920  -0.837  17.189  1.00 50.39 ? 26  GLU A OE1 1 
ATOM   169  O OE2 . GLU A 1 26  ? 8.846   -0.214  16.803  1.00 49.76 ? 26  GLU A OE2 1 
ATOM   170  N N   . GLY A 1 27  ? 13.368  -0.903  13.395  1.00 42.21 ? 27  GLY A N   1 
ATOM   171  C CA  . GLY A 1 27  ? 14.602  -1.053  12.605  1.00 42.80 ? 27  GLY A CA  1 
ATOM   172  C C   . GLY A 1 27  ? 15.223  -2.431  12.769  1.00 43.80 ? 27  GLY A C   1 
ATOM   173  O O   . GLY A 1 27  ? 14.775  -3.225  13.611  1.00 43.39 ? 27  GLY A O   1 
ATOM   174  N N   . GLY A 1 28  ? 16.252  -2.710  11.963  1.00 44.49 ? 28  GLY A N   1 
ATOM   175  C CA  . GLY A 1 28  ? 16.935  -4.004  11.966  1.00 46.19 ? 28  GLY A CA  1 
ATOM   176  C C   . GLY A 1 28  ? 16.509  -4.906  10.821  1.00 47.23 ? 28  GLY A C   1 
ATOM   177  O O   . GLY A 1 28  ? 15.312  -5.010  10.507  1.00 47.09 ? 28  GLY A O   1 
ATOM   178  N N   . GLU A 1 29  ? 17.493  -5.551  10.193  1.00 48.24 ? 29  GLU A N   1 
ATOM   179  C CA  . GLU A 1 29  ? 17.246  -6.501  9.099   1.00 49.25 ? 29  GLU A CA  1 
ATOM   180  C C   . GLU A 1 29  ? 16.076  -7.462  9.367   1.00 49.56 ? 29  GLU A C   1 
ATOM   181  O O   . GLU A 1 29  ? 15.247  -7.686  8.477   1.00 49.99 ? 29  GLU A O   1 
ATOM   182  C CB  . GLU A 1 29  ? 18.526  -7.276  8.706   1.00 49.67 ? 29  GLU A CB  1 
ATOM   183  C CG  . GLU A 1 29  ? 19.272  -8.018  9.853   1.00 50.49 ? 29  GLU A CG  1 
ATOM   184  C CD  . GLU A 1 29  ? 20.588  -7.338  10.266  1.00 52.59 ? 29  GLU A CD  1 
ATOM   185  O OE1 . GLU A 1 29  ? 20.587  -6.097  10.491  1.00 54.15 ? 29  GLU A OE1 1 
ATOM   186  O OE2 . GLU A 1 29  ? 21.623  -8.055  10.375  1.00 52.32 ? 29  GLU A OE2 1 
ATOM   187  N N   . GLU A 1 30  ? 15.998  -8.002  10.587  1.00 49.54 ? 30  GLU A N   1 
ATOM   188  C CA  . GLU A 1 30  ? 14.927  -8.940  10.973  1.00 49.88 ? 30  GLU A CA  1 
ATOM   189  C C   . GLU A 1 30  ? 13.515  -8.323  10.898  1.00 49.09 ? 30  GLU A C   1 
ATOM   190  O O   . GLU A 1 30  ? 12.525  -9.053  10.991  1.00 48.84 ? 30  GLU A O   1 
ATOM   191  C CB  . GLU A 1 30  ? 15.177  -9.516  12.378  1.00 50.26 ? 30  GLU A CB  1 
ATOM   192  C CG  . GLU A 1 30  ? 14.889  -8.550  13.541  1.00 53.10 ? 30  GLU A CG  1 
ATOM   193  C CD  . GLU A 1 30  ? 16.070  -7.631  13.891  1.00 56.62 ? 30  GLU A CD  1 
ATOM   194  O OE1 . GLU A 1 30  ? 17.032  -7.508  13.083  1.00 56.84 ? 30  GLU A OE1 1 
ATOM   195  O OE2 . GLU A 1 30  ? 16.021  -7.021  14.990  1.00 58.46 ? 30  GLU A OE2 1 
ATOM   196  N N   . ASN A 1 31  ? 13.447  -6.995  10.730  1.00 48.05 ? 31  ASN A N   1 
ATOM   197  C CA  . ASN A 1 31  ? 12.177  -6.246  10.673  1.00 47.44 ? 31  ASN A CA  1 
ATOM   198  C C   . ASN A 1 31  ? 11.777  -5.646  9.301   1.00 46.30 ? 31  ASN A C   1 
ATOM   199  O O   . ASN A 1 31  ? 10.694  -5.055  9.180   1.00 45.32 ? 31  ASN A O   1 
ATOM   200  C CB  . ASN A 1 31  ? 12.134  -5.151  11.760  1.00 47.91 ? 31  ASN A CB  1 
ATOM   201  C CG  . ASN A 1 31  ? 12.009  -5.724  13.176  1.00 49.50 ? 31  ASN A CG  1 
ATOM   202  O OD1 . ASN A 1 31  ? 11.395  -6.780  13.392  1.00 50.50 ? 31  ASN A OD1 1 
ATOM   203  N ND2 . ASN A 1 31  ? 12.598  -5.027  14.144  1.00 49.98 ? 31  ASN A ND2 1 
ATOM   204  N N   . ALA A 1 32  ? 12.646  -5.777  8.296   1.00 45.03 ? 32  ALA A N   1 
ATOM   205  C CA  . ALA A 1 32  ? 12.296  -5.442  6.913   1.00 44.08 ? 32  ALA A CA  1 
ATOM   206  C C   . ALA A 1 32  ? 11.991  -6.728  6.137   1.00 42.93 ? 32  ALA A C   1 
ATOM   207  O O   . ALA A 1 32  ? 12.784  -7.675  6.186   1.00 42.79 ? 32  ALA A O   1 
ATOM   208  C CB  . ALA A 1 32  ? 13.424  -4.660  6.251   1.00 44.39 ? 32  ALA A CB  1 
ATOM   209  N N   . PRO A 1 33  ? 10.838  -6.775  5.423   1.00 42.08 ? 33  PRO A N   1 
ATOM   210  C CA  . PRO A 1 33  ? 10.457  -7.997  4.692   1.00 40.57 ? 33  PRO A CA  1 
ATOM   211  C C   . PRO A 1 33  ? 11.198  -8.154  3.363   1.00 39.71 ? 33  PRO A C   1 
ATOM   212  O O   . PRO A 1 33  ? 11.625  -7.161  2.751   1.00 38.81 ? 33  PRO A O   1 
ATOM   213  C CB  . PRO A 1 33  ? 8.959   -7.790  4.437   1.00 40.99 ? 33  PRO A CB  1 
ATOM   214  C CG  . PRO A 1 33  ? 8.828   -6.324  4.269   1.00 40.98 ? 33  PRO A CG  1 
ATOM   215  C CD  . PRO A 1 33  ? 9.880   -5.675  5.156   1.00 41.89 ? 33  PRO A CD  1 
ATOM   216  N N   . LYS A 1 34  ? 11.332  -9.399  2.916   1.00 38.84 ? 34  LYS A N   1 
ATOM   217  C CA  . LYS A 1 34  ? 12.072  -9.700  1.687   1.00 38.30 ? 34  LYS A CA  1 
ATOM   218  C C   . LYS A 1 34  ? 11.150  -10.190 0.556   1.00 37.53 ? 34  LYS A C   1 
ATOM   219  O O   . LYS A 1 34  ? 10.092  -10.810 0.800   1.00 36.98 ? 34  LYS A O   1 
ATOM   220  C CB  . LYS A 1 34  ? 13.185  -10.727 1.963   1.00 38.36 ? 34  LYS A CB  1 
ATOM   221  C CG  . LYS A 1 34  ? 14.385  -10.165 2.775   1.00 40.40 ? 34  LYS A CG  1 
ATOM   222  C CD  . LYS A 1 34  ? 15.519  -11.190 2.985   1.00 41.16 ? 34  LYS A CD  1 
ATOM   223  C CE  . LYS A 1 34  ? 16.482  -11.348 1.778   1.00 41.81 ? 34  LYS A CE  1 
ATOM   224  N NZ  . LYS A 1 34  ? 17.343  -10.146 1.434   1.00 42.97 ? 34  LYS A NZ  1 
ATOM   225  N N   . LYS A 1 35  ? 11.555  -9.905  -0.680  1.00 36.74 ? 35  LYS A N   1 
ATOM   226  C CA  . LYS A 1 35  ? 10.821  -10.384 -1.843  1.00 35.84 ? 35  LYS A CA  1 
ATOM   227  C C   . LYS A 1 35  ? 10.409  -11.855 -1.694  1.00 35.52 ? 35  LYS A C   1 
ATOM   228  O O   . LYS A 1 35  ? 11.216  -12.711 -1.257  1.00 35.94 ? 35  LYS A O   1 
ATOM   229  C CB  . LYS A 1 35  ? 11.631  -10.197 -3.116  1.00 35.91 ? 35  LYS A CB  1 
ATOM   230  C CG  . LYS A 1 35  ? 10.890  -10.720 -4.298  1.00 36.19 ? 35  LYS A CG  1 
ATOM   231  C CD  . LYS A 1 35  ? 11.723  -10.836 -5.525  1.00 36.78 ? 35  LYS A CD  1 
ATOM   232  C CE  . LYS A 1 35  ? 10.910  -11.530 -6.597  1.00 39.30 ? 35  LYS A CE  1 
ATOM   233  N NZ  . LYS A 1 35  ? 11.222  -11.035 -7.961  1.00 40.31 ? 35  LYS A NZ  1 
ATOM   234  N N   . GLY A 1 36  ? 9.155   -12.145 -2.023  1.00 33.64 ? 36  GLY A N   1 
ATOM   235  C CA  . GLY A 1 36  ? 8.603   -13.471 -1.832  1.00 32.72 ? 36  GLY A CA  1 
ATOM   236  C C   . GLY A 1 36  ? 7.982   -13.773 -0.484  1.00 32.07 ? 36  GLY A C   1 
ATOM   237  O O   . GLY A 1 36  ? 7.169   -14.689 -0.399  1.00 32.65 ? 36  GLY A O   1 
ATOM   238  N N   . ASN A 1 37  ? 8.349   -13.018 0.562   1.00 31.30 ? 37  ASN A N   1 
ATOM   239  C CA  . ASN A 1 37  ? 7.819   -13.220 1.915   1.00 31.11 ? 37  ASN A CA  1 
ATOM   240  C C   . ASN A 1 37  ? 6.321   -13.001 1.963   1.00 30.59 ? 37  ASN A C   1 
ATOM   241  O O   . ASN A 1 37  ? 5.790   -12.143 1.241   1.00 30.62 ? 37  ASN A O   1 
ATOM   242  C CB  . ASN A 1 37  ? 8.468   -12.263 2.922   1.00 30.92 ? 37  ASN A CB  1 
ATOM   243  C CG  . ASN A 1 37  ? 9.945   -12.583 3.195   1.00 32.34 ? 37  ASN A CG  1 
ATOM   244  O OD1 . ASN A 1 37  ? 10.579  -13.365 2.484   1.00 35.33 ? 37  ASN A OD1 1 
ATOM   245  N ND2 . ASN A 1 37  ? 10.489  -11.955 4.214   1.00 30.45 ? 37  ASN A ND2 1 
ATOM   246  N N   . GLU A 1 38  ? 5.638   -13.767 2.806   1.00 29.61 ? 38  GLU A N   1 
ATOM   247  C CA  . GLU A 1 38  ? 4.233   -13.485 3.077   1.00 29.16 ? 38  GLU A CA  1 
ATOM   248  C C   . GLU A 1 38  ? 4.150   -12.303 4.055   1.00 29.47 ? 38  GLU A C   1 
ATOM   249  O O   . GLU A 1 38  ? 4.704   -12.358 5.169   1.00 29.38 ? 38  GLU A O   1 
ATOM   250  C CB  . GLU A 1 38  ? 3.507   -14.749 3.562   1.00 29.09 ? 38  GLU A CB  1 
ATOM   251  C CG  . GLU A 1 38  ? 2.099   -14.538 4.055   1.00 30.18 ? 38  GLU A CG  1 
ATOM   252  C CD  . GLU A 1 38  ? 1.656   -15.665 4.983   1.00 34.90 ? 38  GLU A CD  1 
ATOM   253  O OE1 . GLU A 1 38  ? 1.448   -16.789 4.474   1.00 37.93 ? 38  GLU A OE1 1 
ATOM   254  O OE2 . GLU A 1 38  ? 1.512   -15.434 6.217   1.00 34.61 ? 38  GLU A OE2 1 
ATOM   255  N N   . VAL A 1 39  ? 3.515   -11.213 3.614   1.00 28.10 ? 39  VAL A N   1 
ATOM   256  C CA  . VAL A 1 39  ? 3.372   -10.006 4.438   1.00 27.61 ? 39  VAL A CA  1 
ATOM   257  C C   . VAL A 1 39  ? 1.923   -9.890  4.894   1.00 27.73 ? 39  VAL A C   1 
ATOM   258  O O   . VAL A 1 39  ? 0.985   -10.222 4.156   1.00 26.89 ? 39  VAL A O   1 
ATOM   259  C CB  . VAL A 1 39  ? 3.918   -8.717  3.740   1.00 27.72 ? 39  VAL A CB  1 
ATOM   260  C CG1 . VAL A 1 39  ? 5.307   -8.953  3.235   1.00 26.59 ? 39  VAL A CG1 1 
ATOM   261  C CG2 . VAL A 1 39  ? 3.012   -8.249  2.570   1.00 27.53 ? 39  VAL A CG2 1 
ATOM   262  N N   . THR A 1 40  ? 1.733   -9.484  6.140   1.00 26.48 ? 40  THR A N   1 
ATOM   263  C CA  . THR A 1 40  ? 0.398   -9.426  6.713   1.00 25.59 ? 40  THR A CA  1 
ATOM   264  C C   . THR A 1 40  ? 0.160   -7.954  6.965   1.00 24.63 ? 40  THR A C   1 
ATOM   265  O O   . THR A 1 40  ? 0.993   -7.311  7.623   1.00 25.28 ? 40  THR A O   1 
ATOM   266  C CB  . THR A 1 40  ? 0.323   -10.176 8.084   1.00 25.91 ? 40  THR A CB  1 
ATOM   267  O OG1 . THR A 1 40  ? 0.470   -11.592 7.885   1.00 28.11 ? 40  THR A OG1 1 
ATOM   268  C CG2 . THR A 1 40  ? -0.992  -9.928  8.737   1.00 25.79 ? 40  THR A CG2 1 
ATOM   269  N N   . VAL A 1 41  ? -0.943  -7.403  6.442   1.00 22.83 ? 41  VAL A N   1 
ATOM   270  C CA  . VAL A 1 41  ? -1.166  -5.955  6.552   1.00 21.69 ? 41  VAL A CA  1 
ATOM   271  C C   . VAL A 1 41  ? -2.609  -5.676  6.894   1.00 20.50 ? 41  VAL A C   1 
ATOM   272  O O   . VAL A 1 41  ? -3.453  -6.549  6.727   1.00 20.80 ? 41  VAL A O   1 
ATOM   273  C CB  . VAL A 1 41  ? -0.826  -5.189  5.222   1.00 21.50 ? 41  VAL A CB  1 
ATOM   274  C CG1 . VAL A 1 41  ? 0.662   -5.412  4.769   1.00 22.87 ? 41  VAL A CG1 1 
ATOM   275  C CG2 . VAL A 1 41  ? -1.775  -5.628  4.109   1.00 21.63 ? 41  VAL A CG2 1 
ATOM   276  N N   . HIS A 1 42  ? -2.880  -4.482  7.406   1.00 20.35 ? 42  HIS A N   1 
ATOM   277  C CA  . HIS A 1 42  ? -4.226  -3.911  7.379   1.00 20.24 ? 42  HIS A CA  1 
ATOM   278  C C   . HIS A 1 42  ? -4.213  -2.742  6.434   1.00 19.31 ? 42  HIS A C   1 
ATOM   279  O O   . HIS A 1 42  ? -3.205  -2.057  6.330   1.00 19.72 ? 42  HIS A O   1 
ATOM   280  C CB  . HIS A 1 42  ? -4.716  -3.454  8.766   1.00 20.29 ? 42  HIS A CB  1 
ATOM   281  C CG  . HIS A 1 42  ? -5.620  -4.449  9.422   1.00 24.44 ? 42  HIS A CG  1 
ATOM   282  N ND1 . HIS A 1 42  ? -6.708  -5.000  8.776   1.00 23.54 ? 42  HIS A ND1 1 
ATOM   283  C CD2 . HIS A 1 42  ? -5.582  -5.012  10.654  1.00 27.44 ? 42  HIS A CD2 1 
ATOM   284  C CE1 . HIS A 1 42  ? -7.299  -5.867  9.581   1.00 26.45 ? 42  HIS A CE1 1 
ATOM   285  N NE2 . HIS A 1 42  ? -6.651  -5.875  10.736  1.00 28.79 ? 42  HIS A NE2 1 
ATOM   286  N N   . TYR A 1 43  ? -5.310  -2.508  5.724   1.00 19.94 ? 43  TYR A N   1 
ATOM   287  C CA  . TYR A 1 43  ? -5.338  -1.376  4.815   1.00 19.68 ? 43  TYR A CA  1 
ATOM   288  C C   . TYR A 1 43  ? -6.733  -0.800  4.742   1.00 19.86 ? 43  TYR A C   1 
ATOM   289  O O   . TYR A 1 43  ? -7.717  -1.474  5.051   1.00 20.46 ? 43  TYR A O   1 
ATOM   290  C CB  . TYR A 1 43  ? -4.863  -1.805  3.406   1.00 18.05 ? 43  TYR A CB  1 
ATOM   291  C CG  . TYR A 1 43  ? -5.818  -2.764  2.692   1.00 17.12 ? 43  TYR A CG  1 
ATOM   292  C CD1 . TYR A 1 43  ? -6.795  -2.266  1.805   1.00 16.80 ? 43  TYR A CD1 1 
ATOM   293  C CD2 . TYR A 1 43  ? -5.746  -4.174  2.900   1.00 17.31 ? 43  TYR A CD2 1 
ATOM   294  C CE1 . TYR A 1 43  ? -7.688  -3.144  1.159   1.00 15.69 ? 43  TYR A CE1 1 
ATOM   295  C CE2 . TYR A 1 43  ? -6.635  -5.052  2.266   1.00 16.03 ? 43  TYR A CE2 1 
ATOM   296  C CZ  . TYR A 1 43  ? -7.575  -4.538  1.389   1.00 18.50 ? 43  TYR A CZ  1 
ATOM   297  O OH  . TYR A 1 43  ? -8.443  -5.400  0.779   1.00 19.00 ? 43  TYR A OH  1 
ATOM   298  N N   . VAL A 1 44  ? -6.792  0.461   4.360   1.00 20.35 ? 44  VAL A N   1 
ATOM   299  C CA  . VAL A 1 44  ? -8.026  1.088   3.946   1.00 20.72 ? 44  VAL A CA  1 
ATOM   300  C C   . VAL A 1 44  ? -7.686  1.807   2.668   1.00 20.43 ? 44  VAL A C   1 
ATOM   301  O O   . VAL A 1 44  ? -6.705  2.577   2.599   1.00 20.29 ? 44  VAL A O   1 
ATOM   302  C CB  . VAL A 1 44  ? -8.627  2.119   5.002   1.00 20.41 ? 44  VAL A CB  1 
ATOM   303  C CG1 . VAL A 1 44  ? -9.918  2.751   4.458   1.00 25.68 ? 44  VAL A CG1 1 
ATOM   304  C CG2 . VAL A 1 44  ? -8.819  1.463   6.381   1.00 25.76 ? 44  VAL A CG2 1 
ATOM   305  N N   . GLY A 1 45  ? -8.481  1.538   1.635   1.00 19.93 ? 45  GLY A N   1 
ATOM   306  C CA  . GLY A 1 45  ? -8.279  2.169   0.339   1.00 19.70 ? 45  GLY A CA  1 
ATOM   307  C C   . GLY A 1 45  ? -9.414  3.134   -0.009  1.00 20.58 ? 45  GLY A C   1 
ATOM   308  O O   . GLY A 1 45  ? -10.589 2.772   -0.015  1.00 21.04 ? 45  GLY A O   1 
ATOM   309  N N   . LYS A 1 46  ? -9.056  4.362   -0.340  1.00 21.29 ? 46  LYS A N   1 
ATOM   310  C CA  . LYS A 1 46  ? -10.061 5.319   -0.812  1.00 22.97 ? 46  LYS A CA  1 
ATOM   311  C C   . LYS A 1 46  ? -9.650  6.062   -2.085  1.00 23.32 ? 46  LYS A C   1 
ATOM   312  O O   . LYS A 1 46  ? -8.473  6.208   -2.395  1.00 21.41 ? 46  LYS A O   1 
ATOM   313  C CB  . LYS A 1 46  ? -10.392 6.335   0.263   1.00 23.78 ? 46  LYS A CB  1 
ATOM   314  C CG  . LYS A 1 46  ? -9.191  7.147   0.668   1.00 26.56 ? 46  LYS A CG  1 
ATOM   315  C CD  . LYS A 1 46  ? -9.572  8.498   1.252   1.00 32.61 ? 46  LYS A CD  1 
ATOM   316  C CE  . LYS A 1 46  ? -8.351  9.133   1.913   1.00 34.40 ? 46  LYS A CE  1 
ATOM   317  N NZ  . LYS A 1 46  ? -8.729  10.394  2.626   1.00 39.70 ? 46  LYS A NZ  1 
ATOM   318  N N   . LEU A 1 47  ? -10.642 6.540   -2.829  1.00 23.69 ? 47  LEU A N   1 
ATOM   319  C CA  . LEU A 1 47  ? -10.327 7.378   -3.981  1.00 24.96 ? 47  LEU A CA  1 
ATOM   320  C C   . LEU A 1 47  ? -9.880  8.758   -3.507  1.00 25.63 ? 47  LEU A C   1 
ATOM   321  O O   . LEU A 1 47  ? -10.456 9.326   -2.575  1.00 26.01 ? 47  LEU A O   1 
ATOM   322  C CB  . LEU A 1 47  ? -11.523 7.521   -4.895  1.00 26.48 ? 47  LEU A CB  1 
ATOM   323  C CG  . LEU A 1 47  ? -12.125 6.190   -5.327  1.00 26.05 ? 47  LEU A CG  1 
ATOM   324  C CD1 . LEU A 1 47  ? -13.430 6.536   -5.987  1.00 30.70 ? 47  LEU A CD1 1 
ATOM   325  C CD2 . LEU A 1 47  ? -11.195 5.388   -6.234  1.00 26.19 ? 47  LEU A CD2 1 
ATOM   326  N N   . GLU A 1 48  ? -8.854  9.291   -4.150  1.00 26.04 ? 48  GLU A N   1 
ATOM   327  C CA  . GLU A 1 48  ? -8.359  10.606  -3.734  1.00 27.00 ? 48  GLU A CA  1 
ATOM   328  C C   . GLU A 1 48  ? -9.448  11.659  -3.907  1.00 27.99 ? 48  GLU A C   1 
ATOM   329  O O   . GLU A 1 48  ? -9.687  12.455  -2.988  1.00 28.90 ? 48  GLU A O   1 
ATOM   330  C CB  . GLU A 1 48  ? -7.099  11.011  -4.488  1.00 26.96 ? 48  GLU A CB  1 
ATOM   331  C CG  . GLU A 1 48  ? -6.487  12.319  -3.946  1.00 25.51 ? 48  GLU A CG  1 
ATOM   332  C CD  . GLU A 1 48  ? -5.255  12.754  -4.704  1.00 25.63 ? 48  GLU A CD  1 
ATOM   333  O OE1 . GLU A 1 48  ? -4.233  13.044  -4.062  1.00 27.21 ? 48  GLU A OE1 1 
ATOM   334  O OE2 . GLU A 1 48  ? -5.313  12.809  -5.960  1.00 27.56 ? 48  GLU A OE2 1 
ATOM   335  N N   . SER A 1 49  ? -10.083 11.661  -5.076  1.00 29.14 ? 49  SER A N   1 
ATOM   336  C CA  . SER A 1 49  ? -11.006 12.761  -5.432  1.00 31.29 ? 49  SER A CA  1 
ATOM   337  C C   . SER A 1 49  ? -12.208 12.854  -4.493  1.00 31.70 ? 49  SER A C   1 
ATOM   338  O O   . SER A 1 49  ? -12.419 13.877  -3.821  1.00 32.59 ? 49  SER A O   1 
ATOM   339  C CB  . SER A 1 49  ? -11.430 12.673  -6.903  1.00 30.26 ? 49  SER A CB  1 
ATOM   340  O OG  . SER A 1 49  ? -12.206 11.506  -7.153  1.00 33.64 ? 49  SER A OG  1 
ATOM   341  N N   . SER A 1 50  ? -12.976 11.782  -4.424  1.00 32.00 ? 50  SER A N   1 
ATOM   342  C CA  . SER A 1 50  ? -14.130 11.735  -3.551  1.00 32.41 ? 50  SER A CA  1 
ATOM   343  C C   . SER A 1 50  ? -13.826 11.373  -2.100  1.00 31.19 ? 50  SER A C   1 
ATOM   344  O O   . SER A 1 50  ? -14.569 11.740  -1.205  1.00 30.34 ? 50  SER A O   1 
ATOM   345  C CB  . SER A 1 50  ? -15.176 10.778  -4.107  1.00 33.15 ? 50  SER A CB  1 
ATOM   346  O OG  . SER A 1 50  ? -14.726 9.428   -3.983  1.00 36.65 ? 50  SER A OG  1 
ATOM   347  N N   . GLY A 1 51  ? -12.742 10.645  -1.840  1.00 30.21 ? 51  GLY A N   1 
ATOM   348  C CA  . GLY A 1 51  ? -12.492 10.182  -0.479  1.00 29.39 ? 51  GLY A CA  1 
ATOM   349  C C   . GLY A 1 51  ? -13.283 8.919   -0.142  1.00 29.36 ? 51  GLY A C   1 
ATOM   350  O O   . GLY A 1 51  ? -13.250 8.449   0.977   1.00 30.66 ? 51  GLY A O   1 
ATOM   351  N N   . LYS A 1 52  ? -14.017 8.396   -1.111  1.00 30.07 ? 52  LYS A N   1 
ATOM   352  C CA  . LYS A 1 52  ? -14.880 7.248   -0.863  1.00 30.25 ? 52  LYS A CA  1 
ATOM   353  C C   . LYS A 1 52  ? -14.020 5.996   -0.702  1.00 29.34 ? 52  LYS A C   1 
ATOM   354  O O   . LYS A 1 52  ? -13.229 5.665   -1.592  1.00 28.93 ? 52  LYS A O   1 
ATOM   355  C CB  . LYS A 1 52  ? -15.892 7.059   -1.995  1.00 30.83 ? 52  LYS A CB  1 
ATOM   356  C CG  . LYS A 1 52  ? -16.968 5.993   -1.697  1.00 35.70 ? 52  LYS A CG  1 
ATOM   357  C CD  . LYS A 1 52  ? -18.297 6.252   -2.439  1.00 38.57 ? 52  LYS A CD  1 
ATOM   358  C CE  . LYS A 1 52  ? -19.336 5.132   -2.182  1.00 41.52 ? 52  LYS A CE  1 
ATOM   359  N NZ  . LYS A 1 52  ? -19.422 4.646   -0.750  1.00 39.92 ? 52  LYS A NZ  1 
ATOM   360  N N   . VAL A 1 53  ? -14.199 5.316   0.422   1.00 28.57 ? 53  VAL A N   1 
ATOM   361  C CA  . VAL A 1 53  ? -13.535 4.025   0.641   1.00 26.66 ? 53  VAL A CA  1 
ATOM   362  C C   . VAL A 1 53  ? -14.095 2.956   -0.298  1.00 26.63 ? 53  VAL A C   1 
ATOM   363  O O   . VAL A 1 53  ? -15.322 2.722   -0.339  1.00 26.59 ? 53  VAL A O   1 
ATOM   364  C CB  . VAL A 1 53  ? -13.695 3.558   2.110   1.00 26.79 ? 53  VAL A CB  1 
ATOM   365  C CG1 . VAL A 1 53  ? -13.079 2.171   2.291   1.00 25.15 ? 53  VAL A CG1 1 
ATOM   366  C CG2 . VAL A 1 53  ? -13.048 4.550   3.056   1.00 28.39 ? 53  VAL A CG2 1 
ATOM   367  N N   . PHE A 1 54  ? -13.214 2.290   -1.046  1.00 24.96 ? 54  PHE A N   1 
ATOM   368  C CA  . PHE A 1 54  ? -13.633 1.225   -1.959  1.00 24.41 ? 54  PHE A CA  1 
ATOM   369  C C   . PHE A 1 54  ? -13.345 -0.180  -1.396  1.00 23.88 ? 54  PHE A C   1 
ATOM   370  O O   . PHE A 1 54  ? -13.910 -1.179  -1.889  1.00 24.76 ? 54  PHE A O   1 
ATOM   371  C CB  . PHE A 1 54  ? -12.996 1.395   -3.338  1.00 24.15 ? 54  PHE A CB  1 
ATOM   372  C CG  . PHE A 1 54  ? -11.511 1.533   -3.302  1.00 22.94 ? 54  PHE A CG  1 
ATOM   373  C CD1 . PHE A 1 54  ? -10.688 0.409   -3.181  1.00 21.17 ? 54  PHE A CD1 1 
ATOM   374  C CD2 . PHE A 1 54  ? -10.907 2.787   -3.406  1.00 23.95 ? 54  PHE A CD2 1 
ATOM   375  C CE1 . PHE A 1 54  ? -9.285  0.524   -3.172  1.00 19.78 ? 54  PHE A CE1 1 
ATOM   376  C CE2 . PHE A 1 54  ? -9.509  2.896   -3.387  1.00 24.66 ? 54  PHE A CE2 1 
ATOM   377  C CZ  . PHE A 1 54  ? -8.702  1.757   -3.258  1.00 23.17 ? 54  PHE A CZ  1 
ATOM   378  N N   . ASP A 1 55  ? -12.463 -0.255  -0.391  1.00 22.48 ? 55  ASP A N   1 
ATOM   379  C CA  . ASP A 1 55  ? -12.045 -1.561  0.152   1.00 22.71 ? 55  ASP A CA  1 
ATOM   380  C C   . ASP A 1 55  ? -11.247 -1.357  1.430   1.00 23.42 ? 55  ASP A C   1 
ATOM   381  O O   . ASP A 1 55  ? -10.417 -0.452  1.505   1.00 21.66 ? 55  ASP A O   1 
ATOM   382  C CB  . ASP A 1 55  ? -11.211 -2.313  -0.903  1.00 22.06 ? 55  ASP A CB  1 
ATOM   383  C CG  . ASP A 1 55  ? -10.908 -3.779  -0.517  1.00 23.36 ? 55  ASP A CG  1 
ATOM   384  O OD1 . ASP A 1 55  ? -11.657 -4.395  0.261   1.00 24.93 ? 55  ASP A OD1 1 
ATOM   385  O OD2 . ASP A 1 55  ? -9.902  -4.292  -1.047  1.00 21.95 ? 55  ASP A OD2 1 
ATOM   386  N N   . SER A 1 56  ? -11.501 -2.203  2.427   1.00 23.31 ? 56  SER A N   1 
ATOM   387  C CA  . SER A 1 56  ? -10.841 -2.087  3.714   1.00 23.77 ? 56  SER A CA  1 
ATOM   388  C C   . SER A 1 56  ? -10.743 -3.456  4.371   1.00 24.10 ? 56  SER A C   1 
ATOM   389  O O   . SER A 1 56  ? -11.751 -4.173  4.465   1.00 24.80 ? 56  SER A O   1 
ATOM   390  C CB  . SER A 1 56  ? -11.636 -1.147  4.634   1.00 24.93 ? 56  SER A CB  1 
ATOM   391  O OG  . SER A 1 56  ? -11.114 -1.158  5.936   1.00 25.81 ? 56  SER A OG  1 
ATOM   392  N N   . SER A 1 57  ? -9.546  -3.831  4.791   1.00 22.86 ? 57  SER A N   1 
ATOM   393  C CA  . SER A 1 57  ? -9.385  -5.043  5.583   1.00 22.85 ? 57  SER A CA  1 
ATOM   394  C C   . SER A 1 57  ? -9.841  -4.743  7.017   1.00 24.42 ? 57  SER A C   1 
ATOM   395  O O   . SER A 1 57  ? -10.276 -5.653  7.721   1.00 23.97 ? 57  SER A O   1 
ATOM   396  C CB  . SER A 1 57  ? -7.953  -5.556  5.571   1.00 21.93 ? 57  SER A CB  1 
ATOM   397  O OG  . SER A 1 57  ? -7.052  -4.632  6.181   1.00 22.44 ? 57  SER A OG  1 
ATOM   398  N N   . ARG A 1 58  ? -9.749  -3.477  7.424   1.00 25.50 ? 58  ARG A N   1 
ATOM   399  C CA  . ARG A 1 58  ? -10.144 -3.134  8.800   1.00 27.59 ? 58  ARG A CA  1 
ATOM   400  C C   . ARG A 1 58  ? -11.646 -3.333  8.996   1.00 29.36 ? 58  ARG A C   1 
ATOM   401  O O   . ARG A 1 58  ? -12.079 -3.780  10.074  1.00 30.11 ? 58  ARG A O   1 
ATOM   402  C CB  . ARG A 1 58  ? -9.698  -1.733  9.185   1.00 27.79 ? 58  ARG A CB  1 
ATOM   403  C CG  . ARG A 1 58  ? -8.166  -1.524  9.139   1.00 28.89 ? 58  ARG A CG  1 
ATOM   404  C CD  . ARG A 1 58  ? -7.787  -0.086  9.489   1.00 30.22 ? 58  ARG A CD  1 
ATOM   405  N NE  . ARG A 1 58  ? -6.350  0.190   9.473   1.00 32.65 ? 58  ARG A NE  1 
ATOM   406  C CZ  . ARG A 1 58  ? -5.461  -0.377  10.297  1.00 31.08 ? 58  ARG A CZ  1 
ATOM   407  N NH1 . ARG A 1 58  ? -5.861  -1.276  11.193  1.00 31.54 ? 58  ARG A NH1 1 
ATOM   408  N NH2 . ARG A 1 58  ? -4.177  -0.051  10.234  1.00 29.46 ? 58  ARG A NH2 1 
ATOM   409  N N   . GLU A 1 59  ? -12.430 -3.019  7.964   1.00 29.52 ? 59  GLU A N   1 
ATOM   410  C CA  . GLU A 1 59  ? -13.877 -3.275  7.968   1.00 31.71 ? 59  GLU A CA  1 
ATOM   411  C C   . GLU A 1 59  ? -14.186 -4.774  8.029   1.00 31.42 ? 59  GLU A C   1 
ATOM   412  O O   . GLU A 1 59  ? -15.177 -5.181  8.620   1.00 32.54 ? 59  GLU A O   1 
ATOM   413  C CB  . GLU A 1 59  ? -14.528 -2.664  6.732   1.00 32.08 ? 59  GLU A CB  1 
ATOM   414  C CG  . GLU A 1 59  ? -16.053 -2.795  6.656   1.00 38.98 ? 59  GLU A CG  1 
ATOM   415  C CD  . GLU A 1 59  ? -16.608 -2.242  5.347   1.00 46.74 ? 59  GLU A CD  1 
ATOM   416  O OE1 . GLU A 1 59  ? -15.804 -1.685  4.542   1.00 51.14 ? 59  GLU A OE1 1 
ATOM   417  O OE2 . GLU A 1 59  ? -17.844 -2.354  5.113   1.00 49.89 ? 59  GLU A OE2 1 
ATOM   418  N N   . ARG A 1 60  ? -13.339 -5.585  7.406   1.00 31.50 ? 60  ARG A N   1 
ATOM   419  C CA  . ARG A 1 60  ? -13.441 -7.039  7.497   1.00 30.84 ? 60  ARG A CA  1 
ATOM   420  C C   . ARG A 1 60  ? -12.981 -7.598  8.867   1.00 31.45 ? 60  ARG A C   1 
ATOM   421  O O   . ARG A 1 60  ? -13.355 -8.723  9.235   1.00 31.04 ? 60  ARG A O   1 
ATOM   422  C CB  . ARG A 1 60  ? -12.694 -7.718  6.323   1.00 31.40 ? 60  ARG A CB  1 
ATOM   423  C CG  . ARG A 1 60  ? -13.435 -7.580  4.984   1.00 29.40 ? 60  ARG A CG  1 
ATOM   424  C CD  . ARG A 1 60  ? -12.856 -8.409  3.863   1.00 26.75 ? 60  ARG A CD  1 
ATOM   425  N NE  . ARG A 1 60  ? -11.430 -8.190  3.669   1.00 25.48 ? 60  ARG A NE  1 
ATOM   426  C CZ  . ARG A 1 60  ? -10.914 -7.358  2.772   1.00 23.23 ? 60  ARG A CZ  1 
ATOM   427  N NH1 . ARG A 1 60  ? -11.719 -6.653  1.960   1.00 23.11 ? 60  ARG A NH1 1 
ATOM   428  N NH2 . ARG A 1 60  ? -9.597  -7.226  2.681   1.00 23.03 ? 60  ARG A NH2 1 
ATOM   429  N N   . ASN A 1 61  ? -12.210 -6.793  9.613   1.00 30.31 ? 61  ASN A N   1 
ATOM   430  C CA  . ASN A 1 61  ? -11.436 -7.233  10.781  1.00 29.81 ? 61  ASN A CA  1 
ATOM   431  C C   . ASN A 1 61  ? -10.679 -8.540  10.520  1.00 29.08 ? 61  ASN A C   1 
ATOM   432  O O   . ASN A 1 61  ? -10.623 -9.448  11.361  1.00 29.01 ? 61  ASN A O   1 
ATOM   433  C CB  . ASN A 1 61  ? -12.304 -7.308  12.061  1.00 30.44 ? 61  ASN A CB  1 
ATOM   434  C CG  . ASN A 1 61  ? -11.473 -7.187  13.350  1.00 33.17 ? 61  ASN A CG  1 
ATOM   435  O OD1 . ASN A 1 61  ? -10.369 -6.626  13.348  1.00 35.30 ? 61  ASN A OD1 1 
ATOM   436  N ND2 . ASN A 1 61  ? -12.018 -7.700  14.471  1.00 34.29 ? 61  ASN A ND2 1 
ATOM   437  N N   . VAL A 1 62  ? -10.119 -8.645  9.312   1.00 27.67 ? 62  VAL A N   1 
ATOM   438  C CA  . VAL A 1 62  ? -9.272  -9.751  8.942   1.00 26.84 ? 62  VAL A CA  1 
ATOM   439  C C   . VAL A 1 62  ? -8.039  -9.144  8.289   1.00 25.76 ? 62  VAL A C   1 
ATOM   440  O O   . VAL A 1 62  ? -8.173  -8.520  7.224   1.00 24.24 ? 62  VAL A O   1 
ATOM   441  C CB  . VAL A 1 62  ? -9.976  -10.678 7.904   1.00 26.55 ? 62  VAL A CB  1 
ATOM   442  C CG1 . VAL A 1 62  ? -9.071  -11.857 7.558   1.00 28.51 ? 62  VAL A CG1 1 
ATOM   443  C CG2 . VAL A 1 62  ? -11.339 -11.165 8.410   1.00 29.28 ? 62  VAL A CG2 1 
ATOM   444  N N   . PRO A 1 63  ? -6.838  -9.297  8.913   1.00 25.09 ? 63  PRO A N   1 
ATOM   445  C CA  . PRO A 1 63  ? -5.583  -8.937  8.238   1.00 24.07 ? 63  PRO A CA  1 
ATOM   446  C C   . PRO A 1 63  ? -5.398  -9.625  6.882   1.00 23.40 ? 63  PRO A C   1 
ATOM   447  O O   . PRO A 1 63  ? -5.665  -10.816 6.742   1.00 23.43 ? 63  PRO A O   1 
ATOM   448  C CB  . PRO A 1 63  ? -4.494  -9.407  9.219   1.00 24.74 ? 63  PRO A CB  1 
ATOM   449  C CG  . PRO A 1 63  ? -5.177  -9.210  10.611  1.00 25.78 ? 63  PRO A CG  1 
ATOM   450  C CD  . PRO A 1 63  ? -6.604  -9.680  10.326  1.00 25.11 ? 63  PRO A CD  1 
ATOM   451  N N   . PHE A 1 64  ? -4.941  -8.837  5.924   1.00 21.64 ? 64  PHE A N   1 
ATOM   452  C CA  . PHE A 1 64  ? -4.799  -9.280  4.540   1.00 20.13 ? 64  PHE A CA  1 
ATOM   453  C C   . PHE A 1 64  ? -3.382  -9.784  4.328   1.00 19.72 ? 64  PHE A C   1 
ATOM   454  O O   . PHE A 1 64  ? -2.433  -9.140  4.781   1.00 20.28 ? 64  PHE A O   1 
ATOM   455  C CB  . PHE A 1 64  ? -5.060  -8.101  3.613   1.00 20.13 ? 64  PHE A CB  1 
ATOM   456  C CG  . PHE A 1 64  ? -4.972  -8.474  2.159   1.00 20.45 ? 64  PHE A CG  1 
ATOM   457  C CD1 . PHE A 1 64  ? -5.963  -9.241  1.590   1.00 22.46 ? 64  PHE A CD1 1 
ATOM   458  C CD2 . PHE A 1 64  ? -3.873  -8.087  1.393   1.00 20.84 ? 64  PHE A CD2 1 
ATOM   459  C CE1 . PHE A 1 64  ? -5.900  -9.601  0.224   1.00 22.69 ? 64  PHE A CE1 1 
ATOM   460  C CE2 . PHE A 1 64  ? -3.749  -8.494  0.017   1.00 19.65 ? 64  PHE A CE2 1 
ATOM   461  C CZ  . PHE A 1 64  ? -4.777  -9.219  -0.554  1.00 21.53 ? 64  PHE A CZ  1 
ATOM   462  N N   . LYS A 1 65  ? -3.219  -10.917 3.643   1.00 19.88 ? 65  LYS A N   1 
ATOM   463  C CA  . LYS A 1 65  ? -1.872  -11.459 3.415   1.00 20.05 ? 65  LYS A CA  1 
ATOM   464  C C   . LYS A 1 65  ? -1.603  -11.623 1.927   1.00 19.93 ? 65  LYS A C   1 
ATOM   465  O O   . LYS A 1 65  ? -2.515  -12.019 1.183   1.00 20.09 ? 65  LYS A O   1 
ATOM   466  C CB  . LYS A 1 65  ? -1.711  -12.773 4.120   1.00 21.24 ? 65  LYS A CB  1 
ATOM   467  C CG  . LYS A 1 65  ? -1.780  -12.562 5.630   1.00 22.12 ? 65  LYS A CG  1 
ATOM   468  C CD  . LYS A 1 65  ? -1.882  -13.874 6.393   1.00 29.97 ? 65  LYS A CD  1 
ATOM   469  C CE  . LYS A 1 65  ? -1.478  -13.642 7.850   1.00 31.66 ? 65  LYS A CE  1 
ATOM   470  N NZ  . LYS A 1 65  ? -1.894  -14.756 8.745   1.00 35.27 ? 65  LYS A NZ  1 
ATOM   471  N N   . PHE A 1 66  ? -0.409  -11.236 1.520   1.00 20.12 ? 66  PHE A N   1 
ATOM   472  C CA  . PHE A 1 66  ? 0.091   -11.492 0.190   1.00 20.19 ? 66  PHE A CA  1 
ATOM   473  C C   . PHE A 1 66  ? 1.606   -11.744 0.143   1.00 22.35 ? 66  PHE A C   1 
ATOM   474  O O   . PHE A 1 66  ? 2.379   -11.399 1.054   1.00 21.24 ? 66  PHE A O   1 
ATOM   475  C CB  . PHE A 1 66  ? -0.340  -10.373 -0.783  1.00 20.68 ? 66  PHE A CB  1 
ATOM   476  C CG  . PHE A 1 66  ? 0.413   -9.086  -0.635  1.00 17.86 ? 66  PHE A CG  1 
ATOM   477  C CD1 . PHE A 1 66  ? 1.421   -8.760  -1.547  1.00 16.85 ? 66  PHE A CD1 1 
ATOM   478  C CD2 . PHE A 1 66  ? 0.074   -8.151  0.380   1.00 16.67 ? 66  PHE A CD2 1 
ATOM   479  C CE1 . PHE A 1 66  ? 2.142   -7.531  -1.469  1.00 18.05 ? 66  PHE A CE1 1 
ATOM   480  C CE2 . PHE A 1 66  ? 0.767   -6.946  0.473   1.00 19.14 ? 66  PHE A CE2 1 
ATOM   481  C CZ  . PHE A 1 66  ? 1.799   -6.614  -0.431  1.00 19.90 ? 66  PHE A CZ  1 
ATOM   482  N N   . HIS A 1 67  ? 2.023   -12.321 -0.978  1.00 22.52 ? 67  HIS A N   1 
ATOM   483  C CA  . HIS A 1 67  ? 3.413   -12.559 -1.261  1.00 22.84 ? 67  HIS A CA  1 
ATOM   484  C C   . HIS A 1 67  ? 4.054   -11.378 -1.943  1.00 22.57 ? 67  HIS A C   1 
ATOM   485  O O   . HIS A 1 67  ? 3.734   -11.064 -3.083  1.00 22.03 ? 67  HIS A O   1 
ATOM   486  C CB  . HIS A 1 67  ? 3.534   -13.825 -2.115  1.00 22.16 ? 67  HIS A CB  1 
ATOM   487  C CG  . HIS A 1 67  ? 2.902   -15.007 -1.467  1.00 24.00 ? 67  HIS A CG  1 
ATOM   488  N ND1 . HIS A 1 67  ? 3.345   -15.531 -0.268  1.00 24.88 ? 67  HIS A ND1 1 
ATOM   489  C CD2 . HIS A 1 67  ? 1.831   -15.751 -1.829  1.00 18.28 ? 67  HIS A CD2 1 
ATOM   490  C CE1 . HIS A 1 67  ? 2.573   -16.548 0.076   1.00 21.27 ? 67  HIS A CE1 1 
ATOM   491  N NE2 . HIS A 1 67  ? 1.633   -16.684 -0.840  1.00 27.36 ? 67  HIS A NE2 1 
ATOM   492  N N   . LEU A 1 68  ? 4.960   -10.743 -1.213  1.00 21.66 ? 68  LEU A N   1 
ATOM   493  C CA  . LEU A 1 68  ? 5.610   -9.510  -1.653  1.00 22.80 ? 68  LEU A CA  1 
ATOM   494  C C   . LEU A 1 68  ? 6.392   -9.649  -2.979  1.00 23.60 ? 68  LEU A C   1 
ATOM   495  O O   . LEU A 1 68  ? 7.212   -10.582 -3.145  1.00 24.06 ? 68  LEU A O   1 
ATOM   496  C CB  . LEU A 1 68  ? 6.495   -8.962  -0.504  1.00 23.44 ? 68  LEU A CB  1 
ATOM   497  C CG  . LEU A 1 68  ? 7.215   -7.632  -0.799  1.00 24.93 ? 68  LEU A CG  1 
ATOM   498  C CD1 . LEU A 1 68  ? 6.233   -6.433  -0.985  1.00 24.89 ? 68  LEU A CD1 1 
ATOM   499  C CD2 . LEU A 1 68  ? 8.265   -7.314  0.305   1.00 24.92 ? 68  LEU A CD2 1 
ATOM   500  N N   . GLY A 1 69  ? 6.103   -8.768  -3.930  1.00 23.48 ? 69  GLY A N   1 
ATOM   501  C CA  . GLY A 1 69  ? 6.972   -8.530  -5.070  1.00 25.56 ? 69  GLY A CA  1 
ATOM   502  C C   . GLY A 1 69  ? 6.704   -9.490  -6.197  1.00 26.00 ? 69  GLY A C   1 
ATOM   503  O O   . GLY A 1 69  ? 7.486   -9.610  -7.142  1.00 26.76 ? 69  GLY A O   1 
ATOM   504  N N   . GLN A 1 70  ? 5.579   -10.171 -6.102  1.00 26.67 ? 70  GLN A N   1 
ATOM   505  C CA  . GLN A 1 70  ? 5.277   -11.164 -7.108  1.00 27.63 ? 70  GLN A CA  1 
ATOM   506  C C   . GLN A 1 70  ? 4.099   -10.867 -7.978  1.00 26.55 ? 70  GLN A C   1 
ATOM   507  O O   . GLN A 1 70  ? 3.660   -11.736 -8.732  1.00 27.54 ? 70  GLN A O   1 
ATOM   508  C CB  . GLN A 1 70  ? 5.173   -12.530 -6.484  1.00 27.87 ? 70  GLN A CB  1 
ATOM   509  C CG  . GLN A 1 70  ? 6.518   -13.244 -6.575  1.00 33.71 ? 70  GLN A CG  1 
ATOM   510  C CD  . GLN A 1 70  ? 6.799   -13.892 -5.308  1.00 37.56 ? 70  GLN A CD  1 
ATOM   511  O OE1 . GLN A 1 70  ? 5.925   -13.925 -4.429  1.00 39.87 ? 70  GLN A OE1 1 
ATOM   512  N NE2 . GLN A 1 70  ? 8.005   -14.421 -5.155  1.00 38.94 ? 70  GLN A NE2 1 
ATOM   513  N N   . GLY A 1 71  ? 3.618   -9.641  -7.923  1.00 24.84 ? 71  GLY A N   1 
ATOM   514  C CA  . GLY A 1 71  ? 2.521   -9.291  -8.799  1.00 24.26 ? 71  GLY A CA  1 
ATOM   515  C C   . GLY A 1 71  ? 1.196   -9.878  -8.367  1.00 23.09 ? 71  GLY A C   1 
ATOM   516  O O   . GLY A 1 71  ? 0.281   -10.033 -9.189  1.00 24.35 ? 71  GLY A O   1 
ATOM   517  N N   . GLU A 1 72  ? 1.046   -10.180 -7.078  1.00 21.32 ? 72  GLU A N   1 
ATOM   518  C CA  . GLU A 1 72  ? -0.235  -10.666 -6.558  1.00 21.40 ? 72  GLU A CA  1 
ATOM   519  C C   . GLU A 1 72  ? -1.148  -9.477  -6.274  1.00 20.99 ? 72  GLU A C   1 
ATOM   520  O O   . GLU A 1 72  ? -2.354  -9.632  -6.035  1.00 21.13 ? 72  GLU A O   1 
ATOM   521  C CB  . GLU A 1 72  ? -0.037  -11.428 -5.262  1.00 22.17 ? 72  GLU A CB  1 
ATOM   522  C CG  . GLU A 1 72  ? 0.266   -12.850 -5.436  1.00 22.25 ? 72  GLU A CG  1 
ATOM   523  C CD  . GLU A 1 72  ? 0.340   -13.608 -4.123  1.00 23.85 ? 72  GLU A CD  1 
ATOM   524  O OE1 . GLU A 1 72  ? 0.044   -13.053 -3.026  1.00 22.24 ? 72  GLU A OE1 1 
ATOM   525  O OE2 . GLU A 1 72  ? 0.682   -14.793 -4.211  1.00 24.44 ? 72  GLU A OE2 1 
ATOM   526  N N   . VAL A 1 73  ? -0.563  -8.281  -6.319  1.00 19.56 ? 73  VAL A N   1 
ATOM   527  C CA  . VAL A 1 73  ? -1.291  -7.040  -5.995  1.00 18.75 ? 73  VAL A CA  1 
ATOM   528  C C   . VAL A 1 73  ? -0.944  -5.975  -6.992  1.00 17.50 ? 73  VAL A C   1 
ATOM   529  O O   . VAL A 1 73  ? -0.007  -6.137  -7.773  1.00 17.83 ? 73  VAL A O   1 
ATOM   530  C CB  . VAL A 1 73  ? -0.920  -6.525  -4.555  1.00 18.31 ? 73  VAL A CB  1 
ATOM   531  C CG1 . VAL A 1 73  ? -1.429  -7.487  -3.527  1.00 19.01 ? 73  VAL A CG1 1 
ATOM   532  C CG2 . VAL A 1 73  ? 0.580   -6.349  -4.401  1.00 19.55 ? 73  VAL A CG2 1 
ATOM   533  N N   . ILE A 1 74  ? -1.672  -4.855  -6.951  1.00 16.73 ? 74  ILE A N   1 
ATOM   534  C CA  . ILE A 1 74  ? -1.338  -3.733  -7.834  1.00 16.54 ? 74  ILE A CA  1 
ATOM   535  C C   . ILE A 1 74  ? 0.114   -3.286  -7.622  1.00 17.40 ? 74  ILE A C   1 
ATOM   536  O O   . ILE A 1 74  ? 0.682   -3.430  -6.537  1.00 17.56 ? 74  ILE A O   1 
ATOM   537  C CB  . ILE A 1 74  ? -2.351  -2.561  -7.667  1.00 14.63 ? 74  ILE A CB  1 
ATOM   538  C CG1 . ILE A 1 74  ? -2.444  -2.109  -6.207  1.00 15.59 ? 74  ILE A CG1 1 
ATOM   539  C CG2 . ILE A 1 74  ? -3.730  -2.998  -8.168  1.00 15.71 ? 74  ILE A CG2 1 
ATOM   540  C CD1 . ILE A 1 74  ? -3.516  -0.989  -5.977  1.00 13.97 ? 74  ILE A CD1 1 
ATOM   541  N N   . LYS A 1 75  ? 0.735   -2.751  -8.654  1.00 17.10 ? 75  LYS A N   1 
ATOM   542  C CA  . LYS A 1 75  ? 2.143   -2.441  -8.571  1.00 18.65 ? 75  LYS A CA  1 
ATOM   543  C C   . LYS A 1 75  ? 2.481   -1.427  -7.477  1.00 17.77 ? 75  LYS A C   1 
ATOM   544  O O   . LYS A 1 75  ? 3.528   -1.541  -6.853  1.00 18.80 ? 75  LYS A O   1 
ATOM   545  C CB  . LYS A 1 75  ? 2.650   -1.919  -9.927  1.00 19.47 ? 75  LYS A CB  1 
ATOM   546  C CG  . LYS A 1 75  ? 4.114   -1.622  -9.930  1.00 24.86 ? 75  LYS A CG  1 
ATOM   547  C CD  . LYS A 1 75  ? 4.992   -2.822  -10.235 1.00 30.17 ? 75  LYS A CD  1 
ATOM   548  C CE  . LYS A 1 75  ? 6.447   -2.381  -10.433 1.00 35.58 ? 75  LYS A CE  1 
ATOM   549  N NZ  . LYS A 1 75  ? 6.742   -1.644  -11.710 1.00 39.96 ? 75  LYS A NZ  1 
ATOM   550  N N   . GLY A 1 76  ? 1.624   -0.424  -7.263  1.00 18.12 ? 76  GLY A N   1 
ATOM   551  C CA  . GLY A 1 76  ? 1.861   0.532   -6.175  1.00 17.93 ? 76  GLY A CA  1 
ATOM   552  C C   . GLY A 1 76  ? 2.014   -0.145  -4.816  1.00 18.32 ? 76  GLY A C   1 
ATOM   553  O O   . GLY A 1 76  ? 2.777   0.315   -3.949  1.00 18.42 ? 76  GLY A O   1 
ATOM   554  N N   . TRP A 1 77  ? 1.282   -1.240  -4.626  1.00 17.78 ? 77  TRP A N   1 
ATOM   555  C CA  . TRP A 1 77  ? 1.388   -2.008  -3.383  1.00 17.47 ? 77  TRP A CA  1 
ATOM   556  C C   . TRP A 1 77  ? 2.690   -2.769  -3.225  1.00 18.62 ? 77  TRP A C   1 
ATOM   557  O O   . TRP A 1 77  ? 3.314   -2.715  -2.164  1.00 17.46 ? 77  TRP A O   1 
ATOM   558  C CB  . TRP A 1 77  ? 0.237   -2.994  -3.327  1.00 16.18 ? 77  TRP A CB  1 
ATOM   559  C CG  . TRP A 1 77  ? -0.911  -2.478  -2.557  1.00 17.14 ? 77  TRP A CG  1 
ATOM   560  C CD1 . TRP A 1 77  ? -1.595  -1.286  -2.731  1.00 17.41 ? 77  TRP A CD1 1 
ATOM   561  C CD2 . TRP A 1 77  ? -1.515  -3.133  -1.463  1.00 16.83 ? 77  TRP A CD2 1 
ATOM   562  N NE1 . TRP A 1 77  ? -2.606  -1.194  -1.794  1.00 18.83 ? 77  TRP A NE1 1 
ATOM   563  C CE2 . TRP A 1 77  ? -2.583  -2.322  -1.012  1.00 18.70 ? 77  TRP A CE2 1 
ATOM   564  C CE3 . TRP A 1 77  ? -1.299  -4.368  -0.844  1.00 22.06 ? 77  TRP A CE3 1 
ATOM   565  C CZ2 . TRP A 1 77  ? -3.414  -2.701  0.078   1.00 21.07 ? 77  TRP A CZ2 1 
ATOM   566  C CZ3 . TRP A 1 77  ? -2.123  -4.746  0.230   1.00 22.89 ? 77  TRP A CZ3 1 
ATOM   567  C CH2 . TRP A 1 77  ? -3.171  -3.912  0.665   1.00 26.50 ? 77  TRP A CH2 1 
ATOM   568  N N   . ASP A 1 78  ? 3.121   -3.489  -4.274  1.00 17.60 ? 78  ASP A N   1 
ATOM   569  C CA  . ASP A 1 78  ? 4.439   -4.104  -4.229  1.00 18.98 ? 78  ASP A CA  1 
ATOM   570  C C   . ASP A 1 78  ? 5.537   -3.089  -3.924  1.00 19.37 ? 78  ASP A C   1 
ATOM   571  O O   . ASP A 1 78  ? 6.404   -3.373  -3.099  1.00 19.98 ? 78  ASP A O   1 
ATOM   572  C CB  . ASP A 1 78  ? 4.755   -4.828  -5.548  1.00 20.14 ? 78  ASP A CB  1 
ATOM   573  C CG  . ASP A 1 78  ? 4.299   -6.290  -5.539  1.00 20.19 ? 78  ASP A CG  1 
ATOM   574  O OD1 . ASP A 1 78  ? 3.966   -6.846  -4.479  1.00 19.96 ? 78  ASP A OD1 1 
ATOM   575  O OD2 . ASP A 1 78  ? 4.218   -6.871  -6.659  1.00 21.43 ? 78  ASP A OD2 1 
ATOM   576  N N   . ILE A 1 79  ? 5.500   -1.928  -4.579  1.00 18.75 ? 79  ILE A N   1 
ATOM   577  C CA  . ILE A 1 79  ? 6.538   -0.892  -4.359  1.00 19.57 ? 79  ILE A CA  1 
ATOM   578  C C   . ILE A 1 79  ? 6.487   -0.320  -2.924  1.00 19.90 ? 79  ILE A C   1 
ATOM   579  O O   . ILE A 1 79  ? 7.540   -0.176  -2.247  1.00 19.64 ? 79  ILE A O   1 
ATOM   580  C CB  . ILE A 1 79  ? 6.447   0.212   -5.399  1.00 19.13 ? 79  ILE A CB  1 
ATOM   581  C CG1 . ILE A 1 79  ? 6.690   -0.355  -6.833  1.00 19.18 ? 79  ILE A CG1 1 
ATOM   582  C CG2 . ILE A 1 79  ? 7.449   1.421   -5.085  1.00 21.35 ? 79  ILE A CG2 1 
ATOM   583  C CD1 . ILE A 1 79  ? 6.419   0.615   -7.929  1.00 22.56 ? 79  ILE A CD1 1 
ATOM   584  N N   . CYS A 1 80  ? 5.280   0.024   -2.479  1.00 19.53 ? 80  CYS A N   1 
ATOM   585  C CA  . CYS A 1 80  ? 5.085   0.632   -1.166  1.00 20.24 ? 80  CYS A CA  1 
ATOM   586  C C   . CYS A 1 80  ? 5.480   -0.317  -0.047  1.00 20.11 ? 80  CYS A C   1 
ATOM   587  O O   . CYS A 1 80  ? 6.251   0.071   0.827   1.00 19.67 ? 80  CYS A O   1 
ATOM   588  C CB  . CYS A 1 80  ? 3.662   1.154   -1.001  1.00 18.97 ? 80  CYS A CB  1 
ATOM   589  S SG  . CYS A 1 80  ? 3.466   2.046   0.552   1.00 21.97 ? 80  CYS A SG  1 
ATOM   590  N N   . VAL A 1 81  ? 4.968   -1.551  -0.059  1.00 20.38 ? 81  VAL A N   1 
ATOM   591  C CA  . VAL A 1 81  ? 5.226   -2.488  1.035   1.00 21.94 ? 81  VAL A CA  1 
ATOM   592  C C   . VAL A 1 81  ? 6.706   -2.903  1.072   1.00 23.21 ? 81  VAL A C   1 
ATOM   593  O O   . VAL A 1 81  ? 7.223   -3.221  2.142   1.00 22.73 ? 81  VAL A O   1 
ATOM   594  C CB  . VAL A 1 81  ? 4.268   -3.714  1.011   1.00 22.69 ? 81  VAL A CB  1 
ATOM   595  C CG1 . VAL A 1 81  ? 4.523   -4.645  2.209   1.00 21.40 ? 81  VAL A CG1 1 
ATOM   596  C CG2 . VAL A 1 81  ? 2.762   -3.247  1.061   1.00 19.75 ? 81  VAL A CG2 1 
ATOM   597  N N   . ALA A 1 82  ? 7.383   -2.872  -0.079  1.00 23.25 ? 82  ALA A N   1 
ATOM   598  C CA  . ALA A 1 82  ? 8.812   -3.258  -0.121  1.00 25.12 ? 82  ALA A CA  1 
ATOM   599  C C   . ALA A 1 82  ? 9.636   -2.271  0.688   1.00 25.70 ? 82  ALA A C   1 
ATOM   600  O O   . ALA A 1 82  ? 10.707  -2.612  1.196   1.00 27.37 ? 82  ALA A O   1 
ATOM   601  C CB  . ALA A 1 82  ? 9.356   -3.339  -1.589  1.00 24.01 ? 82  ALA A CB  1 
ATOM   602  N N   . SER A 1 83  ? 9.130   -1.055  0.817   1.00 25.54 ? 83  SER A N   1 
ATOM   603  C CA  . SER A 1 83  ? 9.813   -0.007  1.546   1.00 25.40 ? 83  SER A CA  1 
ATOM   604  C C   . SER A 1 83  ? 9.517   0.016   3.045   1.00 25.43 ? 83  SER A C   1 
ATOM   605  O O   . SER A 1 83  ? 10.123  0.794   3.743   1.00 25.71 ? 83  SER A O   1 
ATOM   606  C CB  . SER A 1 83  ? 9.476   1.356   0.939   1.00 25.09 ? 83  SER A CB  1 
ATOM   607  O OG  . SER A 1 83  ? 8.172   1.798   1.313   1.00 25.19 ? 83  SER A OG  1 
ATOM   608  N N   . MET A 1 84  ? 8.617   -0.828  3.525   1.00 25.46 ? 84  MET A N   1 
ATOM   609  C CA  . MET A 1 84  ? 8.082   -0.700  4.890   1.00 26.39 ? 84  MET A CA  1 
ATOM   610  C C   . MET A 1 84  ? 8.842   -1.612  5.824   1.00 27.48 ? 84  MET A C   1 
ATOM   611  O O   . MET A 1 84  ? 9.547   -2.501  5.358   1.00 27.23 ? 84  MET A O   1 
ATOM   612  C CB  . MET A 1 84  ? 6.583   -1.032  4.920   1.00 25.67 ? 84  MET A CB  1 
ATOM   613  C CG  . MET A 1 84  ? 5.771   -0.086  4.084   1.00 23.15 ? 84  MET A CG  1 
ATOM   614  S SD  . MET A 1 84  ? 4.063   -0.546  4.183   1.00 23.85 ? 84  MET A SD  1 
ATOM   615  C CE  . MET A 1 84  ? 3.536   0.153   5.768   1.00 23.76 ? 84  MET A CE  1 
ATOM   616  N N   . THR A 1 85  ? 8.721   -1.387  7.138   1.00 29.22 ? 85  THR A N   1 
ATOM   617  C CA  . THR A 1 85  ? 9.291   -2.310  8.140   1.00 30.98 ? 85  THR A CA  1 
ATOM   618  C C   . THR A 1 85  ? 8.228   -2.715  9.126   1.00 31.44 ? 85  THR A C   1 
ATOM   619  O O   . THR A 1 85  ? 7.193   -2.044  9.240   1.00 31.16 ? 85  THR A O   1 
ATOM   620  C CB  . THR A 1 85  ? 10.490  -1.690  8.910   1.00 31.69 ? 85  THR A CB  1 
ATOM   621  O OG1 . THR A 1 85  ? 10.070  -0.470  9.530   1.00 33.48 ? 85  THR A OG1 1 
ATOM   622  C CG2 . THR A 1 85  ? 11.647  -1.402  7.960   1.00 31.88 ? 85  THR A CG2 1 
ATOM   623  N N   . LYS A 1 86  ? 8.472   -3.804  9.847   1.00 32.20 ? 86  LYS A N   1 
ATOM   624  C CA  . LYS A 1 86  ? 7.500   -4.337  10.795  1.00 33.93 ? 86  LYS A CA  1 
ATOM   625  C C   . LYS A 1 86  ? 6.935   -3.238  11.694  1.00 33.94 ? 86  LYS A C   1 
ATOM   626  O O   . LYS A 1 86  ? 7.696   -2.450  12.275  1.00 34.94 ? 86  LYS A O   1 
ATOM   627  C CB  . LYS A 1 86  ? 8.137   -5.443  11.632  1.00 34.11 ? 86  LYS A CB  1 
ATOM   628  C CG  . LYS A 1 86  ? 7.150   -6.230  12.457  1.00 35.82 ? 86  LYS A CG  1 
ATOM   629  C CD  . LYS A 1 86  ? 7.861   -7.215  13.357  1.00 40.28 ? 86  LYS A CD  1 
ATOM   630  C CE  . LYS A 1 86  ? 6.865   -8.051  14.129  1.00 40.82 ? 86  LYS A CE  1 
ATOM   631  N NZ  . LYS A 1 86  ? 6.023   -7.207  15.029  1.00 44.59 ? 86  LYS A NZ  1 
ATOM   632  N N   . ASN A 1 87  ? 5.602   -3.185  11.765  1.00 33.02 ? 87  ASN A N   1 
ATOM   633  C CA  . ASN A 1 87  ? 4.817   -2.190  12.545  1.00 32.05 ? 87  ASN A CA  1 
ATOM   634  C C   . ASN A 1 87  ? 4.677   -0.812  11.937  1.00 30.33 ? 87  ASN A C   1 
ATOM   635  O O   . ASN A 1 87  ? 3.963   0.045   12.461  1.00 29.75 ? 87  ASN A O   1 
ATOM   636  C CB  . ASN A 1 87  ? 5.263   -2.093  14.027  1.00 32.73 ? 87  ASN A CB  1 
ATOM   637  C CG  . ASN A 1 87  ? 4.193   -1.471  14.898  1.00 33.93 ? 87  ASN A CG  1 
ATOM   638  O OD1 . ASN A 1 87  ? 3.039   -1.917  14.891  1.00 37.77 ? 87  ASN A OD1 1 
ATOM   639  N ND2 . ASN A 1 87  ? 4.548   -0.428  15.631  1.00 33.75 ? 87  ASN A ND2 1 
ATOM   640  N N   . GLU A 1 88  ? 5.336   -0.592  10.809  1.00 29.20 ? 88  GLU A N   1 
ATOM   641  C CA  . GLU A 1 88  ? 5.167   0.675   10.113  1.00 28.66 ? 88  GLU A CA  1 
ATOM   642  C C   . GLU A 1 88  ? 3.713   0.860   9.638   1.00 28.40 ? 88  GLU A C   1 
ATOM   643  O O   . GLU A 1 88  ? 3.111   -0.067  9.084   1.00 27.87 ? 88  GLU A O   1 
ATOM   644  C CB  . GLU A 1 88  ? 6.124   0.787   8.932   1.00 28.44 ? 88  GLU A CB  1 
ATOM   645  C CG  . GLU A 1 88  ? 5.975   2.097   8.140   1.00 27.58 ? 88  GLU A CG  1 
ATOM   646  C CD  . GLU A 1 88  ? 6.937   2.226   6.957   1.00 29.42 ? 88  GLU A CD  1 
ATOM   647  O OE1 . GLU A 1 88  ? 8.114   1.754   7.052   1.00 27.56 ? 88  GLU A OE1 1 
ATOM   648  O OE2 . GLU A 1 88  ? 6.535   2.876   5.935   1.00 26.39 ? 88  GLU A OE2 1 
ATOM   649  N N   . LYS A 1 89  ? 3.189   2.064   9.853   1.00 27.91 ? 89  LYS A N   1 
ATOM   650  C CA  . LYS A 1 89  ? 1.904   2.518   9.320   1.00 26.95 ? 89  LYS A CA  1 
ATOM   651  C C   . LYS A 1 89  ? 2.147   3.706   8.377   1.00 26.46 ? 89  LYS A C   1 
ATOM   652  O O   . LYS A 1 89  ? 2.887   4.638   8.745   1.00 26.61 ? 89  LYS A O   1 
ATOM   653  C CB  . LYS A 1 89  ? 0.959   2.912   10.459  1.00 27.32 ? 89  LYS A CB  1 
ATOM   654  C CG  . LYS A 1 89  ? -0.376  3.449   9.980   1.00 30.06 ? 89  LYS A CG  1 
ATOM   655  C CD  . LYS A 1 89  ? -1.343  3.707   11.146  1.00 35.83 ? 89  LYS A CD  1 
ATOM   656  C CE  . LYS A 1 89  ? -1.928  2.401   11.716  1.00 39.66 ? 89  LYS A CE  1 
ATOM   657  N NZ  . LYS A 1 89  ? -2.677  2.595   13.026  1.00 42.05 ? 89  LYS A NZ  1 
ATOM   658  N N   . CYS A 1 90  ? 1.613   3.648   7.135   1.00 24.56 ? 90  CYS A N   1 
ATOM   659  C CA  . CYS A 1 90  ? 1.807   4.732   6.159   1.00 23.45 ? 90  CYS A CA  1 
ATOM   660  C C   . CYS A 1 90  ? 0.538   5.083   5.379   1.00 22.52 ? 90  CYS A C   1 
ATOM   661  O O   . CYS A 1 90  ? -0.434  4.353   5.454   1.00 21.82 ? 90  CYS A O   1 
ATOM   662  C CB  . CYS A 1 90  ? 2.938   4.392   5.174   1.00 23.14 ? 90  CYS A CB  1 
ATOM   663  S SG  . CYS A 1 90  ? 2.434   3.127   3.909   1.00 22.55 ? 90  CYS A SG  1 
ATOM   664  N N   . SER A 1 91  ? 0.531   6.231   4.700   1.00 21.70 ? 91  SER A N   1 
ATOM   665  C CA  . SER A 1 91  ? -0.485  6.580   3.708   1.00 22.20 ? 91  SER A CA  1 
ATOM   666  C C   . SER A 1 91  ? 0.237   6.722   2.368   1.00 22.77 ? 91  SER A C   1 
ATOM   667  O O   . SER A 1 91  ? 1.175   7.534   2.237   1.00 24.59 ? 91  SER A O   1 
ATOM   668  C CB  . SER A 1 91  ? -1.205  7.885   4.088   1.00 21.99 ? 91  SER A CB  1 
ATOM   669  O OG  . SER A 1 91  ? -2.115  8.343   3.101   1.00 23.15 ? 91  SER A OG  1 
ATOM   670  N N   . VAL A 1 92  ? -0.162  5.922   1.382   1.00 20.63 ? 92  VAL A N   1 
ATOM   671  C CA  . VAL A 1 92  ? 0.462   6.002   0.078   1.00 19.02 ? 92  VAL A CA  1 
ATOM   672  C C   . VAL A 1 92  ? -0.533  6.478   -0.969  1.00 19.05 ? 92  VAL A C   1 
ATOM   673  O O   . VAL A 1 92  ? -1.676  6.020   -1.027  1.00 18.75 ? 92  VAL A O   1 
ATOM   674  C CB  . VAL A 1 92  ? 1.147   4.653   -0.324  1.00 17.22 ? 92  VAL A CB  1 
ATOM   675  C CG1 . VAL A 1 92  ? 0.116   3.513   -0.533  1.00 18.79 ? 92  VAL A CG1 1 
ATOM   676  C CG2 . VAL A 1 92  ? 2.021   4.857   -1.555  1.00 17.94 ? 92  VAL A CG2 1 
ATOM   677  N N   . ARG A 1 93  ? -0.054  7.384   -1.824  1.00 18.48 ? 93  ARG A N   1 
ATOM   678  C CA  . ARG A 1 93  ? -0.813  7.909   -2.912  1.00 18.51 ? 93  ARG A CA  1 
ATOM   679  C C   . ARG A 1 93  ? -0.265  7.278   -4.203  1.00 19.31 ? 93  ARG A C   1 
ATOM   680  O O   . ARG A 1 93  ? 0.936   7.347   -4.502  1.00 18.60 ? 93  ARG A O   1 
ATOM   681  C CB  . ARG A 1 93  ? -0.708  9.429   -2.896  1.00 18.92 ? 93  ARG A CB  1 
ATOM   682  C CG  . ARG A 1 93  ? -1.131  10.020  -4.171  1.00 17.11 ? 93  ARG A CG  1 
ATOM   683  C CD  . ARG A 1 93  ? -0.815  11.542  -4.229  1.00 21.95 ? 93  ARG A CD  1 
ATOM   684  N NE  . ARG A 1 93  ? -1.731  12.170  -5.187  1.00 20.56 ? 93  ARG A NE  1 
ATOM   685  C CZ  . ARG A 1 93  ? -1.550  12.172  -6.505  1.00 23.40 ? 93  ARG A CZ  1 
ATOM   686  N NH1 . ARG A 1 93  ? -0.499  11.586  -7.066  1.00 23.75 ? 93  ARG A NH1 1 
ATOM   687  N NH2 . ARG A 1 93  ? -2.442  12.756  -7.273  1.00 27.12 ? 93  ARG A NH2 1 
ATOM   688  N N   . LEU A 1 94  ? -1.156  6.585   -4.908  1.00 19.14 ? 94  LEU A N   1 
ATOM   689  C CA  . LEU A 1 94  ? -0.849  5.893   -6.138  1.00 19.48 ? 94  LEU A CA  1 
ATOM   690  C C   . LEU A 1 94  ? -1.538  6.530   -7.341  1.00 19.32 ? 94  LEU A C   1 
ATOM   691  O O   . LEU A 1 94  ? -2.796  6.610   -7.398  1.00 20.44 ? 94  LEU A O   1 
ATOM   692  C CB  . LEU A 1 94  ? -1.327  4.440   -6.019  1.00 19.73 ? 94  LEU A CB  1 
ATOM   693  C CG  . LEU A 1 94  ? -0.709  3.683   -4.851  1.00 18.64 ? 94  LEU A CG  1 
ATOM   694  C CD1 . LEU A 1 94  ? -1.214  2.220   -4.818  1.00 18.91 ? 94  LEU A CD1 1 
ATOM   695  C CD2 . LEU A 1 94  ? 0.817   3.726   -4.907  1.00 17.96 ? 94  LEU A CD2 1 
ATOM   696  N N   . ASP A 1 95  ? -0.732  6.965   -8.306  1.00 21.36 ? 95  ASP A N   1 
ATOM   697  C CA  . ASP A 1 95  ? -1.265  7.389   -9.611  1.00 23.69 ? 95  ASP A CA  1 
ATOM   698  C C   . ASP A 1 95  ? -1.905  6.170   -10.285 1.00 23.34 ? 95  ASP A C   1 
ATOM   699  O O   . ASP A 1 95  ? -1.591  5.027   -9.940  1.00 24.43 ? 95  ASP A O   1 
ATOM   700  C CB  . ASP A 1 95  ? -0.189  8.024   -10.519 1.00 23.71 ? 95  ASP A CB  1 
ATOM   701  C CG  . ASP A 1 95  ? -0.049  9.531   -10.306 1.00 27.66 ? 95  ASP A CG  1 
ATOM   702  O OD1 . ASP A 1 95  ? -1.096  10.224  -10.149 1.00 29.87 ? 95  ASP A OD1 1 
ATOM   703  O OD2 . ASP A 1 95  ? 1.113   10.026  -10.282 1.00 28.97 ? 95  ASP A OD2 1 
ATOM   704  N N   . SER A 1 96  ? -2.840  6.385   -11.198 1.00 24.39 ? 96  SER A N   1 
ATOM   705  C CA  . SER A 1 96  ? -3.579  5.226   -11.734 1.00 24.64 ? 96  SER A CA  1 
ATOM   706  C C   . SER A 1 96  ? -2.663  4.208   -12.422 1.00 24.12 ? 96  SER A C   1 
ATOM   707  O O   . SER A 1 96  ? -2.962  3.023   -12.418 1.00 23.89 ? 96  SER A O   1 
ATOM   708  C CB  . SER A 1 96  ? -4.704  5.636   -12.671 1.00 26.52 ? 96  SER A CB  1 
ATOM   709  O OG  . SER A 1 96  ? -4.156  6.066   -13.892 1.00 28.61 ? 96  SER A OG  1 
ATOM   710  N N   . LYS A 1 97  ? -1.533  4.659   -12.961 1.00 23.71 ? 97  LYS A N   1 
ATOM   711  C CA  . LYS A 1 97  ? -0.481  3.767   -13.454 1.00 24.24 ? 97  LYS A CA  1 
ATOM   712  C C   . LYS A 1 97  ? -0.098  2.625   -12.492 1.00 22.76 ? 97  LYS A C   1 
ATOM   713  O O   . LYS A 1 97  ? 0.282   1.519   -12.918 1.00 23.71 ? 97  LYS A O   1 
ATOM   714  C CB  . LYS A 1 97  ? 0.771   4.612   -13.714 1.00 24.83 ? 97  LYS A CB  1 
ATOM   715  C CG  . LYS A 1 97  ? 1.965   3.842   -14.108 1.00 26.51 ? 97  LYS A CG  1 
ATOM   716  C CD  . LYS A 1 97  ? 3.077   4.802   -14.538 1.00 30.05 ? 97  LYS A CD  1 
ATOM   717  C CE  . LYS A 1 97  ? 4.261   4.092   -15.091 1.00 34.50 ? 97  LYS A CE  1 
ATOM   718  N NZ  . LYS A 1 97  ? 5.218   5.157   -15.491 1.00 35.99 ? 97  LYS A NZ  1 
ATOM   719  N N   . TYR A 1 98  ? -0.136  2.925   -11.205 1.00 21.31 ? 98  TYR A N   1 
ATOM   720  C CA  . TYR A 1 98  ? 0.319   2.012   -10.155 1.00 20.45 ? 98  TYR A CA  1 
ATOM   721  C C   . TYR A 1 98  ? -0.862  1.350   -9.466  1.00 19.48 ? 98  TYR A C   1 
ATOM   722  O O   . TYR A 1 98  ? -0.690  0.611   -8.510  1.00 19.23 ? 98  TYR A O   1 
ATOM   723  C CB  . TYR A 1 98  ? 1.188   2.770   -9.139  1.00 20.90 ? 98  TYR A CB  1 
ATOM   724  C CG  . TYR A 1 98  ? 2.471   3.194   -9.790  1.00 19.36 ? 98  TYR A CG  1 
ATOM   725  C CD1 . TYR A 1 98  ? 3.506   2.270   -9.980  1.00 18.24 ? 98  TYR A CD1 1 
ATOM   726  C CD2 . TYR A 1 98  ? 2.643   4.493   -10.263 1.00 19.25 ? 98  TYR A CD2 1 
ATOM   727  C CE1 . TYR A 1 98  ? 4.693   2.628   -10.598 1.00 20.62 ? 98  TYR A CE1 1 
ATOM   728  C CE2 . TYR A 1 98  ? 3.837   4.857   -10.884 1.00 21.09 ? 98  TYR A CE2 1 
ATOM   729  C CZ  . TYR A 1 98  ? 4.850   3.919   -11.038 1.00 19.46 ? 98  TYR A CZ  1 
ATOM   730  O OH  . TYR A 1 98  ? 6.037   4.265   -11.689 1.00 22.91 ? 98  TYR A OH  1 
ATOM   731  N N   . GLY A 1 99  ? -2.047  1.652   -9.989  1.00 20.15 ? 99  GLY A N   1 
ATOM   732  C CA  . GLY A 1 99  ? -3.351  1.191   -9.471  1.00 20.77 ? 99  GLY A CA  1 
ATOM   733  C C   . GLY A 1 99  ? -4.006  0.318   -10.539 1.00 21.15 ? 99  GLY A C   1 
ATOM   734  O O   . GLY A 1 99  ? -3.407  -0.663  -10.999 1.00 21.14 ? 99  GLY A O   1 
ATOM   735  N N   . TYR A 1 100 ? -5.221  0.703   -10.932 1.00 21.64 ? 100 TYR A N   1 
ATOM   736  C CA  . TYR A 1 100 ? -6.042  -0.037  -11.912 1.00 24.13 ? 100 TYR A CA  1 
ATOM   737  C C   . TYR A 1 100 ? -6.136  0.653   -13.277 1.00 25.69 ? 100 TYR A C   1 
ATOM   738  O O   . TYR A 1 100 ? -7.005  0.304   -14.123 1.00 26.05 ? 100 TYR A O   1 
ATOM   739  C CB  . TYR A 1 100 ? -7.436  -0.310  -11.307 1.00 23.38 ? 100 TYR A CB  1 
ATOM   740  C CG  . TYR A 1 100 ? -7.370  -1.286  -10.141 1.00 23.49 ? 100 TYR A CG  1 
ATOM   741  C CD1 . TYR A 1 100 ? -7.216  -2.655  -10.358 1.00 25.41 ? 100 TYR A CD1 1 
ATOM   742  C CD2 . TYR A 1 100 ? -7.431  -0.831  -8.841  1.00 24.61 ? 100 TYR A CD2 1 
ATOM   743  C CE1 . TYR A 1 100 ? -7.140  -3.559  -9.296  1.00 26.76 ? 100 TYR A CE1 1 
ATOM   744  C CE2 . TYR A 1 100 ? -7.361  -1.726  -7.755  1.00 28.94 ? 100 TYR A CE2 1 
ATOM   745  C CZ  . TYR A 1 100 ? -7.222  -3.080  -8.004  1.00 27.93 ? 100 TYR A CZ  1 
ATOM   746  O OH  . TYR A 1 100 ? -7.136  -3.933  -6.932  1.00 32.61 ? 100 TYR A OH  1 
ATOM   747  N N   . GLY A 1 101 ? -5.272  1.658   -13.478 1.00 25.63 ? 101 GLY A N   1 
ATOM   748  C CA  . GLY A 1 101 ? -5.032  2.202   -14.816 1.00 27.16 ? 101 GLY A CA  1 
ATOM   749  C C   . GLY A 1 101 ? -6.244  2.826   -15.476 1.00 28.17 ? 101 GLY A C   1 
ATOM   750  O O   . GLY A 1 101 ? -7.112  3.351   -14.802 1.00 27.64 ? 101 GLY A O   1 
ATOM   751  N N   . GLU A 1 102 ? -6.273  2.795   -16.811 1.00 30.00 ? 102 GLU A N   1 
ATOM   752  C CA  . GLU A 1 102 ? -7.325  3.464   -17.592 1.00 32.03 ? 102 GLU A CA  1 
ATOM   753  C C   . GLU A 1 102 ? -8.731  2.945   -17.358 1.00 32.01 ? 102 GLU A C   1 
ATOM   754  O O   . GLU A 1 102 ? -9.695  3.719   -17.367 1.00 32.21 ? 102 GLU A O   1 
ATOM   755  C CB  . GLU A 1 102 ? -7.016  3.356   -19.088 1.00 32.85 ? 102 GLU A CB  1 
ATOM   756  C CG  . GLU A 1 102 ? -6.279  4.540   -19.622 1.00 39.75 ? 102 GLU A CG  1 
ATOM   757  C CD  . GLU A 1 102 ? -6.019  4.429   -21.119 1.00 44.84 ? 102 GLU A CD  1 
ATOM   758  O OE1 . GLU A 1 102 ? -7.000  4.311   -21.895 1.00 48.96 ? 102 GLU A OE1 1 
ATOM   759  O OE2 . GLU A 1 102 ? -4.825  4.457   -21.506 1.00 48.42 ? 102 GLU A OE2 1 
ATOM   760  N N   . GLU A 1 103 ? -8.850  1.637   -17.140 1.00 31.59 ? 103 GLU A N   1 
ATOM   761  C CA  . GLU A 1 103 ? -10.171 0.993   -17.019 1.00 32.14 ? 103 GLU A CA  1 
ATOM   762  C C   . GLU A 1 103 ? -10.755 0.899   -15.601 1.00 31.28 ? 103 GLU A C   1 
ATOM   763  O O   . GLU A 1 103 ? -11.949 0.624   -15.409 1.00 31.20 ? 103 GLU A O   1 
ATOM   764  C CB  . GLU A 1 103 ? -10.165 -0.379  -17.710 1.00 33.81 ? 103 GLU A CB  1 
ATOM   765  C CG  . GLU A 1 103 ? -9.690  -0.357  -19.175 1.00 37.76 ? 103 GLU A CG  1 
ATOM   766  C CD  . GLU A 1 103 ? -10.436 0.640   -20.072 1.00 43.65 ? 103 GLU A CD  1 
ATOM   767  O OE1 . GLU A 1 103 ? -11.685 0.794   -19.922 1.00 46.82 ? 103 GLU A OE1 1 
ATOM   768  O OE2 . GLU A 1 103 ? -9.762  1.256   -20.939 1.00 45.78 ? 103 GLU A OE2 1 
ATOM   769  N N   . GLY A 1 104 ? -9.936  1.128   -14.587 1.00 30.18 ? 104 GLY A N   1 
ATOM   770  C CA  . GLY A 1 104 ? -10.458 1.009   -13.242 1.00 29.28 ? 104 GLY A CA  1 
ATOM   771  C C   . GLY A 1 104 ? -10.753 -0.444  -12.878 1.00 29.43 ? 104 GLY A C   1 
ATOM   772  O O   . GLY A 1 104 ? -10.232 -1.351  -13.507 1.00 27.99 ? 104 GLY A O   1 
ATOM   773  N N   . CYS A 1 105 ? -11.562 -0.648  -11.841 1.00 30.28 ? 105 CYS A N   1 
ATOM   774  C CA  . CYS A 1 105 ? -11.929 -1.993  -11.398 1.00 32.27 ? 105 CYS A CA  1 
ATOM   775  C C   . CYS A 1 105 ? -13.246 -1.963  -10.653 1.00 33.82 ? 105 CYS A C   1 
ATOM   776  O O   . CYS A 1 105 ? -13.305 -1.536  -9.507  1.00 34.18 ? 105 CYS A O   1 
ATOM   777  C CB  . CYS A 1 105 ? -10.848 -2.599  -10.490 1.00 32.16 ? 105 CYS A CB  1 
ATOM   778  S SG  . CYS A 1 105 ? -11.049 -4.375  -10.231 1.00 31.98 ? 105 CYS A SG  1 
ATOM   779  N N   . GLY A 1 106 ? -14.307 -2.435  -11.307 1.00 35.88 ? 106 GLY A N   1 
ATOM   780  C CA  . GLY A 1 106 ? -15.656 -2.401  -10.736 1.00 37.65 ? 106 GLY A CA  1 
ATOM   781  C C   . GLY A 1 106 ? -16.215 -1.003  -10.626 1.00 38.90 ? 106 GLY A C   1 
ATOM   782  O O   . GLY A 1 106 ? -15.583 -0.027  -11.053 1.00 40.16 ? 106 GLY A O   1 
ATOM   783  N N   . GLU A 1 107 ? -17.404 -0.902  -10.031 1.00 39.89 ? 107 GLU A N   1 
ATOM   784  C CA  . GLU A 1 107 ? -18.075 0.372   -9.782  1.00 40.58 ? 107 GLU A CA  1 
ATOM   785  C C   . GLU A 1 107 ? -17.233 1.300   -8.924  1.00 39.79 ? 107 GLU A C   1 
ATOM   786  O O   . GLU A 1 107 ? -17.223 2.521   -9.144  1.00 40.41 ? 107 GLU A O   1 
ATOM   787  C CB  . GLU A 1 107 ? -19.437 0.137   -9.089  1.00 41.54 ? 107 GLU A CB  1 
ATOM   788  C CG  . GLU A 1 107 ? -19.377 -0.477  -7.634  1.00 44.55 ? 107 GLU A CG  1 
ATOM   789  C CD  . GLU A 1 107 ? -18.682 -1.854  -7.517  1.00 46.64 ? 107 GLU A CD  1 
ATOM   790  O OE1 . GLU A 1 107 ? -18.219 -2.419  -8.538  1.00 49.52 ? 107 GLU A OE1 1 
ATOM   791  O OE2 . GLU A 1 107 ? -18.579 -2.371  -6.380  1.00 46.68 ? 107 GLU A OE2 1 
ATOM   792  N N   . SER A 1 108 ? -16.536 0.718   -7.948  1.00 38.22 ? 108 SER A N   1 
ATOM   793  C CA  . SER A 1 108 ? -15.967 1.519   -6.870  1.00 36.33 ? 108 SER A CA  1 
ATOM   794  C C   . SER A 1 108 ? -14.643 2.158   -7.269  1.00 35.20 ? 108 SER A C   1 
ATOM   795  O O   . SER A 1 108 ? -14.165 3.051   -6.578  1.00 35.35 ? 108 SER A O   1 
ATOM   796  C CB  . SER A 1 108 ? -15.877 0.743   -5.535  1.00 36.43 ? 108 SER A CB  1 
ATOM   797  O OG  A SER A 1 108 ? -17.121 0.140   -5.205  0.50 36.18 ? 108 SER A OG  1 
ATOM   798  O OG  B SER A 1 108 ? -14.967 -0.330  -5.593  0.50 34.97 ? 108 SER A OG  1 
ATOM   799  N N   . ILE A 1 109 ? -14.065 1.722   -8.387  1.00 33.01 ? 109 ILE A N   1 
ATOM   800  C CA  . ILE A 1 109 ? -12.794 2.309   -8.848  1.00 32.40 ? 109 ILE A CA  1 
ATOM   801  C C   . ILE A 1 109 ? -12.845 2.744   -10.322 1.00 31.61 ? 109 ILE A C   1 
ATOM   802  O O   . ILE A 1 109 ? -12.572 1.948   -11.204 1.00 31.32 ? 109 ILE A O   1 
ATOM   803  C CB  . ILE A 1 109 ? -11.579 1.376   -8.623  1.00 31.59 ? 109 ILE A CB  1 
ATOM   804  C CG1 . ILE A 1 109 ? -11.502 0.925   -7.163  1.00 32.10 ? 109 ILE A CG1 1 
ATOM   805  C CG2 . ILE A 1 109 ? -10.296 2.070   -9.114  1.00 30.44 ? 109 ILE A CG2 1 
ATOM   806  C CD1 . ILE A 1 109 ? -10.437 -0.145  -6.877  1.00 29.38 ? 109 ILE A CD1 1 
ATOM   807  N N   . PRO A 1 110 ? -13.217 4.010   -10.587 1.00 31.69 ? 110 PRO A N   1 
ATOM   808  C CA  . PRO A 1 110 ? -13.307 4.461   -11.984 1.00 31.52 ? 110 PRO A CA  1 
ATOM   809  C C   . PRO A 1 110 ? -11.950 4.416   -12.688 1.00 31.56 ? 110 PRO A C   1 
ATOM   810  O O   . PRO A 1 110 ? -10.928 4.380   -12.012 1.00 31.01 ? 110 PRO A O   1 
ATOM   811  C CB  . PRO A 1 110 ? -13.807 5.905   -11.843 1.00 31.98 ? 110 PRO A CB  1 
ATOM   812  C CG  . PRO A 1 110 ? -14.553 5.912   -10.527 1.00 31.41 ? 110 PRO A CG  1 
ATOM   813  C CD  . PRO A 1 110 ? -13.712 5.028   -9.646  1.00 31.95 ? 110 PRO A CD  1 
ATOM   814  N N   . GLY A 1 111 ? -11.937 4.419   -14.021 1.00 31.62 ? 111 GLY A N   1 
ATOM   815  C CA  . GLY A 1 111 ? -10.698 4.572   -14.766 1.00 32.15 ? 111 GLY A CA  1 
ATOM   816  C C   . GLY A 1 111 ? -9.956  5.834   -14.341 1.00 32.38 ? 111 GLY A C   1 
ATOM   817  O O   . GLY A 1 111 ? -10.585 6.810   -13.882 1.00 33.53 ? 111 GLY A O   1 
ATOM   818  N N   . ASN A 1 112 ? -8.628  5.827   -14.470 1.00 31.76 ? 112 ASN A N   1 
ATOM   819  C CA  . ASN A 1 112 ? -7.821  7.008   -14.162 1.00 31.94 ? 112 ASN A CA  1 
ATOM   820  C C   . ASN A 1 112 ? -8.023  7.543   -12.752 1.00 31.04 ? 112 ASN A C   1 
ATOM   821  O O   . ASN A 1 112 ? -8.131  8.766   -12.556 1.00 31.11 ? 112 ASN A O   1 
ATOM   822  C CB  . ASN A 1 112 ? -8.116  8.133   -15.175 1.00 32.75 ? 112 ASN A CB  1 
ATOM   823  C CG  . ASN A 1 112 ? -7.845  7.713   -16.586 1.00 36.57 ? 112 ASN A CG  1 
ATOM   824  O OD1 . ASN A 1 112 ? -6.703  7.402   -16.941 1.00 42.00 ? 112 ASN A OD1 1 
ATOM   825  N ND2 . ASN A 1 112 ? -8.905  7.673   -17.420 1.00 40.65 ? 112 ASN A ND2 1 
ATOM   826  N N   . SER A 1 113 ? -8.097  6.641   -11.768 1.00 29.57 ? 113 SER A N   1 
ATOM   827  C CA  . SER A 1 113 ? -8.285  7.020   -10.381 1.00 28.43 ? 113 SER A CA  1 
ATOM   828  C C   . SER A 1 113 ? -6.974  7.030   -9.604  1.00 27.26 ? 113 SER A C   1 
ATOM   829  O O   . SER A 1 113 ? -6.181  6.076   -9.685  1.00 28.19 ? 113 SER A O   1 
ATOM   830  C CB  . SER A 1 113 ? -9.207  6.031   -9.671  1.00 28.58 ? 113 SER A CB  1 
ATOM   831  O OG  . SER A 1 113 ? -10.554 6.294   -9.916  1.00 29.72 ? 113 SER A OG  1 
ATOM   832  N N   . VAL A 1 114 ? -6.758  8.100   -8.851  1.00 25.49 ? 114 VAL A N   1 
ATOM   833  C CA  . VAL A 1 114 ? -5.654  8.149   -7.890  1.00 23.04 ? 114 VAL A CA  1 
ATOM   834  C C   . VAL A 1 114 ? -6.185  7.453   -6.634  1.00 22.25 ? 114 VAL A C   1 
ATOM   835  O O   . VAL A 1 114 ? -7.301  7.732   -6.185  1.00 21.72 ? 114 VAL A O   1 
ATOM   836  C CB  . VAL A 1 114 ? -5.231  9.605   -7.591  1.00 23.59 ? 114 VAL A CB  1 
ATOM   837  C CG1 . VAL A 1 114 ? -4.206  9.636   -6.465  1.00 23.51 ? 114 VAL A CG1 1 
ATOM   838  C CG2 . VAL A 1 114 ? -4.669  10.218  -8.860  1.00 24.59 ? 114 VAL A CG2 1 
ATOM   839  N N   . LEU A 1 115 ? -5.426  6.491   -6.111  1.00 20.97 ? 115 LEU A N   1 
ATOM   840  C CA  . LEU A 1 115 ? -5.872  5.807   -4.921  1.00 19.38 ? 115 LEU A CA  1 
ATOM   841  C C   . LEU A 1 115 ? -5.024  6.185   -3.756  1.00 19.62 ? 115 LEU A C   1 
ATOM   842  O O   . LEU A 1 115 ? -3.782  6.297   -3.892  1.00 21.07 ? 115 LEU A O   1 
ATOM   843  C CB  . LEU A 1 115 ? -5.729  4.289   -5.112  1.00 19.65 ? 115 LEU A CB  1 
ATOM   844  C CG  . LEU A 1 115 ? -6.230  3.744   -6.444  1.00 17.13 ? 115 LEU A CG  1 
ATOM   845  C CD1 . LEU A 1 115 ? -5.948  2.217   -6.482  1.00 20.44 ? 115 LEU A CD1 1 
ATOM   846  C CD2 . LEU A 1 115 ? -7.701  4.012   -6.641  1.00 18.18 ? 115 LEU A CD2 1 
ATOM   847  N N   . ILE A 1 116 ? -5.658  6.329   -2.593  1.00 19.40 ? 116 ILE A N   1 
ATOM   848  C CA  . ILE A 1 116 ? -4.945  6.582   -1.359  1.00 20.21 ? 116 ILE A CA  1 
ATOM   849  C C   . ILE A 1 116 ? -5.168  5.387   -0.451  1.00 20.71 ? 116 ILE A C   1 
ATOM   850  O O   . ILE A 1 116 ? -6.318  5.045   -0.189  1.00 22.39 ? 116 ILE A O   1 
ATOM   851  C CB  . ILE A 1 116 ? -5.499  7.808   -0.580  1.00 19.98 ? 116 ILE A CB  1 
ATOM   852  C CG1 . ILE A 1 116 ? -5.567  9.037   -1.495  1.00 23.21 ? 116 ILE A CG1 1 
ATOM   853  C CG2 . ILE A 1 116 ? -4.673  8.027   0.711   1.00 21.89 ? 116 ILE A CG2 1 
ATOM   854  C CD1 . ILE A 1 116 ? -4.245  9.456   -2.086  1.00 23.12 ? 116 ILE A CD1 1 
ATOM   855  N N   . PHE A 1 117 ? -4.098  4.728   -0.027  1.00 20.51 ? 117 PHE A N   1 
ATOM   856  C CA  . PHE A 1 117 ? -4.225  3.602   0.883   1.00 19.98 ? 117 PHE A CA  1 
ATOM   857  C C   . PHE A 1 117 ? -3.485  3.910   2.176   1.00 20.33 ? 117 PHE A C   1 
ATOM   858  O O   . PHE A 1 117 ? -2.321  4.331   2.163   1.00 20.35 ? 117 PHE A O   1 
ATOM   859  C CB  . PHE A 1 117 ? -3.564  2.336   0.316   1.00 20.06 ? 117 PHE A CB  1 
ATOM   860  C CG  . PHE A 1 117 ? -4.327  1.643   -0.747  1.00 17.65 ? 117 PHE A CG  1 
ATOM   861  C CD1 . PHE A 1 117 ? -5.237  0.638   -0.416  1.00 14.98 ? 117 PHE A CD1 1 
ATOM   862  C CD2 . PHE A 1 117 ? -4.067  1.921   -2.087  1.00 17.41 ? 117 PHE A CD2 1 
ATOM   863  C CE1 . PHE A 1 117 ? -5.933  -0.057  -1.394  1.00 14.96 ? 117 PHE A CE1 1 
ATOM   864  C CE2 . PHE A 1 117 ? -4.726  1.222   -3.100  1.00 18.71 ? 117 PHE A CE2 1 
ATOM   865  C CZ  . PHE A 1 117 ? -5.657  0.229   -2.773  1.00 16.70 ? 117 PHE A CZ  1 
ATOM   866  N N   . GLU A 1 118 ? -4.142  3.661   3.290   1.00 21.36 ? 118 GLU A N   1 
ATOM   867  C CA  . GLU A 1 118 ? -3.467  3.575   4.553   1.00 21.43 ? 118 GLU A CA  1 
ATOM   868  C C   . GLU A 1 118 ? -3.114  2.125   4.782   1.00 22.00 ? 118 GLU A C   1 
ATOM   869  O O   . GLU A 1 118 ? -3.996  1.253   4.772   1.00 23.33 ? 118 GLU A O   1 
ATOM   870  C CB  . GLU A 1 118 ? -4.334  4.154   5.686   1.00 23.56 ? 118 GLU A CB  1 
ATOM   871  C CG  . GLU A 1 118 ? -3.692  3.965   7.032   1.00 28.68 ? 118 GLU A CG  1 
ATOM   872  C CD  . GLU A 1 118 ? -4.610  4.360   8.189   1.00 35.81 ? 118 GLU A CD  1 
ATOM   873  O OE1 . GLU A 1 118 ? -4.717  5.579   8.463   1.00 38.89 ? 118 GLU A OE1 1 
ATOM   874  O OE2 . GLU A 1 118 ? -5.215  3.443   8.805   1.00 36.49 ? 118 GLU A OE2 1 
ATOM   875  N N   . ILE A 1 119 ? -1.817  1.855   4.950   1.00 20.27 ? 119 ILE A N   1 
ATOM   876  C CA  . ILE A 1 119 ? -1.332  0.493   5.062   1.00 20.60 ? 119 ILE A CA  1 
ATOM   877  C C   . ILE A 1 119 ? -0.495  0.344   6.314   1.00 21.21 ? 119 ILE A C   1 
ATOM   878  O O   . ILE A 1 119 ? 0.441   1.118   6.510   1.00 22.06 ? 119 ILE A O   1 
ATOM   879  C CB  . ILE A 1 119 ? -0.431  0.074   3.867   1.00 19.51 ? 119 ILE A CB  1 
ATOM   880  C CG1 . ILE A 1 119 ? -1.185  0.291   2.537   1.00 19.34 ? 119 ILE A CG1 1 
ATOM   881  C CG2 . ILE A 1 119 ? 0.029   -1.417  4.026   1.00 21.96 ? 119 ILE A CG2 1 
ATOM   882  C CD1 . ILE A 1 119 ? -0.299  -0.038  1.260   1.00 18.52 ? 119 ILE A CD1 1 
ATOM   883  N N   . GLU A 1 120 ? -0.816  -0.671  7.097   1.00 23.77 ? 120 GLU A N   1 
ATOM   884  C CA  . GLU A 1 120 ? -0.022  -1.013  8.244   1.00 25.62 ? 120 GLU A CA  1 
ATOM   885  C C   . GLU A 1 120 ? 0.601   -2.361  7.990   1.00 25.59 ? 120 GLU A C   1 
ATOM   886  O O   . GLU A 1 120 ? -0.107  -3.325  7.716   1.00 26.68 ? 120 GLU A O   1 
ATOM   887  C CB  . GLU A 1 120 ? -0.903  -1.004  9.495   1.00 27.09 ? 120 GLU A CB  1 
ATOM   888  C CG  . GLU A 1 120 ? -0.173  -1.410  10.733  1.00 29.56 ? 120 GLU A CG  1 
ATOM   889  C CD  . GLU A 1 120 ? -1.057  -1.444  11.956  1.00 34.86 ? 120 GLU A CD  1 
ATOM   890  O OE1 . GLU A 1 120 ? -2.259  -1.110  11.859  1.00 35.65 ? 120 GLU A OE1 1 
ATOM   891  O OE2 . GLU A 1 120 ? -0.530  -1.800  13.028  1.00 38.26 ? 120 GLU A OE2 1 
ATOM   892  N N   . LEU A 1 121 ? 1.929   -2.434  8.069   1.00 25.95 ? 121 LEU A N   1 
ATOM   893  C CA  . LEU A 1 121 ? 2.604   -3.730  8.032   1.00 26.53 ? 121 LEU A CA  1 
ATOM   894  C C   . LEU A 1 121 ? 2.673   -4.415  9.436   1.00 27.14 ? 121 LEU A C   1 
ATOM   895  O O   . LEU A 1 121 ? 3.418   -3.989  10.312  1.00 27.98 ? 121 LEU A O   1 
ATOM   896  C CB  . LEU A 1 121 ? 3.982   -3.586  7.404   1.00 26.21 ? 121 LEU A CB  1 
ATOM   897  C CG  . LEU A 1 121 ? 4.871   -4.838  7.287   1.00 24.30 ? 121 LEU A CG  1 
ATOM   898  C CD1 . LEU A 1 121 ? 4.130   -6.011  6.583   1.00 23.91 ? 121 LEU A CD1 1 
ATOM   899  C CD2 . LEU A 1 121 ? 6.215   -4.507  6.633   1.00 24.75 ? 121 LEU A CD2 1 
ATOM   900  N N   . ILE A 1 122 ? 1.890   -5.462  9.628   1.00 28.53 ? 122 ILE A N   1 
ATOM   901  C CA  . ILE A 1 122 ? 1.706   -6.091  10.932  1.00 29.58 ? 122 ILE A CA  1 
ATOM   902  C C   . ILE A 1 122 ? 2.819   -7.094  11.219  1.00 31.42 ? 122 ILE A C   1 
ATOM   903  O O   . ILE A 1 122 ? 3.388   -7.123  12.328  1.00 31.72 ? 122 ILE A O   1 
ATOM   904  C CB  . ILE A 1 122 ? 0.337   -6.778  11.018  1.00 30.22 ? 122 ILE A CB  1 
ATOM   905  C CG1 . ILE A 1 122 ? -0.783  -5.751  10.816  1.00 27.92 ? 122 ILE A CG1 1 
ATOM   906  C CG2 . ILE A 1 122 ? 0.169   -7.565  12.347  1.00 28.56 ? 122 ILE A CG2 1 
ATOM   907  C CD1 . ILE A 1 122 ? -2.096  -6.378  10.533  1.00 29.13 ? 122 ILE A CD1 1 
ATOM   908  N N   . SER A 1 123 ? 3.126   -7.931  10.232  1.00 32.40 ? 123 SER A N   1 
ATOM   909  C CA  . SER A 1 123 ? 4.150   -8.959  10.377  1.00 33.67 ? 123 SER A CA  1 
ATOM   910  C C   . SER A 1 123 ? 4.452   -9.491  9.019   1.00 35.26 ? 123 SER A C   1 
ATOM   911  O O   . SER A 1 123 ? 3.737   -9.205  8.068   1.00 34.48 ? 123 SER A O   1 
ATOM   912  C CB  . SER A 1 123 ? 3.681   -10.100 11.295  1.00 33.86 ? 123 SER A CB  1 
ATOM   913  O OG  . SER A 1 123 ? 2.547   -10.798 10.785  1.00 34.76 ? 123 SER A OG  1 
ATOM   914  N N   . PHE A 1 124 ? 5.510   -10.284 8.929   1.00 36.17 ? 124 PHE A N   1 
ATOM   915  C CA  . PHE A 1 124 ? 5.772   -11.090 7.754   1.00 38.23 ? 124 PHE A CA  1 
ATOM   916  C C   . PHE A 1 124 ? 6.437   -12.397 8.178   1.00 40.02 ? 124 PHE A C   1 
ATOM   917  O O   . PHE A 1 124 ? 6.863   -12.548 9.347   1.00 40.32 ? 124 PHE A O   1 
ATOM   918  C CB  . PHE A 1 124 ? 6.623   -10.330 6.713   1.00 37.37 ? 124 PHE A CB  1 
ATOM   919  C CG  . PHE A 1 124 ? 7.910   -9.780  7.251   1.00 39.07 ? 124 PHE A CG  1 
ATOM   920  C CD1 . PHE A 1 124 ? 9.053   -10.576 7.308   1.00 39.20 ? 124 PHE A CD1 1 
ATOM   921  C CD2 . PHE A 1 124 ? 7.984   -8.465  7.682   1.00 36.99 ? 124 PHE A CD2 1 
ATOM   922  C CE1 . PHE A 1 124 ? 10.251  -10.066 7.809   1.00 40.50 ? 124 PHE A CE1 1 
ATOM   923  C CE2 . PHE A 1 124 ? 9.180   -7.940  8.175   1.00 40.27 ? 124 PHE A CE2 1 
ATOM   924  C CZ  . PHE A 1 124 ? 10.311  -8.733  8.240   1.00 39.58 ? 124 PHE A CZ  1 
ATOM   925  N N   . ARG A 1 125 ? 6.511   -13.332 7.236   1.00 41.65 ? 125 ARG A N   1 
ATOM   926  C CA  . ARG A 1 125 ? 7.238   -14.589 7.406   1.00 43.52 ? 125 ARG A CA  1 
ATOM   927  C C   . ARG A 1 125 ? 7.705   -15.060 6.024   1.00 44.45 ? 125 ARG A C   1 
ATOM   928  O O   . ARG A 1 125 ? 7.229   -14.553 4.991   1.00 44.67 ? 125 ARG A O   1 
ATOM   929  C CB  . ARG A 1 125 ? 6.358   -15.641 8.082   1.00 43.68 ? 125 ARG A CB  1 
ATOM   930  C CG  . ARG A 1 125 ? 5.283   -16.220 7.193   1.00 46.04 ? 125 ARG A CG  1 
ATOM   931  C CD  . ARG A 1 125 ? 4.249   -16.989 8.001   1.00 51.28 ? 125 ARG A CD  1 
ATOM   932  N NE  . ARG A 1 125 ? 4.357   -18.443 7.848   1.00 56.24 ? 125 ARG A NE  1 
ATOM   933  C CZ  . ARG A 1 125 ? 3.742   -19.151 6.896   1.00 58.08 ? 125 ARG A CZ  1 
ATOM   934  N NH1 . ARG A 1 125 ? 2.982   -18.540 5.995   1.00 59.58 ? 125 ARG A NH1 1 
ATOM   935  N NH2 . ARG A 1 125 ? 3.885   -20.475 6.836   1.00 59.40 ? 125 ARG A NH2 1 
ATOM   936  N N   . GLU A 1 126 ? 8.644   -16.004 5.987   1.00 45.11 ? 126 GLU A N   1 
ATOM   937  C CA  . GLU A 1 126 ? 9.008   -16.604 4.708   1.00 45.99 ? 126 GLU A CA  1 
ATOM   938  C C   . GLU A 1 126 ? 7.976   -17.656 4.351   1.00 45.59 ? 126 GLU A C   1 
ATOM   939  O O   . GLU A 1 126 ? 7.700   -17.868 3.182   1.00 45.86 ? 126 GLU A O   1 
ATOM   940  C CB  . GLU A 1 126 ? 10.407  -17.221 4.740   1.00 46.88 ? 126 GLU A CB  1 
ATOM   941  C CG  . GLU A 1 126 ? 11.545  -16.204 4.721   1.00 48.91 ? 126 GLU A CG  1 
ATOM   942  C CD  . GLU A 1 126 ? 12.820  -16.735 5.387   1.00 53.31 ? 126 GLU A CD  1 
ATOM   943  O OE1 . GLU A 1 126 ? 13.447  -15.984 6.174   1.00 53.84 ? 126 GLU A OE1 1 
ATOM   944  O OE2 . GLU A 1 126 ? 13.194  -17.903 5.125   1.00 54.00 ? 126 GLU A OE2 1 
HETATM 945  O O1  . D5I B 2 .   ? -4.199  -5.577  -5.933  1.00 43.00 ? 201 D5I A O1  1 
HETATM 946  C C2  . D5I B 2 .   ? -5.203  -6.134  -5.507  1.00 49.02 ? 201 D5I A C2  1 
HETATM 947  C C3  . D5I B 2 .   ? -5.731  -5.702  -4.168  1.00 51.10 ? 201 D5I A C3  1 
HETATM 948  C C4  . D5I B 2 .   ? -6.760  -6.780  -3.740  1.00 52.51 ? 201 D5I A C4  1 
HETATM 949  C C5  . D5I B 2 .   ? -7.423  -6.373  -2.436  1.00 53.15 ? 201 D5I A C5  1 
HETATM 950  C C12 . D5I B 2 .   ? -6.294  -6.249  -1.412  1.00 52.84 ? 201 D5I A C12 1 
HETATM 951  C C10 . D5I B 2 .   ? -5.286  -5.154  -1.802  1.00 53.34 ? 201 D5I A C10 1 
HETATM 952  C C11 . D5I B 2 .   ? -4.624  -5.567  -3.119  1.00 52.01 ? 201 D5I A C11 1 
HETATM 953  C C6  . D5I B 2 .   ? -8.088  -5.001  -2.672  1.00 53.74 ? 201 D5I A C6  1 
HETATM 954  C C7  . D5I B 2 .   ? -7.091  -3.887  -3.041  1.00 51.63 ? 201 D5I A C7  1 
HETATM 955  C C9  . D5I B 2 .   ? -6.013  -3.800  -1.968  1.00 52.59 ? 201 D5I A C9  1 
HETATM 956  C C8  . D5I B 2 .   ? -6.368  -4.303  -4.323  1.00 52.45 ? 201 D5I A C8  1 
HETATM 957  N N13 . D5I B 2 .   ? -5.930  -7.127  -6.086  1.00 47.73 ? 201 D5I A N13 1 
HETATM 958  N N14 . D5I B 2 .   ? -5.797  -7.773  -7.359  1.00 48.02 ? 201 D5I A N14 1 
HETATM 959  C C15 . D5I B 2 .   ? -6.739  -7.334  -8.194  1.00 46.51 ? 201 D5I A C15 1 
HETATM 960  O O16 . D5I B 2 .   ? -7.503  -6.499  -7.766  1.00 44.77 ? 201 D5I A O16 1 
HETATM 961  C C17 . D5I B 2 .   ? -7.003  -7.731  -9.621  1.00 47.95 ? 201 D5I A C17 1 
HETATM 962  C C18 . D5I B 2 .   ? -7.666  -8.921  -9.922  1.00 49.67 ? 201 D5I A C18 1 
HETATM 963  C C19 . D5I B 2 .   ? -7.945  -9.250  -11.251 1.00 49.36 ? 201 D5I A C19 1 
HETATM 964  N N20 . D5I B 2 .   ? -7.593  -8.407  -12.235 1.00 49.36 ? 201 D5I A N20 1 
HETATM 965  C C21 . D5I B 2 .   ? -6.965  -7.243  -11.978 1.00 48.06 ? 201 D5I A C21 1 
HETATM 966  C C22 . D5I B 2 .   ? -6.667  -6.874  -10.670 1.00 48.34 ? 201 D5I A C22 1 
HETATM 967  O O   . HOH C 3 .   ? 2.816   -9.347  -5.018  1.00 21.58 ? 301 HOH A O   1 
HETATM 968  O O   . HOH C 3 .   ? -6.447  3.086   -10.056 1.00 23.37 ? 302 HOH A O   1 
HETATM 969  O O   . HOH C 3 .   ? 1.759   10.199  0.745   1.00 25.96 ? 303 HOH A O   1 
HETATM 970  O O   . HOH C 3 .   ? -6.815  5.865   2.896   1.00 31.00 ? 304 HOH A O   1 
HETATM 971  O O   . HOH C 3 .   ? 9.842   -16.111 1.667   1.00 38.07 ? 305 HOH A O   1 
HETATM 972  O O   . HOH C 3 .   ? 8.953   11.682  -7.955  1.00 32.27 ? 306 HOH A O   1 
HETATM 973  O O   . HOH C 3 .   ? -0.934  -2.198  -11.049 1.00 27.48 ? 307 HOH A O   1 
HETATM 974  O O   . HOH C 3 .   ? -15.390 4.211   -4.084  1.00 44.85 ? 308 HOH A O   1 
HETATM 975  O O   . HOH C 3 .   ? 9.497   2.229   9.189   1.00 35.14 ? 309 HOH A O   1 
HETATM 976  O O   . HOH C 3 .   ? -8.859  -9.169  4.610   1.00 23.09 ? 310 HOH A O   1 
HETATM 977  O O   . HOH C 3 .   ? -8.404  -2.308  12.254  1.00 43.43 ? 311 HOH A O   1 
HETATM 978  O O   . HOH C 3 .   ? 12.420  14.872  8.172   1.00 56.12 ? 312 HOH A O   1 
HETATM 979  O O   . HOH C 3 .   ? -3.405  9.049   -11.972 1.00 29.04 ? 313 HOH A O   1 
HETATM 980  O O   . HOH C 3 .   ? -8.103  3.510   -12.167 1.00 23.61 ? 314 HOH A O   1 
HETATM 981  O O   . HOH C 3 .   ? 7.921   -5.540  -4.140  1.00 29.96 ? 315 HOH A O   1 
HETATM 982  O O   . HOH C 3 .   ? -1.465  -14.918 -1.386  1.00 23.30 ? 316 HOH A O   1 
HETATM 983  O O   . HOH C 3 .   ? -1.470  -16.094 3.536   0.50 37.61 ? 317 HOH A O   1 
HETATM 984  O O   . HOH C 3 .   ? -9.318  9.712   -7.349  1.00 25.12 ? 318 HOH A O   1 
HETATM 985  O O   . HOH C 3 .   ? 1.413   9.690   -6.084  1.00 23.27 ? 319 HOH A O   1 
HETATM 986  O O   . HOH C 3 .   ? 3.582   -13.125 9.481   1.00 35.07 ? 320 HOH A O   1 
HETATM 987  O O   . HOH C 3 .   ? 7.109   4.492   15.919  1.00 34.73 ? 321 HOH A O   1 
HETATM 988  O O   . HOH C 3 .   ? 10.147  0.057   -2.976  1.00 23.78 ? 322 HOH A O   1 
HETATM 989  O O   . HOH C 3 .   ? 6.377   16.512  3.144   1.00 37.49 ? 323 HOH A O   1 
HETATM 990  O O   . HOH C 3 .   ? 11.717  -5.060  0.773   1.00 38.47 ? 324 HOH A O   1 
HETATM 991  O O   . HOH C 3 .   ? -3.449  -1.069  -14.026 1.00 38.83 ? 325 HOH A O   1 
HETATM 992  O O   . HOH C 3 .   ? -7.980  -7.515  12.547  1.00 30.88 ? 326 HOH A O   1 
HETATM 993  O O   . HOH C 3 .   ? -0.401  -14.784 1.003   1.00 39.55 ? 327 HOH A O   1 
HETATM 994  O O   . HOH C 3 .   ? 9.921   8.956   6.004   1.00 35.85 ? 328 HOH A O   1 
HETATM 995  O O   . HOH C 3 .   ? 10.547  11.226  -13.873 1.00 43.92 ? 329 HOH A O   1 
HETATM 996  O O   . HOH C 3 .   ? 6.386   -16.103 -2.682  1.00 31.20 ? 330 HOH A O   1 
HETATM 997  O O   . HOH C 3 .   ? 2.602   -12.991 7.060   1.00 36.57 ? 331 HOH A O   1 
HETATM 998  O O   . HOH C 3 .   ? -3.624  -10.468 -3.615  1.00 31.10 ? 332 HOH A O   1 
HETATM 999  O O   . HOH C 3 .   ? -8.018  10.867  -9.330  1.00 37.24 ? 333 HOH A O   1 
HETATM 1000 O O   . HOH C 3 .   ? 9.750   6.170   -12.034 1.00 40.84 ? 334 HOH A O   1 
HETATM 1001 O O   . HOH C 3 .   ? -10.527 0.269   12.849  1.00 48.94 ? 335 HOH A O   1 
HETATM 1002 O O   . HOH C 3 .   ? 11.951  -0.152  -1.117  1.00 41.67 ? 336 HOH A O   1 
HETATM 1003 O O   . HOH C 3 .   ? -7.052  12.708  -7.724  1.00 36.81 ? 337 HOH A O   1 
HETATM 1004 O O   . HOH C 3 .   ? 3.217   9.143   -11.904 1.00 37.11 ? 338 HOH A O   1 
HETATM 1005 O O   . HOH C 3 .   ? 6.093   -16.920 1.231   1.00 35.34 ? 339 HOH A O   1 
HETATM 1006 O O   . HOH C 3 .   ? -14.461 -4.597  -0.406  1.00 41.38 ? 340 HOH A O   1 
HETATM 1007 O O   . HOH C 3 .   ? 9.956   -7.112  -3.307  1.00 33.66 ? 341 HOH A O   1 
HETATM 1008 O O   . HOH C 3 .   ? -1.055  9.441   0.860   1.00 37.91 ? 342 HOH A O   1 
HETATM 1009 O O   . HOH C 3 .   ? -4.478  -2.189  13.349  1.00 48.19 ? 343 HOH A O   1 
HETATM 1010 O O   . HOH C 3 .   ? 11.144  2.432   -7.491  1.00 37.20 ? 344 HOH A O   1 
HETATM 1011 O O   . HOH C 3 .   ? -13.948 -3.778  3.048   1.00 43.94 ? 345 HOH A O   1 
HETATM 1012 O O   . HOH C 3 .   ? 10.626  4.829   3.187   1.00 34.03 ? 346 HOH A O   1 
HETATM 1013 O O   . HOH C 3 .   ? -4.460  7.093   4.122   1.00 29.93 ? 347 HOH A O   1 
HETATM 1014 O O   . HOH C 3 .   ? -9.809  11.537  -10.988 1.00 43.64 ? 348 HOH A O   1 
HETATM 1015 O O   . HOH C 3 .   ? 13.806  11.022  -13.695 1.00 43.03 ? 349 HOH A O   1 
HETATM 1016 O O   . HOH C 3 .   ? -4.643  7.633   6.549   1.00 36.81 ? 350 HOH A O   1 
HETATM 1017 O O   . HOH C 3 .   ? 14.337  -13.317 -0.414  1.00 50.12 ? 351 HOH A O   1 
HETATM 1018 O O   . HOH C 3 .   ? -14.592 -6.279  2.119   1.00 43.43 ? 352 HOH A O   1 
HETATM 1019 O O   . HOH C 3 .   ? -1.572  11.573  -0.242  1.00 34.01 ? 353 HOH A O   1 
HETATM 1020 O O   . HOH C 3 .   ? 11.308  2.118   -4.128  1.00 34.78 ? 354 HOH A O   1 
HETATM 1021 O O   . HOH C 3 .   ? 9.808   -17.695 8.360   1.00 44.73 ? 355 HOH A O   1 
HETATM 1022 O O   . HOH C 3 .   ? 5.658   -13.328 -10.188 1.00 47.90 ? 356 HOH A O   1 
HETATM 1023 O O   . HOH C 3 .   ? 15.889  9.320   -7.765  1.00 42.67 ? 357 HOH A O   1 
HETATM 1024 O O   . HOH C 3 .   ? -2.018  12.551  -10.380 1.00 41.97 ? 358 HOH A O   1 
HETATM 1025 O O   . HOH C 3 .   ? 3.064   -21.734 10.805  0.50 45.95 ? 359 HOH A O   1 
HETATM 1026 O O   . HOH C 3 .   ? 7.468   9.652   5.973   1.00 43.75 ? 360 HOH A O   1 
HETATM 1027 O O   . HOH C 3 .   ? 0.696   -16.007 8.467   1.00 43.49 ? 361 HOH A O   1 
HETATM 1028 O O   . HOH C 3 .   ? 12.111  0.542   19.053  1.00 53.91 ? 362 HOH A O   1 
HETATM 1029 O O   . HOH C 3 .   ? -7.860  5.742   5.226   1.00 46.99 ? 363 HOH A O   1 
HETATM 1030 O O   . HOH C 3 .   ? 6.307   -6.928  -8.402  1.00 34.31 ? 364 HOH A O   1 
HETATM 1031 O O   . HOH C 3 .   ? 13.574  0.042   16.765  1.00 53.79 ? 365 HOH A O   1 
HETATM 1032 O O   . HOH C 3 .   ? 1.488   8.295   14.423  1.00 43.52 ? 366 HOH A O   1 
HETATM 1033 O O   . HOH C 3 .   ? 7.218   9.742   9.763   1.00 38.65 ? 367 HOH A O   1 
HETATM 1034 O O   . HOH C 3 .   ? 0.328   -18.323 6.424   0.50 34.13 ? 368 HOH A O   1 
HETATM 1035 O O   . HOH C 3 .   ? 11.668  -2.651  3.852   1.00 39.71 ? 369 HOH A O   1 
HETATM 1036 O O   . HOH C 3 .   ? -17.778 3.503   1.494   1.00 49.96 ? 370 HOH A O   1 
HETATM 1037 O O   . HOH C 3 .   ? 7.675   13.636  -9.603  1.00 41.66 ? 371 HOH A O   1 
HETATM 1038 O O   . HOH C 3 .   ? 10.330  -1.947  -5.014  1.00 33.65 ? 372 HOH A O   1 
HETATM 1039 O O   . HOH C 3 .   ? -6.344  -10.116 -4.170  0.50 27.47 ? 373 HOH A O   1 
HETATM 1040 O O   . HOH C 3 .   ? -4.009  13.104  -1.416  1.00 29.41 ? 374 HOH A O   1 
HETATM 1041 O O   . HOH C 3 .   ? 9.447   -15.896 10.061  1.00 47.19 ? 375 HOH A O   1 
HETATM 1042 O O   . HOH C 3 .   ? 2.941   -6.347  -11.277 1.00 39.85 ? 376 HOH A O   1 
HETATM 1043 O O   . HOH C 3 .   ? -0.553  15.121  -9.749  1.00 55.31 ? 377 HOH A O   1 
HETATM 1044 O O   . HOH C 3 .   ? -7.922  5.287   12.907  1.00 52.18 ? 378 HOH A O   1 
HETATM 1045 O O   . HOH C 3 .   ? 5.101   14.970  -2.410  1.00 29.59 ? 379 HOH A O   1 
HETATM 1046 O O   . HOH C 3 .   ? -3.642  -6.711  -9.022  1.00 35.03 ? 380 HOH A O   1 
HETATM 1047 O O   . HOH C 3 .   ? 2.718   -5.809  -8.570  1.00 32.74 ? 381 HOH A O   1 
HETATM 1048 O O   . HOH C 3 .   ? -4.210  1.310   -18.210 1.00 36.48 ? 382 HOH A O   1 
HETATM 1049 O O   . HOH C 3 .   ? -2.519  3.072   -17.003 1.00 39.89 ? 383 HOH A O   1 
HETATM 1050 O O   . HOH C 3 .   ? -5.420  -12.882 -0.380  1.00 30.80 ? 384 HOH A O   1 
HETATM 1051 O O   . HOH C 3 .   ? 2.861   -17.941 2.422   1.00 39.91 ? 385 HOH A O   1 
HETATM 1052 O O   . HOH C 3 .   ? 1.170   12.400  -0.764  1.00 36.50 ? 386 HOH A O   1 
HETATM 1053 O O   . HOH C 3 .   ? 6.790   8.931   -6.654  1.00 36.25 ? 387 HOH A O   1 
HETATM 1054 O O   . HOH C 3 .   ? -5.588  -12.717 8.918   1.00 29.91 ? 388 HOH A O   1 
HETATM 1055 O O   . HOH C 3 .   ? 7.608   -3.834  -8.124  1.00 44.81 ? 389 HOH A O   1 
HETATM 1056 O O   . HOH C 3 .   ? 7.500   6.128   -15.077 1.00 39.31 ? 390 HOH A O   1 
HETATM 1057 O O   . HOH C 3 .   ? 5.678   -10.790 14.165  1.00 49.58 ? 391 HOH A O   1 
HETATM 1058 O O   . HOH C 3 .   ? -0.808  7.228   -14.219 1.00 39.74 ? 392 HOH A O   1 
HETATM 1059 O O   . HOH C 3 .   ? -5.706  10.450  -12.372 1.00 43.13 ? 393 HOH A O   1 
HETATM 1060 O O   . HOH C 3 .   ? 14.105  -2.611  9.497   1.00 45.86 ? 394 HOH A O   1 
HETATM 1061 O O   . HOH C 3 .   ? -13.519 -0.263  9.725   1.00 44.20 ? 395 HOH A O   1 
HETATM 1062 O O   . HOH C 3 .   ? 7.537   -9.932  11.403  1.00 41.20 ? 396 HOH A O   1 
HETATM 1063 O O   . HOH C 3 .   ? -6.957  -0.783  -16.739 1.00 37.81 ? 397 HOH A O   1 
HETATM 1064 O O   . HOH C 3 .   ? 9.967   16.627  -13.068 1.00 51.84 ? 398 HOH A O   1 
HETATM 1065 O O   . HOH C 3 .   ? -16.594 8.310   -5.112  1.00 41.54 ? 399 HOH A O   1 
HETATM 1066 O O   . HOH C 3 .   ? 15.700  4.928   8.233   0.50 41.89 ? 400 HOH A O   1 
HETATM 1067 O O   . HOH C 3 .   ? -14.548 0.609   -13.162 1.00 37.62 ? 401 HOH A O   1 
HETATM 1068 O O   . HOH C 3 .   ? 8.902   2.728   -11.203 1.00 44.39 ? 402 HOH A O   1 
HETATM 1069 O O   . HOH C 3 .   ? 10.620  11.764  9.711   1.00 50.67 ? 403 HOH A O   1 
HETATM 1070 O O   . HOH C 3 .   ? 1.762   13.314  -4.815  1.00 43.96 ? 404 HOH A O   1 
HETATM 1071 O O   . HOH C 3 .   ? -1.407  0.042   -14.675 1.00 44.26 ? 405 HOH A O   1 
HETATM 1072 O O   . HOH C 3 .   ? -6.266  12.401  0.578   1.00 35.86 ? 406 HOH A O   1 
HETATM 1073 O O   . HOH C 3 .   ? 7.154   11.885  -14.531 1.00 46.03 ? 407 HOH A O   1 
HETATM 1074 O O   . HOH C 3 .   ? 11.672  -6.377  -1.335  1.00 44.69 ? 408 HOH A O   1 
HETATM 1075 O O   . HOH C 3 .   ? 5.196   -1.346  -14.380 1.00 46.51 ? 409 HOH A O   1 
HETATM 1076 O O   . HOH C 3 .   ? -15.189 0.801   -23.870 1.00 49.72 ? 410 HOH A O   1 
HETATM 1077 O O   . HOH C 3 .   ? 18.658  -8.489  16.977  1.00 43.63 ? 411 HOH A O   1 
HETATM 1078 O O   . HOH C 3 .   ? -16.499 5.805   2.188   1.00 45.04 ? 412 HOH A O   1 
HETATM 1079 O O   . HOH C 3 .   ? -13.245 -2.320  -4.297  1.00 48.02 ? 413 HOH A O   1 
HETATM 1080 O O   . HOH C 3 .   ? -18.911 9.711   -3.959  1.00 45.16 ? 414 HOH A O   1 
HETATM 1081 O O   . HOH C 3 .   ? 14.169  -10.886 -7.833  1.00 48.04 ? 415 HOH A O   1 
HETATM 1082 O O   . HOH C 3 .   ? -10.635 -7.293  -1.249  1.00 46.12 ? 416 HOH A O   1 
HETATM 1083 O O   . HOH C 3 .   ? 10.722  -20.311 6.344   1.00 51.53 ? 417 HOH A O   1 
HETATM 1084 O O   . HOH C 3 .   ? 4.877   -18.560 3.933   1.00 41.04 ? 418 HOH A O   1 
HETATM 1085 O O   . HOH C 3 .   ? -12.620 8.821   -15.221 1.00 48.50 ? 419 HOH A O   1 
HETATM 1086 O O   . HOH C 3 .   ? 10.191  2.618   6.259   1.00 43.95 ? 420 HOH A O   1 
HETATM 1087 O O   . HOH C 3 .   ? -0.621  5.304   14.881  1.00 55.18 ? 421 HOH A O   1 
HETATM 1088 O O   . HOH C 3 .   ? 3.013   13.186  -7.261  1.00 42.05 ? 422 HOH A O   1 
HETATM 1089 O O   . HOH C 3 .   ? 4.992   14.911  -7.878  1.00 45.89 ? 423 HOH A O   1 
HETATM 1090 O O   . HOH C 3 .   ? -2.643  3.518   -20.229 1.00 43.44 ? 424 HOH A O   1 
HETATM 1091 O O   . HOH C 3 .   ? 5.499   14.545  -10.668 1.00 44.78 ? 425 HOH A O   1 
HETATM 1092 O O   . HOH C 3 .   ? 0.850   -11.014 12.801  1.00 45.08 ? 426 HOH A O   1 
# 
